data_7XPG
#
_entry.id   7XPG
#
_cell.length_a   1.00
_cell.length_b   1.00
_cell.length_c   1.00
_cell.angle_alpha   90.00
_cell.angle_beta   90.00
_cell.angle_gamma   90.00
#
_symmetry.space_group_name_H-M   'P 1'
#
loop_
_entity.id
_entity.type
_entity.pdbx_description
1 polymer 'Capsid protein alpha'
2 polymer "RNA (5'-R(P*UP*G)-3')"
#
loop_
_entity_poly.entity_id
_entity_poly.type
_entity_poly.pdbx_seq_one_letter_code
_entity_poly.pdbx_strand_id
1 'polypeptide(L)'
;MNSICSLYCLFRRVMPYSSEILSSTVYRPPFLATSGLFFTRDHYKFIIMNQQQINPAQRSLRPRAQSAPSRSARRRRNRR
RRNPSTPAGTVALQPSRITRRVVSNLARRPLTITTAGLAWLRQYLNPMGPSTSSVSGFPDGSAVTTCIADYTNTFNISFP
PREAIYCTGSNSDEKPVMLDAATYAKIDAWTKSDITLCILALPMLRNVVMIRLYASTPTAFTLSEGVPNFVQRFPNWSAF
TTEGKVLNNGDSPGYIQSFVYLPNVDKHLSAARGFRLLSRGLTGIYTAPSLETQGFVTACQYLAEGALQTQTVGNDFVQS
VEVNADKTVKNVNGKRLHYSGPPKFVFPLEGDNCAPSSLVETYHQAYQARAVDGFYMPILSSSRDNPFISPKPQPIAVFN
RWYYRGCLDPVPASKVADGPSQYYYDLNVADDVAPLYNTGVVWMEGISSKFSLKLKTRTVIQYIPTSGSVLANFTRHEPT
YDQVALDAADRIRNMMPHAYPAAYNDWGWLGDLLDSTLSMLPGIGTAYRFAKPLIKPAWNWLGGKVSDFFGNPVSRDGDI
YFDAK
;
A,B,C
2 'polyribonucleotide' UG D,E,F
#
# COMPACT_ATOMS: atom_id res chain seq x y z
N SER A 96 -10.64 15.95 -41.77
CA SER A 96 -10.04 14.72 -42.29
C SER A 96 -11.06 13.61 -42.37
N ARG A 97 -12.31 13.98 -42.71
CA ARG A 97 -13.38 12.99 -42.81
C ARG A 97 -13.13 12.00 -43.94
N ILE A 98 -12.62 12.47 -45.08
CA ILE A 98 -12.45 11.60 -46.25
C ILE A 98 -11.50 10.46 -45.93
N THR A 99 -10.56 10.67 -45.01
CA THR A 99 -9.60 9.63 -44.65
C THR A 99 -10.31 8.36 -44.22
N ARG A 100 -11.10 8.43 -43.14
CA ARG A 100 -11.82 7.24 -42.71
C ARG A 100 -13.12 7.02 -43.47
N ARG A 101 -13.50 7.94 -44.36
CA ARG A 101 -14.54 7.59 -45.34
C ARG A 101 -14.03 6.56 -46.34
N VAL A 102 -12.78 6.69 -46.78
CA VAL A 102 -12.27 5.84 -47.85
C VAL A 102 -11.52 4.60 -47.35
N VAL A 103 -11.01 4.63 -46.11
CA VAL A 103 -10.24 3.50 -45.59
C VAL A 103 -11.09 2.60 -44.69
N SER A 104 -12.39 2.86 -44.59
CA SER A 104 -13.26 2.06 -43.74
C SER A 104 -13.69 0.75 -44.39
N ASN A 105 -13.36 0.53 -45.66
CA ASN A 105 -13.78 -0.65 -46.40
C ASN A 105 -12.68 -1.68 -46.58
N LEU A 106 -11.56 -1.55 -45.85
CA LEU A 106 -10.44 -2.46 -46.01
C LEU A 106 -10.22 -3.39 -44.83
N ALA A 107 -10.84 -3.13 -43.68
CA ALA A 107 -10.64 -3.99 -42.51
C ALA A 107 -11.81 -3.81 -41.55
N ARG A 108 -11.93 -4.74 -40.62
CA ARG A 108 -13.01 -4.79 -39.64
C ARG A 108 -12.46 -4.54 -38.24
N ARG A 109 -13.32 -4.67 -37.25
CA ARG A 109 -12.99 -4.31 -35.87
C ARG A 109 -13.45 -5.39 -34.90
N PRO A 110 -12.55 -6.02 -34.15
CA PRO A 110 -12.95 -6.91 -33.05
C PRO A 110 -13.43 -6.12 -31.84
N LEU A 111 -13.62 -6.79 -30.71
CA LEU A 111 -14.02 -6.15 -29.47
C LEU A 111 -13.17 -4.92 -29.17
N THR A 112 -13.81 -3.76 -29.13
CA THR A 112 -13.14 -2.50 -28.83
C THR A 112 -13.91 -1.71 -27.78
N ILE A 113 -13.54 -0.44 -27.60
CA ILE A 113 -14.14 0.37 -26.55
C ILE A 113 -15.61 0.63 -26.85
N THR A 114 -16.37 0.85 -25.78
CA THR A 114 -17.75 1.30 -25.90
C THR A 114 -17.77 2.81 -26.06
N THR A 115 -18.99 3.38 -26.11
CA THR A 115 -19.11 4.83 -26.15
C THR A 115 -18.84 5.45 -24.79
N ALA A 116 -19.19 4.75 -23.71
CA ALA A 116 -19.00 5.31 -22.37
C ALA A 116 -17.52 5.35 -21.98
N GLY A 117 -16.78 4.27 -22.23
CA GLY A 117 -15.35 4.28 -21.97
C GLY A 117 -14.65 5.33 -22.81
N LEU A 118 -15.09 5.50 -24.06
CA LEU A 118 -14.60 6.58 -24.89
C LEU A 118 -14.87 7.94 -24.27
N ALA A 119 -16.10 8.16 -23.78
CA ALA A 119 -16.44 9.45 -23.18
C ALA A 119 -15.59 9.72 -21.95
N TRP A 120 -15.41 8.71 -21.11
CA TRP A 120 -14.56 8.89 -19.94
C TRP A 120 -13.13 9.18 -20.32
N LEU A 121 -12.59 8.44 -21.30
CA LEU A 121 -11.20 8.66 -21.67
C LEU A 121 -11.01 10.04 -22.27
N ARG A 122 -12.03 10.56 -22.95
CA ARG A 122 -11.87 11.90 -23.53
C ARG A 122 -12.15 13.00 -22.52
N GLN A 123 -12.86 12.69 -21.43
CA GLN A 123 -12.88 13.67 -20.36
C GLN A 123 -11.66 13.56 -19.46
N TYR A 124 -10.90 12.47 -19.55
CA TYR A 124 -9.73 12.26 -18.71
C TYR A 124 -8.44 12.77 -19.37
N LEU A 125 -8.24 12.48 -20.66
CA LEU A 125 -7.06 12.99 -21.35
C LEU A 125 -7.16 14.48 -21.59
N ASN A 126 -8.35 14.95 -21.99
CA ASN A 126 -8.56 16.36 -22.35
C ASN A 126 -9.74 16.85 -21.53
N PRO A 127 -9.54 17.15 -20.25
CA PRO A 127 -10.67 17.52 -19.39
C PRO A 127 -11.37 18.80 -19.81
N MET A 128 -10.67 19.74 -20.45
CA MET A 128 -11.24 21.05 -20.71
C MET A 128 -11.38 21.31 -22.21
N GLY A 129 -11.62 20.27 -22.99
CA GLY A 129 -11.85 20.44 -24.41
C GLY A 129 -13.32 20.51 -24.73
N PRO A 130 -13.75 19.80 -25.77
CA PRO A 130 -15.18 19.73 -26.09
C PRO A 130 -15.95 18.78 -25.19
N SER A 131 -15.26 18.04 -24.32
CA SER A 131 -15.92 17.09 -23.43
C SER A 131 -16.68 17.75 -22.30
N THR A 132 -16.78 19.09 -22.29
CA THR A 132 -17.58 19.78 -21.29
C THR A 132 -19.07 19.57 -21.48
N SER A 133 -19.48 19.05 -22.64
CA SER A 133 -20.91 18.85 -22.90
C SER A 133 -21.51 17.84 -21.94
N SER A 134 -20.80 16.74 -21.69
CA SER A 134 -21.32 15.68 -20.83
C SER A 134 -20.19 15.09 -20.00
N VAL A 135 -20.55 14.49 -18.87
CA VAL A 135 -19.61 13.87 -17.96
C VAL A 135 -19.96 12.40 -17.80
N SER A 136 -18.94 11.56 -17.68
CA SER A 136 -19.14 10.13 -17.52
C SER A 136 -18.21 9.62 -16.43
N GLY A 137 -18.63 8.54 -15.78
CA GLY A 137 -17.89 8.00 -14.65
C GLY A 137 -16.77 7.07 -15.06
N PHE A 138 -16.03 6.63 -14.04
CA PHE A 138 -14.95 5.69 -14.27
C PHE A 138 -15.51 4.35 -14.74
N PRO A 139 -15.03 3.82 -15.85
CA PRO A 139 -15.59 2.56 -16.38
C PRO A 139 -15.03 1.33 -15.66
N ASP A 140 -15.60 1.05 -14.49
CA ASP A 140 -15.23 -0.14 -13.73
C ASP A 140 -16.44 -0.96 -13.26
N GLY A 141 -17.65 -0.58 -13.63
CA GLY A 141 -18.83 -1.32 -13.22
C GLY A 141 -19.02 -1.36 -11.72
N SER A 142 -18.91 -0.21 -11.07
CA SER A 142 -18.97 -0.18 -9.61
C SER A 142 -20.30 -0.68 -9.07
N ALA A 143 -21.37 -0.59 -9.87
CA ALA A 143 -22.70 -1.08 -9.48
C ALA A 143 -23.14 -0.47 -8.15
N VAL A 144 -22.87 0.83 -7.99
CA VAL A 144 -23.22 1.55 -6.77
C VAL A 144 -23.75 2.92 -7.18
N THR A 145 -24.68 3.45 -6.40
CA THR A 145 -25.20 4.78 -6.64
C THR A 145 -24.07 5.81 -6.55
N THR A 146 -23.84 6.52 -7.64
CA THR A 146 -22.82 7.55 -7.70
C THR A 146 -23.40 8.82 -8.30
N CYS A 147 -22.78 9.95 -7.96
CA CYS A 147 -23.12 11.21 -8.58
C CYS A 147 -21.82 11.88 -9.02
N ILE A 148 -21.78 12.35 -10.25
CA ILE A 148 -20.57 12.93 -10.83
C ILE A 148 -20.74 14.43 -10.85
N ALA A 149 -19.80 15.14 -10.22
CA ALA A 149 -19.85 16.59 -10.12
C ALA A 149 -18.61 17.18 -10.75
N ASP A 150 -18.80 18.18 -11.60
CA ASP A 150 -17.70 18.93 -12.19
C ASP A 150 -17.68 20.35 -11.65
N TYR A 151 -16.48 20.84 -11.38
CA TYR A 151 -16.26 22.17 -10.83
C TYR A 151 -15.39 22.94 -11.81
N THR A 152 -15.91 24.06 -12.29
CA THR A 152 -15.15 24.97 -13.14
C THR A 152 -14.99 26.29 -12.39
N ASN A 153 -13.75 26.71 -12.21
CA ASN A 153 -13.46 27.90 -11.43
C ASN A 153 -12.50 28.79 -12.21
N THR A 154 -12.65 30.10 -12.02
CA THR A 154 -11.83 31.09 -12.69
C THR A 154 -11.31 32.09 -11.68
N PHE A 155 -10.06 32.48 -11.85
CA PHE A 155 -9.39 33.40 -10.95
C PHE A 155 -8.53 34.35 -11.76
N ASN A 156 -8.34 35.56 -11.24
CA ASN A 156 -7.59 36.60 -11.93
C ASN A 156 -6.35 36.89 -11.08
N ILE A 157 -5.30 36.10 -11.30
CA ILE A 157 -4.07 36.31 -10.54
C ILE A 157 -3.42 37.59 -11.03
N SER A 158 -3.07 38.48 -10.10
CA SER A 158 -2.40 39.72 -10.41
C SER A 158 -1.50 40.07 -9.25
N PHE A 159 -0.70 41.11 -9.43
CA PHE A 159 0.14 41.55 -8.33
C PHE A 159 -0.76 42.15 -7.26
N PRO A 160 -0.91 41.50 -6.10
CA PRO A 160 -1.94 41.92 -5.16
C PRO A 160 -1.60 43.27 -4.55
N PRO A 161 -2.61 44.06 -4.19
CA PRO A 161 -2.35 45.30 -3.46
C PRO A 161 -1.93 45.02 -2.03
N ARG A 162 -1.76 46.08 -1.23
CA ARG A 162 -1.21 45.91 0.11
C ARG A 162 -2.15 45.09 1.00
N GLU A 163 -3.46 45.33 0.91
CA GLU A 163 -4.41 44.72 1.83
C GLU A 163 -4.57 43.23 1.62
N ALA A 164 -4.03 42.66 0.55
CA ALA A 164 -4.17 41.24 0.29
C ALA A 164 -3.02 40.41 0.85
N ILE A 165 -2.07 41.02 1.53
CA ILE A 165 -0.91 40.31 2.04
C ILE A 165 -1.07 40.15 3.55
N TYR A 166 -0.42 39.13 4.09
CA TYR A 166 -0.55 38.82 5.52
C TYR A 166 0.75 38.26 6.05
N CYS A 167 1.17 38.75 7.21
CA CYS A 167 2.33 38.19 7.89
C CYS A 167 2.02 36.78 8.38
N THR A 168 3.04 35.92 8.39
CA THR A 168 2.88 34.54 8.81
C THR A 168 3.70 34.19 10.04
N GLY A 169 4.40 35.16 10.62
CA GLY A 169 5.26 34.93 11.76
C GLY A 169 4.53 34.96 13.07
N SER A 170 5.27 35.26 14.14
CA SER A 170 4.69 35.24 15.48
C SER A 170 3.68 36.37 15.68
N ASN A 171 3.91 37.53 15.05
CA ASN A 171 3.03 38.67 15.28
C ASN A 171 1.64 38.48 14.69
N SER A 172 1.39 37.37 14.01
CA SER A 172 0.09 37.07 13.41
C SER A 172 -0.41 35.70 13.85
N ASP A 173 -0.35 35.41 15.14
CA ASP A 173 -0.70 34.08 15.63
C ASP A 173 -2.09 34.01 16.27
N GLU A 174 -2.70 35.13 16.64
CA GLU A 174 -4.10 35.05 17.07
C GLU A 174 -5.06 35.46 15.95
N LYS A 175 -4.60 36.28 15.02
CA LYS A 175 -5.38 36.65 13.85
C LYS A 175 -4.43 37.13 12.75
N PRO A 176 -4.80 36.97 11.49
CA PRO A 176 -3.92 37.47 10.42
C PRO A 176 -3.76 38.98 10.50
N VAL A 177 -2.58 39.44 10.09
CA VAL A 177 -2.21 40.84 10.21
C VAL A 177 -1.85 41.39 8.84
N MET A 178 -2.33 42.60 8.56
CA MET A 178 -1.92 43.31 7.35
C MET A 178 -0.40 43.35 7.24
N LEU A 179 0.10 43.38 6.01
CA LEU A 179 1.50 43.65 5.79
C LEU A 179 1.76 45.13 5.98
N ASP A 180 2.76 45.46 6.79
CA ASP A 180 3.05 46.86 7.08
C ASP A 180 3.47 47.59 5.81
N ALA A 181 3.18 48.89 5.77
CA ALA A 181 3.54 49.69 4.60
C ALA A 181 5.04 49.69 4.39
N ALA A 182 5.82 49.77 5.48
CA ALA A 182 7.27 49.72 5.35
C ALA A 182 7.72 48.39 4.75
N THR A 183 7.16 47.29 5.24
CA THR A 183 7.48 45.99 4.66
C THR A 183 6.96 45.88 3.24
N TYR A 184 5.76 46.39 2.98
CA TYR A 184 5.20 46.32 1.63
C TYR A 184 5.99 47.16 0.64
N ALA A 185 6.79 48.13 1.10
CA ALA A 185 7.64 48.86 0.18
C ALA A 185 8.64 47.93 -0.50
N LYS A 186 9.18 46.97 0.25
CA LYS A 186 10.11 46.01 -0.33
C LYS A 186 9.43 45.15 -1.38
N ILE A 187 8.18 44.75 -1.13
CA ILE A 187 7.42 43.98 -2.13
C ILE A 187 7.17 44.84 -3.36
N ASP A 188 6.76 46.09 -3.15
CA ASP A 188 6.51 47.01 -4.25
C ASP A 188 7.77 47.26 -5.06
N ALA A 189 8.94 47.10 -4.46
CA ALA A 189 10.18 47.23 -5.21
C ALA A 189 10.28 46.20 -6.34
N TRP A 190 9.55 45.08 -6.24
CA TRP A 190 9.54 44.11 -7.32
C TRP A 190 8.82 44.61 -8.56
N THR A 191 8.06 45.70 -8.45
CA THR A 191 7.29 46.19 -9.59
C THR A 191 8.21 46.70 -10.69
N LYS A 192 9.36 47.26 -10.34
CA LYS A 192 10.24 47.84 -11.35
C LYS A 192 10.73 46.79 -12.33
N SER A 193 11.10 45.60 -11.82
CA SER A 193 11.63 44.55 -12.66
C SER A 193 10.56 43.49 -12.93
N ASP A 194 10.97 42.40 -13.56
CA ASP A 194 10.08 41.29 -13.80
C ASP A 194 10.03 40.38 -12.58
N ILE A 195 9.21 39.35 -12.64
CA ILE A 195 8.94 38.47 -11.51
C ILE A 195 8.87 37.03 -12.00
N THR A 196 8.63 36.12 -11.07
CA THR A 196 8.49 34.70 -11.38
C THR A 196 7.26 34.17 -10.67
N LEU A 197 6.38 33.51 -11.44
CA LEU A 197 5.17 32.91 -10.91
C LEU A 197 5.34 31.41 -10.88
N CYS A 198 5.10 30.81 -9.71
CA CYS A 198 5.15 29.36 -9.55
C CYS A 198 3.77 28.86 -9.18
N ILE A 199 3.30 27.83 -9.88
CA ILE A 199 2.00 27.22 -9.62
C ILE A 199 2.24 25.75 -9.40
N LEU A 200 2.04 25.29 -8.18
CA LEU A 200 2.25 23.89 -7.85
C LEU A 200 0.91 23.26 -7.48
N ALA A 201 0.52 22.23 -8.22
CA ALA A 201 -0.76 21.58 -8.05
C ALA A 201 -0.52 20.18 -7.52
N LEU A 202 -0.62 20.03 -6.20
CA LEU A 202 -0.62 18.71 -5.60
C LEU A 202 -1.98 18.05 -5.83
N PRO A 203 -2.04 16.73 -5.75
CA PRO A 203 -3.34 16.06 -5.88
C PRO A 203 -4.21 16.25 -4.65
N MET A 204 -4.43 17.50 -4.27
CA MET A 204 -5.35 17.87 -3.21
C MET A 204 -6.63 18.39 -3.85
N LEU A 205 -7.77 18.12 -3.21
CA LEU A 205 -9.05 18.46 -3.83
C LEU A 205 -9.56 19.83 -3.39
N ARG A 206 -9.61 20.09 -2.08
CA ARG A 206 -10.11 21.38 -1.62
C ARG A 206 -9.18 22.51 -2.06
N ASN A 207 -7.89 22.38 -1.80
CA ASN A 207 -6.90 23.37 -2.22
C ASN A 207 -6.31 22.88 -3.54
N VAL A 208 -6.83 23.41 -4.65
CA VAL A 208 -6.52 22.82 -5.95
C VAL A 208 -5.08 23.13 -6.35
N VAL A 209 -4.61 24.36 -6.15
CA VAL A 209 -3.26 24.75 -6.52
C VAL A 209 -2.69 25.68 -5.44
N MET A 210 -1.38 25.87 -5.50
CA MET A 210 -0.67 26.74 -4.59
C MET A 210 0.20 27.69 -5.39
N ILE A 211 0.05 28.98 -5.16
CA ILE A 211 0.61 30.03 -6.00
C ILE A 211 1.75 30.70 -5.23
N ARG A 212 2.81 31.06 -5.95
CA ARG A 212 3.94 31.77 -5.36
C ARG A 212 4.44 32.82 -6.33
N LEU A 213 4.94 33.92 -5.76
CA LEU A 213 5.46 35.05 -6.54
C LEU A 213 6.84 35.41 -6.01
N TYR A 214 7.87 35.12 -6.78
CA TYR A 214 9.24 35.47 -6.43
C TYR A 214 9.68 36.71 -7.20
N ALA A 215 10.54 37.50 -6.56
CA ALA A 215 11.14 38.64 -7.26
C ALA A 215 12.03 38.18 -8.40
N SER A 216 12.62 37.00 -8.28
CA SER A 216 13.42 36.41 -9.34
C SER A 216 13.38 34.90 -9.16
N THR A 217 13.70 34.18 -10.22
CA THR A 217 13.58 32.73 -10.20
C THR A 217 14.41 32.15 -9.07
N PRO A 218 13.83 31.37 -8.18
CA PRO A 218 14.59 30.83 -7.05
C PRO A 218 15.45 29.65 -7.47
N THR A 219 16.52 29.43 -6.69
CA THR A 219 17.36 28.28 -6.93
C THR A 219 16.61 26.98 -6.68
N ALA A 220 15.78 26.95 -5.64
CA ALA A 220 15.03 25.75 -5.27
C ALA A 220 13.67 26.16 -4.72
N PHE A 221 12.76 25.19 -4.72
CA PHE A 221 11.41 25.39 -4.18
C PHE A 221 11.48 25.13 -2.68
N THR A 222 11.71 26.18 -1.91
CA THR A 222 11.95 26.05 -0.48
C THR A 222 10.63 26.06 0.30
N LEU A 223 10.76 25.90 1.61
CA LEU A 223 9.62 25.94 2.52
C LEU A 223 10.11 26.45 3.87
N SER A 224 9.16 26.80 4.73
CA SER A 224 9.49 27.31 6.06
C SER A 224 9.69 26.16 7.03
N GLU A 225 10.71 26.27 7.89
CA GLU A 225 10.92 25.26 8.92
C GLU A 225 9.73 25.21 9.86
N GLY A 226 9.45 26.32 10.54
CA GLY A 226 8.31 26.36 11.43
C GLY A 226 7.02 26.45 10.63
N VAL A 227 5.97 25.85 11.16
CA VAL A 227 4.66 25.90 10.50
C VAL A 227 4.16 27.35 10.49
N PRO A 228 3.68 27.85 9.36
CA PRO A 228 3.26 29.26 9.30
C PRO A 228 1.92 29.48 9.98
N ASN A 229 1.58 30.75 10.14
CA ASN A 229 0.36 31.18 10.81
C ASN A 229 -0.66 31.65 9.78
N PHE A 230 -1.84 31.02 9.78
CA PHE A 230 -2.96 31.45 8.95
C PHE A 230 -2.58 31.51 7.47
N VAL A 231 -2.30 30.33 6.91
CA VAL A 231 -2.03 30.24 5.49
C VAL A 231 -3.25 30.73 4.73
N GLN A 232 -3.10 31.85 4.03
CA GLN A 232 -4.24 32.50 3.42
C GLN A 232 -4.64 31.80 2.12
N ARG A 233 -5.88 32.03 1.72
CA ARG A 233 -6.42 31.53 0.46
C ARG A 233 -6.70 32.70 -0.46
N PHE A 234 -6.73 32.42 -1.75
CA PHE A 234 -6.95 33.46 -2.74
C PHE A 234 -8.29 34.14 -2.46
N PRO A 235 -8.38 35.48 -2.58
CA PRO A 235 -7.36 36.40 -3.07
C PRO A 235 -6.37 36.91 -2.03
N ASN A 236 -6.39 36.33 -0.83
CA ASN A 236 -5.46 36.76 0.21
C ASN A 236 -4.17 35.96 0.12
N TRP A 237 -3.05 36.66 0.22
CA TRP A 237 -1.73 36.04 0.14
C TRP A 237 -1.10 35.99 1.53
N SER A 238 0.14 35.49 1.58
CA SER A 238 0.84 35.34 2.85
C SER A 238 2.33 35.37 2.57
N ALA A 239 3.00 36.42 3.03
CA ALA A 239 4.39 36.66 2.68
C ALA A 239 5.33 35.72 3.42
N PHE A 240 6.58 35.69 2.95
CA PHE A 240 7.64 34.91 3.57
C PHE A 240 8.93 35.66 3.41
N THR A 241 9.93 35.31 4.21
CA THR A 241 11.20 36.01 4.19
C THR A 241 11.95 35.71 2.89
N THR A 242 13.15 36.28 2.76
CA THR A 242 13.97 36.04 1.58
C THR A 242 14.29 34.56 1.44
N GLU A 243 14.75 33.94 2.51
CA GLU A 243 14.84 32.49 2.58
C GLU A 243 13.50 31.94 3.09
N GLY A 244 13.39 30.63 3.12
CA GLY A 244 12.15 30.02 3.53
C GLY A 244 11.92 30.08 5.02
N LYS A 245 11.59 31.27 5.53
CA LYS A 245 11.21 31.42 6.93
C LYS A 245 9.97 32.30 7.01
N VAL A 246 9.16 32.08 8.04
CA VAL A 246 7.98 32.90 8.24
C VAL A 246 8.39 34.35 8.47
N LEU A 247 7.50 35.27 8.14
CA LEU A 247 7.82 36.69 8.09
C LEU A 247 7.01 37.46 9.13
N ASN A 248 7.69 38.32 9.86
CA ASN A 248 7.06 39.35 10.68
C ASN A 248 7.22 40.70 10.00
N ASN A 249 6.45 41.68 10.46
CA ASN A 249 6.54 43.02 9.90
C ASN A 249 7.94 43.59 10.10
N GLY A 250 8.51 44.14 9.04
CA GLY A 250 9.84 44.70 9.06
C GLY A 250 10.90 43.81 8.46
N ASP A 251 10.65 42.50 8.34
CA ASP A 251 11.62 41.61 7.75
C ASP A 251 11.65 41.76 6.23
N SER A 252 12.69 41.23 5.62
CA SER A 252 12.84 41.30 4.18
C SER A 252 12.03 40.18 3.52
N PRO A 253 11.10 40.51 2.62
CA PRO A 253 10.28 39.47 1.99
C PRO A 253 10.91 38.92 0.72
N GLY A 254 10.78 37.61 0.54
CA GLY A 254 11.32 36.93 -0.62
C GLY A 254 10.27 36.43 -1.58
N TYR A 255 9.13 35.98 -1.06
CA TYR A 255 8.05 35.53 -1.93
C TYR A 255 6.75 35.51 -1.14
N ILE A 256 5.64 35.63 -1.86
CA ILE A 256 4.31 35.56 -1.28
C ILE A 256 3.63 34.30 -1.80
N GLN A 257 2.60 33.87 -1.07
CA GLN A 257 1.98 32.58 -1.33
C GLN A 257 0.49 32.66 -1.05
N SER A 258 -0.30 31.92 -1.83
CA SER A 258 -1.73 31.85 -1.61
C SER A 258 -2.26 30.56 -2.25
N PHE A 259 -3.01 29.78 -1.48
CA PHE A 259 -3.67 28.62 -2.03
C PHE A 259 -4.90 29.05 -2.81
N VAL A 260 -5.57 28.08 -3.42
CA VAL A 260 -6.79 28.33 -4.18
C VAL A 260 -7.83 27.32 -3.69
N TYR A 261 -8.82 27.80 -2.94
CA TYR A 261 -9.74 26.96 -2.21
C TYR A 261 -11.07 26.88 -2.93
N LEU A 262 -11.59 25.66 -3.10
CA LEU A 262 -12.89 25.46 -3.70
C LEU A 262 -13.88 25.11 -2.60
N PRO A 263 -14.82 26.00 -2.24
CA PRO A 263 -15.71 25.69 -1.11
C PRO A 263 -16.76 24.64 -1.45
N ASN A 264 -17.25 24.62 -2.70
CA ASN A 264 -18.24 23.63 -3.06
C ASN A 264 -17.70 22.22 -2.94
N VAL A 265 -16.42 22.03 -3.28
CA VAL A 265 -15.80 20.73 -3.12
C VAL A 265 -15.80 20.32 -1.66
N ASP A 266 -15.53 21.27 -0.76
CA ASP A 266 -15.56 20.97 0.67
C ASP A 266 -16.96 20.57 1.11
N LYS A 267 -17.96 21.34 0.68
CA LYS A 267 -19.33 21.04 1.08
C LYS A 267 -19.75 19.66 0.60
N HIS A 268 -19.40 19.31 -0.64
CA HIS A 268 -19.78 18.00 -1.17
C HIS A 268 -19.00 16.88 -0.50
N LEU A 269 -17.71 17.08 -0.26
CA LEU A 269 -16.90 16.05 0.35
C LEU A 269 -17.31 15.79 1.79
N SER A 270 -17.89 16.78 2.46
CA SER A 270 -18.38 16.55 3.81
C SER A 270 -19.58 15.62 3.85
N ALA A 271 -20.18 15.29 2.70
CA ALA A 271 -21.43 14.53 2.67
C ALA A 271 -21.36 13.42 1.62
N ALA A 272 -20.27 12.64 1.63
CA ALA A 272 -20.14 11.52 0.71
C ALA A 272 -19.40 10.39 1.40
N ARG A 273 -19.86 9.16 1.16
CA ARG A 273 -19.20 8.00 1.75
C ARG A 273 -17.80 7.82 1.18
N GLY A 274 -17.65 8.05 -0.12
CA GLY A 274 -16.36 7.91 -0.79
C GLY A 274 -16.33 8.81 -2.01
N PHE A 275 -15.17 8.84 -2.65
CA PHE A 275 -14.98 9.68 -3.83
C PHE A 275 -13.80 9.14 -4.62
N ARG A 276 -13.66 9.65 -5.84
CA ARG A 276 -12.48 9.41 -6.64
C ARG A 276 -12.36 10.51 -7.68
N LEU A 277 -11.18 11.08 -7.80
CA LEU A 277 -10.97 12.19 -8.73
C LEU A 277 -10.96 11.65 -10.14
N LEU A 278 -12.02 11.92 -10.89
CA LEU A 278 -12.11 11.42 -12.27
C LEU A 278 -11.13 12.17 -13.17
N SER A 279 -11.09 13.49 -13.08
CA SER A 279 -10.17 14.22 -13.94
C SER A 279 -9.89 15.59 -13.36
N ARG A 280 -8.82 16.21 -13.84
CA ARG A 280 -8.43 17.54 -13.36
C ARG A 280 -7.64 18.24 -14.46
N GLY A 281 -7.93 19.52 -14.65
CA GLY A 281 -7.24 20.29 -15.67
C GLY A 281 -7.09 21.75 -15.30
N LEU A 282 -5.88 22.27 -15.50
CA LEU A 282 -5.55 23.67 -15.25
C LEU A 282 -5.35 24.37 -16.58
N THR A 283 -5.63 25.67 -16.61
CA THR A 283 -5.42 26.44 -17.83
C THR A 283 -5.12 27.88 -17.45
N GLY A 284 -3.95 28.37 -17.84
CA GLY A 284 -3.61 29.74 -17.59
C GLY A 284 -3.46 30.54 -18.86
N ILE A 285 -4.31 31.54 -19.05
CA ILE A 285 -4.19 32.48 -20.15
C ILE A 285 -3.49 33.71 -19.60
N TYR A 286 -2.22 33.87 -19.95
CA TYR A 286 -1.45 35.01 -19.51
C TYR A 286 -1.75 36.20 -20.41
N THR A 287 -1.81 37.38 -19.82
CA THR A 287 -1.91 38.59 -20.64
C THR A 287 -1.36 39.77 -19.86
N ALA A 288 -0.55 40.57 -20.53
CA ALA A 288 0.13 41.72 -19.99
C ALA A 288 -0.07 42.88 -20.96
N PRO A 289 0.15 44.11 -20.53
CA PRO A 289 -0.06 45.24 -21.44
C PRO A 289 0.77 45.09 -22.71
N SER A 290 0.18 45.47 -23.84
CA SER A 290 0.81 45.27 -25.12
C SER A 290 2.15 46.00 -25.18
N LEU A 291 3.11 45.38 -25.86
CA LEU A 291 4.53 45.74 -25.97
C LEU A 291 5.33 45.27 -24.77
N GLU A 292 4.72 44.60 -23.80
CA GLU A 292 5.44 43.94 -22.71
C GLU A 292 4.96 42.49 -22.67
N THR A 293 5.60 41.65 -23.47
CA THR A 293 5.19 40.26 -23.65
C THR A 293 6.30 39.28 -23.30
N GLN A 294 7.33 39.70 -22.59
CA GLN A 294 8.41 38.80 -22.26
C GLN A 294 7.97 37.78 -21.22
N GLY A 295 8.71 36.68 -21.14
CA GLY A 295 8.45 35.66 -20.15
C GLY A 295 8.52 34.27 -20.78
N PHE A 296 8.94 33.30 -19.98
CA PHE A 296 9.02 31.93 -20.43
C PHE A 296 8.27 31.04 -19.46
N VAL A 297 7.42 30.17 -20.01
CA VAL A 297 6.62 29.25 -19.22
C VAL A 297 7.14 27.84 -19.46
N THR A 298 7.34 27.10 -18.37
CA THR A 298 7.71 25.70 -18.43
C THR A 298 6.85 24.92 -17.45
N ALA A 299 6.20 23.88 -17.94
CA ALA A 299 5.23 23.14 -17.16
C ALA A 299 5.56 21.66 -17.24
N CYS A 300 5.41 20.96 -16.12
CA CYS A 300 5.68 19.54 -16.09
C CYS A 300 4.96 18.92 -14.92
N GLN A 301 4.57 17.66 -15.08
CA GLN A 301 3.90 16.91 -14.02
C GLN A 301 4.63 15.60 -13.80
N TYR A 302 4.63 15.15 -12.56
CA TYR A 302 5.33 13.93 -12.21
C TYR A 302 4.71 13.34 -10.96
N LEU A 303 4.73 12.02 -10.87
CA LEU A 303 4.16 11.35 -9.71
C LEU A 303 5.01 11.61 -8.47
N ALA A 304 4.38 12.13 -7.43
CA ALA A 304 5.00 12.32 -6.12
C ALA A 304 4.08 11.63 -5.12
N GLU A 305 4.31 10.34 -4.92
CA GLU A 305 3.37 9.48 -4.19
C GLU A 305 3.58 9.67 -2.70
N GLY A 306 2.79 10.56 -2.10
CA GLY A 306 2.80 10.73 -0.67
C GLY A 306 2.06 9.64 0.05
N ALA A 307 2.26 9.59 1.36
CA ALA A 307 1.61 8.57 2.18
C ALA A 307 1.53 9.07 3.62
N LEU A 308 0.72 8.39 4.41
CA LEU A 308 0.59 8.75 5.82
C LEU A 308 1.81 8.27 6.58
N GLN A 309 2.59 9.20 7.11
CA GLN A 309 3.78 8.88 7.90
C GLN A 309 3.82 9.79 9.10
N THR A 310 4.71 9.46 10.03
CA THR A 310 4.94 10.23 11.24
C THR A 310 6.41 10.60 11.33
N GLN A 311 6.69 11.66 12.09
CA GLN A 311 8.04 12.16 12.25
C GLN A 311 8.54 11.84 13.65
N THR A 312 9.77 11.33 13.74
CA THR A 312 10.37 11.04 15.03
C THR A 312 10.61 12.34 15.78
N VAL A 313 10.22 12.38 17.05
CA VAL A 313 10.37 13.57 17.88
C VAL A 313 10.97 13.16 19.22
N GLY A 314 12.01 13.86 19.63
CA GLY A 314 12.59 13.68 20.95
C GLY A 314 12.43 14.94 21.77
N ASN A 315 12.03 14.78 23.03
CA ASN A 315 11.71 15.94 23.87
C ASN A 315 12.34 15.92 25.26
N ASP A 316 12.76 14.76 25.77
CA ASP A 316 13.43 14.67 27.08
C ASP A 316 12.53 15.22 28.19
N PHE A 317 11.41 14.53 28.40
CA PHE A 317 10.47 14.93 29.45
C PHE A 317 10.65 14.06 30.68
N VAL A 318 10.42 14.67 31.85
CA VAL A 318 10.62 13.99 33.12
C VAL A 318 9.66 12.82 33.25
N GLN A 319 10.10 11.79 33.96
CA GLN A 319 9.36 10.53 34.03
C GLN A 319 8.77 10.25 35.40
N SER A 320 9.57 10.31 36.47
CA SER A 320 9.07 9.94 37.79
C SER A 320 9.86 10.68 38.86
N VAL A 321 9.16 11.45 39.68
CA VAL A 321 9.76 12.15 40.80
C VAL A 321 9.01 11.75 42.07
N GLU A 322 9.76 11.48 43.13
CA GLU A 322 9.19 11.09 44.42
C GLU A 322 9.43 12.19 45.43
N VAL A 323 8.44 12.44 46.28
CA VAL A 323 8.48 13.50 47.28
C VAL A 323 7.84 12.99 48.57
N ASN A 324 8.07 13.76 49.65
CA ASN A 324 7.47 13.52 50.96
C ASN A 324 6.94 14.84 51.52
N ALA A 325 6.17 15.55 50.70
CA ALA A 325 5.69 16.91 50.98
C ALA A 325 6.86 17.89 51.06
N ASP A 326 7.63 17.92 49.96
CA ASP A 326 8.69 18.90 49.74
C ASP A 326 9.81 18.80 50.77
N LYS A 327 10.33 17.58 50.94
CA LYS A 327 11.51 17.38 51.76
C LYS A 327 12.54 16.49 51.08
N THR A 328 12.08 15.60 50.20
CA THR A 328 12.95 14.67 49.47
C THR A 328 12.53 14.66 48.00
N VAL A 329 13.15 15.53 47.20
CA VAL A 329 12.87 15.60 45.77
C VAL A 329 14.16 15.27 45.03
N LYS A 330 14.99 14.41 45.65
CA LYS A 330 16.33 14.16 45.16
C LYS A 330 16.36 13.61 43.74
N ASN A 331 15.46 12.67 43.42
CA ASN A 331 15.43 12.04 42.12
C ASN A 331 14.28 12.60 41.29
N VAL A 332 14.59 13.01 40.06
CA VAL A 332 13.60 13.50 39.12
C VAL A 332 13.41 12.53 37.96
N ASN A 333 14.47 11.85 37.54
CA ASN A 333 14.41 10.74 36.58
C ASN A 333 13.98 11.18 35.19
N GLY A 334 14.31 12.40 34.79
CA GLY A 334 14.04 12.82 33.42
C GLY A 334 14.98 12.12 32.45
N LYS A 335 14.45 11.81 31.27
CA LYS A 335 15.24 11.12 30.26
C LYS A 335 14.73 11.48 28.87
N ARG A 336 15.60 11.33 27.89
CA ARG A 336 15.26 11.63 26.50
C ARG A 336 14.48 10.47 25.90
N LEU A 337 13.35 10.78 25.28
CA LEU A 337 12.49 9.78 24.67
C LEU A 337 12.19 10.16 23.24
N HIS A 338 12.32 9.19 22.34
CA HIS A 338 11.99 9.38 20.93
C HIS A 338 10.66 8.69 20.66
N TYR A 339 9.70 9.45 20.15
CA TYR A 339 8.38 8.92 19.84
C TYR A 339 7.96 9.36 18.46
N SER A 340 6.73 9.05 18.08
CA SER A 340 6.19 9.42 16.78
C SER A 340 5.31 10.64 16.92
N GLY A 341 5.57 11.67 16.12
CA GLY A 341 4.73 12.82 16.08
C GLY A 341 3.37 12.49 15.48
N PRO A 342 2.48 13.47 15.46
CA PRO A 342 1.14 13.24 14.92
C PRO A 342 1.22 12.79 13.47
N PRO A 343 0.40 11.84 13.07
CA PRO A 343 0.46 11.35 11.69
C PRO A 343 0.03 12.43 10.70
N LYS A 344 0.66 12.40 9.53
CA LYS A 344 0.35 13.38 8.50
C LYS A 344 0.68 12.80 7.15
N PHE A 345 0.02 13.32 6.13
CA PHE A 345 0.25 12.87 4.76
C PHE A 345 1.44 13.62 4.19
N VAL A 346 2.51 12.89 3.89
CA VAL A 346 3.77 13.47 3.43
C VAL A 346 3.86 13.29 1.92
N PHE A 347 4.24 14.37 1.25
CA PHE A 347 4.48 14.37 -0.19
C PHE A 347 5.97 14.42 -0.44
N PRO A 348 6.54 13.47 -1.16
CA PRO A 348 7.95 13.58 -1.56
C PRO A 348 8.09 14.44 -2.80
N LEU A 349 8.58 15.65 -2.61
CA LEU A 349 8.98 16.50 -3.73
C LEU A 349 10.22 17.25 -3.28
N GLU A 350 11.30 17.09 -4.02
CA GLU A 350 12.62 17.48 -3.54
C GLU A 350 12.88 18.92 -3.95
N GLY A 351 13.39 19.71 -3.00
CA GLY A 351 13.41 21.15 -3.19
C GLY A 351 14.29 21.60 -4.35
N ASP A 352 15.51 21.06 -4.43
CA ASP A 352 16.45 21.51 -5.46
C ASP A 352 16.03 21.12 -6.87
N ASN A 353 15.10 20.18 -7.01
CA ASN A 353 14.73 19.64 -8.31
C ASN A 353 13.46 20.23 -8.89
N CYS A 354 12.86 21.22 -8.25
CA CYS A 354 11.68 21.87 -8.82
C CYS A 354 12.04 23.13 -9.59
N ALA A 355 13.33 23.45 -9.72
CA ALA A 355 13.73 24.57 -10.54
C ALA A 355 13.35 24.30 -12.00
N PRO A 356 13.06 25.35 -12.77
CA PRO A 356 12.61 25.12 -14.15
C PRO A 356 13.59 24.36 -15.01
N SER A 357 14.90 24.64 -14.88
CA SER A 357 15.89 23.96 -15.70
C SER A 357 15.92 22.47 -15.41
N SER A 358 15.87 22.10 -14.13
CA SER A 358 15.93 20.69 -13.76
C SER A 358 14.76 19.92 -14.35
N LEU A 359 13.57 20.50 -14.29
CA LEU A 359 12.39 19.82 -14.84
C LEU A 359 12.45 19.75 -16.35
N VAL A 360 12.79 20.85 -17.02
CA VAL A 360 12.79 20.84 -18.48
C VAL A 360 13.90 19.95 -19.02
N GLU A 361 14.95 19.71 -18.25
CA GLU A 361 16.06 18.89 -18.70
C GLU A 361 15.92 17.43 -18.28
N THR A 362 15.13 17.15 -17.25
CA THR A 362 14.98 15.79 -16.77
C THR A 362 13.85 15.05 -17.45
N TYR A 363 12.76 15.73 -17.76
CA TYR A 363 11.55 15.10 -18.27
C TYR A 363 11.42 15.36 -19.76
N HIS A 364 11.14 14.29 -20.52
CA HIS A 364 11.01 14.42 -21.97
C HIS A 364 9.85 15.34 -22.33
N GLN A 365 8.69 15.09 -21.74
CA GLN A 365 7.46 15.74 -22.15
C GLN A 365 7.23 17.06 -21.43
N ALA A 366 8.20 17.52 -20.64
CA ALA A 366 8.06 18.79 -19.94
C ALA A 366 7.86 19.90 -20.95
N TYR A 367 6.64 20.41 -21.03
CA TYR A 367 6.30 21.44 -22.01
C TYR A 367 7.00 22.74 -21.67
N GLN A 368 7.41 23.46 -22.71
CA GLN A 368 7.97 24.79 -22.52
C GLN A 368 7.60 25.64 -23.71
N ALA A 369 7.33 26.92 -23.46
CA ALA A 369 7.00 27.84 -24.54
C ALA A 369 7.16 29.27 -24.03
N ARG A 370 6.91 30.22 -24.91
CA ARG A 370 6.86 31.61 -24.50
C ARG A 370 5.63 31.84 -23.65
N ALA A 371 5.73 32.78 -22.71
CA ALA A 371 4.69 32.95 -21.70
C ALA A 371 3.36 33.34 -22.34
N VAL A 372 3.39 34.19 -23.37
CA VAL A 372 2.16 34.69 -23.97
C VAL A 372 1.32 33.54 -24.52
N ASP A 373 1.96 32.41 -24.84
CA ASP A 373 1.20 31.27 -25.34
C ASP A 373 0.30 30.64 -24.29
N GLY A 374 0.44 31.03 -23.03
CA GLY A 374 -0.37 30.44 -21.98
C GLY A 374 0.03 28.99 -21.76
N PHE A 375 -0.79 28.31 -20.98
CA PHE A 375 -0.54 26.89 -20.75
C PHE A 375 -1.85 26.20 -20.43
N TYR A 376 -1.85 24.88 -20.61
CA TYR A 376 -3.03 24.06 -20.33
C TYR A 376 -2.53 22.68 -19.93
N MET A 377 -2.65 22.37 -18.64
CA MET A 377 -2.13 21.11 -18.12
C MET A 377 -3.27 20.18 -17.75
N PRO A 378 -3.45 19.07 -18.43
CA PRO A 378 -4.33 18.03 -17.90
C PRO A 378 -3.55 17.12 -16.96
N ILE A 379 -4.06 16.92 -15.74
CA ILE A 379 -3.36 16.08 -14.77
C ILE A 379 -3.71 14.63 -15.04
N LEU A 380 -2.69 13.82 -15.27
CA LEU A 380 -2.86 12.41 -15.60
C LEU A 380 -2.68 11.56 -14.35
N SER A 381 -3.49 10.52 -14.22
CA SER A 381 -3.29 9.56 -13.15
C SER A 381 -2.03 8.75 -13.42
N SER A 382 -1.58 8.03 -12.39
CA SER A 382 -0.37 7.24 -12.49
C SER A 382 -0.62 5.76 -12.29
N SER A 383 -1.86 5.33 -12.14
CA SER A 383 -2.17 3.94 -11.82
C SER A 383 -3.23 3.40 -12.77
N ARG A 384 -3.29 2.07 -12.85
CA ARG A 384 -4.27 1.39 -13.67
C ARG A 384 -5.69 1.61 -13.13
N ASP A 385 -5.90 1.36 -11.85
CA ASP A 385 -7.22 1.45 -11.25
C ASP A 385 -7.44 2.82 -10.60
N ASN A 386 -8.61 2.98 -10.00
CA ASN A 386 -8.99 4.24 -9.32
C ASN A 386 -10.04 3.92 -8.26
N PRO A 387 -9.63 3.32 -7.16
CA PRO A 387 -10.59 2.91 -6.13
C PRO A 387 -11.18 4.12 -5.42
N PHE A 388 -12.36 3.91 -4.84
CA PHE A 388 -12.98 4.94 -4.03
C PHE A 388 -12.20 5.14 -2.75
N ILE A 389 -12.13 6.40 -2.29
CA ILE A 389 -11.52 6.75 -1.01
C ILE A 389 -12.56 7.44 -0.16
N SER A 390 -12.73 6.96 1.07
CA SER A 390 -13.59 7.66 2.00
C SER A 390 -12.97 9.01 2.37
N PRO A 391 -13.77 10.04 2.62
CA PRO A 391 -13.20 11.37 2.90
C PRO A 391 -12.36 11.36 4.17
N LYS A 392 -11.05 11.51 3.99
CA LYS A 392 -10.07 11.37 5.06
C LYS A 392 -9.21 12.63 5.07
N PRO A 393 -9.54 13.64 5.85
CA PRO A 393 -8.71 14.85 5.89
C PRO A 393 -7.67 14.80 6.99
N GLN A 394 -6.42 15.04 6.64
CA GLN A 394 -5.32 15.13 7.59
C GLN A 394 -4.36 16.20 7.10
N PRO A 395 -3.54 16.75 8.00
CA PRO A 395 -2.61 17.79 7.59
C PRO A 395 -1.61 17.28 6.56
N ILE A 396 -1.19 18.18 5.67
CA ILE A 396 -0.30 17.85 4.56
C ILE A 396 1.08 18.38 4.87
N ALA A 397 2.10 17.56 4.59
CA ALA A 397 3.49 17.94 4.77
C ALA A 397 4.27 17.58 3.52
N VAL A 398 5.47 18.13 3.41
CA VAL A 398 6.35 17.90 2.27
C VAL A 398 7.73 17.49 2.79
N PHE A 399 8.32 16.50 2.13
CA PHE A 399 9.63 15.99 2.52
C PHE A 399 10.71 16.56 1.62
N ASN A 400 11.85 16.92 2.23
CA ASN A 400 13.04 17.37 1.53
C ASN A 400 14.22 16.52 1.99
N ARG A 401 15.37 16.71 1.34
CA ARG A 401 16.53 15.86 1.60
C ARG A 401 16.91 15.89 3.07
N TRP A 402 17.29 14.72 3.59
CA TRP A 402 17.64 14.63 5.00
C TRP A 402 18.97 15.32 5.25
N TYR A 403 19.29 15.52 6.53
CA TYR A 403 20.47 16.28 6.92
C TYR A 403 21.52 15.44 7.60
N TYR A 404 21.14 14.63 8.60
CA TYR A 404 22.08 13.84 9.37
C TYR A 404 22.15 12.43 8.80
N ARG A 405 23.37 11.94 8.58
CA ARG A 405 23.54 10.57 8.08
C ARG A 405 22.99 9.56 9.08
N GLY A 406 23.32 9.73 10.35
CA GLY A 406 22.75 8.87 11.38
C GLY A 406 23.20 7.43 11.25
N CYS A 407 22.22 6.52 11.13
CA CYS A 407 22.47 5.10 11.24
C CYS A 407 23.18 4.50 10.03
N LEU A 408 23.38 5.26 8.96
CA LEU A 408 24.04 4.71 7.78
C LEU A 408 25.44 4.21 8.12
N ASP A 409 26.19 5.00 8.86
CA ASP A 409 27.45 4.55 9.44
C ASP A 409 27.20 3.87 10.77
N PRO A 410 28.13 3.03 11.24
CA PRO A 410 27.96 2.42 12.56
C PRO A 410 27.80 3.48 13.64
N VAL A 411 26.80 3.29 14.49
CA VAL A 411 26.46 4.28 15.53
C VAL A 411 26.17 3.55 16.83
N PRO A 412 26.30 4.25 17.95
CA PRO A 412 25.99 3.64 19.25
C PRO A 412 24.52 3.26 19.36
N ALA A 413 24.23 2.45 20.38
CA ALA A 413 22.88 1.94 20.59
C ALA A 413 21.91 3.06 20.90
N SER A 414 22.32 4.02 21.73
CA SER A 414 21.39 5.03 22.23
C SER A 414 20.89 5.95 21.13
N LYS A 415 21.70 6.20 20.11
CA LYS A 415 21.38 7.19 19.09
C LYS A 415 20.80 6.57 17.82
N VAL A 416 20.39 5.30 17.86
CA VAL A 416 19.73 4.70 16.71
C VAL A 416 18.36 5.35 16.47
N ALA A 417 17.69 5.79 17.54
CA ALA A 417 16.36 6.36 17.40
C ALA A 417 16.38 7.62 16.55
N ASP A 418 17.41 8.46 16.72
CA ASP A 418 17.56 9.63 15.86
C ASP A 418 17.68 9.23 14.40
N GLY A 419 18.59 8.30 14.10
CA GLY A 419 18.79 7.83 12.76
C GLY A 419 19.10 8.96 11.80
N PRO A 420 18.68 8.81 10.55
CA PRO A 420 18.82 9.90 9.57
C PRO A 420 17.81 11.00 9.86
N SER A 421 18.31 12.15 10.32
CA SER A 421 17.43 13.26 10.69
C SER A 421 16.78 13.82 9.43
N GLN A 422 15.52 13.45 9.22
CA GLN A 422 14.76 13.86 8.06
C GLN A 422 13.58 14.70 8.52
N TYR A 423 13.45 15.90 7.97
CA TYR A 423 12.54 16.91 8.48
C TYR A 423 11.40 17.09 7.49
N TYR A 424 10.16 17.11 8.01
CA TYR A 424 8.97 17.31 7.22
C TYR A 424 8.45 18.72 7.41
N TYR A 425 8.19 19.42 6.31
CA TYR A 425 7.69 20.79 6.37
C TYR A 425 6.18 20.79 6.33
N ASP A 426 5.56 21.59 7.19
CA ASP A 426 4.13 21.79 7.15
C ASP A 426 3.72 22.71 6.02
N LEU A 427 2.55 22.45 5.43
CA LEU A 427 1.85 23.45 4.63
C LEU A 427 0.71 24.10 5.39
N ASN A 428 0.45 23.66 6.62
CA ASN A 428 -0.60 24.20 7.48
C ASN A 428 -1.97 24.11 6.82
N VAL A 429 -2.16 23.11 5.97
CA VAL A 429 -3.45 22.86 5.31
C VAL A 429 -3.80 21.39 5.48
N ALA A 430 -5.09 21.10 5.41
CA ALA A 430 -5.59 19.73 5.46
C ALA A 430 -6.53 19.50 4.29
N ASP A 431 -6.44 18.33 3.67
CA ASP A 431 -7.27 18.04 2.52
C ASP A 431 -7.41 16.54 2.35
N ASP A 432 -8.50 16.14 1.71
CA ASP A 432 -8.70 14.74 1.33
C ASP A 432 -7.82 14.48 0.11
N VAL A 433 -6.53 14.30 0.37
CA VAL A 433 -5.59 14.06 -0.71
C VAL A 433 -5.95 12.79 -1.45
N ALA A 434 -5.84 12.83 -2.77
CA ALA A 434 -6.10 11.68 -3.64
C ALA A 434 -4.81 11.33 -4.35
N PRO A 435 -4.05 10.37 -3.83
CA PRO A 435 -2.78 10.00 -4.49
C PRO A 435 -3.01 9.31 -5.81
N LEU A 436 -1.94 8.85 -6.44
CA LEU A 436 -1.91 8.22 -7.76
C LEU A 436 -2.09 9.22 -8.88
N TYR A 437 -2.33 10.49 -8.57
CA TYR A 437 -2.37 11.54 -9.58
C TYR A 437 -1.07 12.33 -9.56
N ASN A 438 -0.59 12.68 -10.74
CA ASN A 438 0.68 13.39 -10.85
C ASN A 438 0.58 14.76 -10.23
N THR A 439 1.62 15.14 -9.49
CA THR A 439 1.76 16.51 -9.03
C THR A 439 2.26 17.36 -10.18
N GLY A 440 1.53 18.43 -10.49
CA GLY A 440 1.92 19.33 -11.55
C GLY A 440 2.64 20.54 -11.03
N VAL A 441 3.42 21.18 -11.90
CA VAL A 441 4.15 22.37 -11.52
C VAL A 441 4.44 23.19 -12.76
N VAL A 442 4.17 24.49 -12.67
CA VAL A 442 4.31 25.43 -13.77
C VAL A 442 5.14 26.61 -13.28
N TRP A 443 6.15 26.98 -14.04
CA TRP A 443 6.98 28.13 -13.75
C TRP A 443 6.82 29.12 -14.89
N MET A 444 6.74 30.41 -14.55
CA MET A 444 6.66 31.48 -15.53
C MET A 444 7.64 32.55 -15.07
N GLU A 445 8.82 32.60 -15.69
CA GLU A 445 9.83 33.55 -15.28
C GLU A 445 9.89 34.72 -16.24
N GLY A 446 10.27 35.88 -15.71
CA GLY A 446 10.42 37.04 -16.55
C GLY A 446 9.13 37.74 -16.90
N ILE A 447 7.99 37.24 -16.43
CA ILE A 447 6.71 37.85 -16.76
C ILE A 447 6.66 39.27 -16.20
N SER A 448 5.87 40.12 -16.84
CA SER A 448 5.80 41.51 -16.45
C SER A 448 5.22 41.64 -15.04
N SER A 449 5.60 42.73 -14.37
CA SER A 449 5.21 42.90 -12.97
C SER A 449 3.69 43.04 -12.82
N LYS A 450 3.07 43.84 -13.66
CA LYS A 450 1.61 44.04 -13.63
C LYS A 450 0.90 43.19 -14.67
N PHE A 451 1.37 41.97 -14.85
CA PHE A 451 0.70 40.95 -15.62
C PHE A 451 -0.69 40.67 -15.06
N SER A 452 -1.43 39.84 -15.79
CA SER A 452 -2.68 39.27 -15.30
C SER A 452 -2.82 37.87 -15.86
N LEU A 453 -2.90 36.88 -14.98
CA LEU A 453 -3.04 35.49 -15.37
C LEU A 453 -4.47 35.07 -15.12
N LYS A 454 -5.20 34.79 -16.19
CA LYS A 454 -6.60 34.39 -16.10
C LYS A 454 -6.61 32.87 -16.04
N LEU A 455 -6.85 32.30 -14.86
CA LEU A 455 -6.65 30.88 -14.62
C LEU A 455 -7.98 30.19 -14.43
N LYS A 456 -8.27 29.18 -15.24
CA LYS A 456 -9.43 28.34 -15.06
C LYS A 456 -9.02 26.91 -14.71
N THR A 457 -9.91 26.25 -13.98
CA THR A 457 -9.66 24.91 -13.49
C THR A 457 -10.94 24.11 -13.59
N ARG A 458 -10.84 22.89 -14.10
CA ARG A 458 -11.98 21.98 -14.18
C ARG A 458 -11.62 20.68 -13.49
N THR A 459 -12.41 20.32 -12.49
CA THR A 459 -12.18 19.12 -11.68
C THR A 459 -13.44 18.28 -11.67
N VAL A 460 -13.33 17.02 -12.08
CA VAL A 460 -14.47 16.12 -12.16
C VAL A 460 -14.27 15.01 -11.13
N ILE A 461 -15.21 14.90 -10.21
CA ILE A 461 -15.13 13.96 -9.09
C ILE A 461 -16.41 13.14 -9.03
N GLN A 462 -16.26 11.85 -8.76
CA GLN A 462 -17.39 10.93 -8.64
C GLN A 462 -17.57 10.57 -7.17
N TYR A 463 -18.76 10.85 -6.63
CA TYR A 463 -19.07 10.61 -5.23
C TYR A 463 -20.02 9.43 -5.10
N ILE A 464 -19.99 8.83 -3.91
CA ILE A 464 -21.03 7.89 -3.49
C ILE A 464 -21.82 8.60 -2.40
N PRO A 465 -22.99 9.14 -2.70
CA PRO A 465 -23.66 10.04 -1.76
C PRO A 465 -24.10 9.33 -0.49
N THR A 466 -24.15 10.09 0.59
CA THR A 466 -24.82 9.66 1.81
C THR A 466 -26.27 10.11 1.74
N SER A 467 -27.20 9.17 1.85
CA SER A 467 -28.61 9.50 1.72
C SER A 467 -29.01 10.52 2.78
N GLY A 468 -29.81 11.50 2.38
CA GLY A 468 -30.12 12.64 3.21
C GLY A 468 -29.29 13.86 2.92
N SER A 469 -28.22 13.72 2.13
CA SER A 469 -27.44 14.86 1.68
C SER A 469 -27.97 15.38 0.35
N VAL A 470 -27.45 16.53 -0.07
CA VAL A 470 -27.86 17.10 -1.36
C VAL A 470 -27.40 16.20 -2.50
N LEU A 471 -26.24 15.55 -2.33
CA LEU A 471 -25.69 14.70 -3.37
C LEU A 471 -26.66 13.59 -3.76
N ALA A 472 -27.52 13.18 -2.82
CA ALA A 472 -28.49 12.11 -3.10
C ALA A 472 -29.55 12.52 -4.11
N ASN A 473 -29.74 13.82 -4.35
CA ASN A 473 -30.81 14.23 -5.25
C ASN A 473 -30.37 14.27 -6.71
N PHE A 474 -29.07 14.10 -7.00
CA PHE A 474 -28.54 14.19 -8.35
C PHE A 474 -27.86 12.89 -8.79
N THR A 475 -28.30 11.76 -8.23
CA THR A 475 -27.61 10.50 -8.43
C THR A 475 -27.95 9.87 -9.78
N ARG A 476 -27.17 8.85 -10.13
CA ARG A 476 -27.23 8.23 -11.45
C ARG A 476 -26.85 6.76 -11.31
N HIS A 477 -27.68 5.87 -11.85
CA HIS A 477 -27.48 4.43 -11.71
C HIS A 477 -27.49 3.70 -13.04
N GLU A 478 -26.66 4.13 -14.01
CA GLU A 478 -26.30 3.28 -15.14
C GLU A 478 -24.77 3.17 -15.20
N PRO A 479 -24.17 2.47 -14.23
CA PRO A 479 -22.73 2.24 -14.30
C PRO A 479 -22.38 1.31 -15.45
N THR A 480 -21.15 1.48 -15.96
CA THR A 480 -20.68 0.71 -17.10
C THR A 480 -19.29 0.16 -16.82
N TYR A 481 -18.93 -0.88 -17.56
CA TYR A 481 -17.61 -1.48 -17.49
C TYR A 481 -17.04 -1.59 -18.89
N ASP A 482 -15.83 -1.08 -19.08
CA ASP A 482 -15.14 -1.24 -20.35
C ASP A 482 -13.65 -1.17 -20.05
N GLN A 483 -13.00 -2.33 -19.92
CA GLN A 483 -11.64 -2.30 -19.40
C GLN A 483 -10.62 -2.12 -20.51
N VAL A 484 -11.04 -2.26 -21.78
CA VAL A 484 -10.12 -1.95 -22.86
C VAL A 484 -9.85 -0.46 -22.89
N ALA A 485 -10.83 0.35 -22.48
CA ALA A 485 -10.59 1.78 -22.30
C ALA A 485 -9.56 2.01 -21.20
N LEU A 486 -9.62 1.24 -20.12
CA LEU A 486 -8.62 1.35 -19.07
C LEU A 486 -7.24 0.94 -19.56
N ASP A 487 -7.17 -0.13 -20.36
CA ASP A 487 -5.90 -0.54 -20.94
C ASP A 487 -5.35 0.55 -21.86
N ALA A 488 -6.23 1.21 -22.62
CA ALA A 488 -5.79 2.31 -23.47
C ALA A 488 -5.28 3.47 -22.64
N ALA A 489 -5.93 3.76 -21.51
CA ALA A 489 -5.45 4.80 -20.62
C ALA A 489 -4.08 4.45 -20.07
N ASP A 490 -3.87 3.17 -19.74
CA ASP A 490 -2.54 2.73 -19.31
C ASP A 490 -1.52 2.91 -20.42
N ARG A 491 -1.90 2.57 -21.65
CA ARG A 491 -1.04 2.75 -22.81
C ARG A 491 -0.62 4.19 -23.00
N ILE A 492 -1.59 5.11 -23.04
CA ILE A 492 -1.34 6.44 -23.59
C ILE A 492 -0.69 7.39 -22.59
N ARG A 493 -0.66 7.03 -21.31
CA ARG A 493 -0.17 7.94 -20.28
C ARG A 493 1.27 8.37 -20.55
N ASN A 494 2.12 7.45 -20.98
CA ASN A 494 3.52 7.79 -21.21
C ASN A 494 3.69 8.69 -22.43
N MET A 495 2.90 8.45 -23.48
CA MET A 495 3.13 9.12 -24.75
C MET A 495 2.56 10.54 -24.80
N MET A 496 1.65 10.89 -23.90
CA MET A 496 1.05 12.22 -23.95
C MET A 496 2.05 13.25 -23.42
N PRO A 497 2.09 14.44 -24.02
CA PRO A 497 2.92 15.51 -23.47
C PRO A 497 2.30 16.06 -22.20
N HIS A 498 3.14 16.72 -21.41
CA HIS A 498 2.73 17.13 -20.06
C HIS A 498 1.85 18.37 -20.09
N ALA A 499 1.93 19.19 -21.14
CA ALA A 499 1.10 20.38 -21.21
C ALA A 499 1.00 20.82 -22.66
N TYR A 500 0.08 21.74 -22.91
CA TYR A 500 -0.20 22.27 -24.24
C TYR A 500 -0.36 23.78 -24.13
N PRO A 501 -0.26 24.49 -25.25
CA PRO A 501 -0.59 25.92 -25.23
C PRO A 501 -2.05 26.12 -24.87
N ALA A 502 -2.34 27.29 -24.29
CA ALA A 502 -3.69 27.54 -23.77
C ALA A 502 -4.72 27.46 -24.88
N ALA A 503 -4.42 28.03 -26.05
CA ALA A 503 -5.39 28.03 -27.14
C ALA A 503 -5.62 26.64 -27.72
N TYR A 504 -4.78 25.67 -27.41
CA TYR A 504 -4.88 24.34 -28.01
C TYR A 504 -5.77 23.46 -27.11
N ASN A 505 -7.05 23.85 -27.06
CA ASN A 505 -8.06 23.07 -26.37
C ASN A 505 -8.87 22.19 -27.32
N ASP A 506 -8.49 22.13 -28.60
CA ASP A 506 -9.15 21.31 -29.59
C ASP A 506 -8.14 20.36 -30.21
N TRP A 507 -8.49 19.08 -30.24
CA TRP A 507 -7.65 18.04 -30.82
C TRP A 507 -8.32 17.43 -32.05
N GLY A 508 -7.51 16.82 -32.90
CA GLY A 508 -7.99 16.05 -34.03
C GLY A 508 -7.64 14.59 -34.02
N TRP A 509 -7.00 14.07 -32.96
CA TRP A 509 -6.49 12.71 -32.97
C TRP A 509 -6.84 11.96 -31.69
N LEU A 510 -8.09 12.03 -31.25
CA LEU A 510 -8.53 11.18 -30.14
C LEU A 510 -9.21 9.90 -30.63
N GLY A 511 -10.25 10.04 -31.44
CA GLY A 511 -11.05 8.89 -31.82
C GLY A 511 -10.31 7.81 -32.57
N ASP A 512 -9.18 8.16 -33.21
CA ASP A 512 -8.40 7.19 -33.97
C ASP A 512 -7.09 6.79 -33.29
N LEU A 513 -6.52 7.66 -32.45
CA LEU A 513 -5.33 7.27 -31.70
C LEU A 513 -5.62 6.09 -30.80
N LEU A 514 -6.80 6.07 -30.18
CA LEU A 514 -7.22 4.88 -29.43
C LEU A 514 -7.28 3.67 -30.34
N ASP A 515 -7.75 3.86 -31.58
CA ASP A 515 -7.75 2.77 -32.55
C ASP A 515 -6.32 2.33 -32.88
N SER A 516 -5.41 3.29 -33.03
CA SER A 516 -4.02 2.96 -33.31
C SER A 516 -3.43 2.12 -32.18
N THR A 517 -3.75 2.48 -30.93
CA THR A 517 -3.37 1.62 -29.81
C THR A 517 -4.03 0.25 -29.93
N LEU A 518 -5.31 0.23 -30.32
CA LEU A 518 -6.03 -1.03 -30.49
C LEU A 518 -5.33 -1.95 -31.47
N SER A 519 -4.64 -1.37 -32.46
CA SER A 519 -4.05 -2.18 -33.54
C SER A 519 -3.16 -3.28 -32.98
N MET A 520 -2.10 -2.93 -32.27
CA MET A 520 -1.29 -3.89 -31.54
C MET A 520 -1.54 -3.84 -30.03
N LEU A 521 -2.78 -3.59 -29.63
CA LEU A 521 -3.13 -3.88 -28.24
C LEU A 521 -3.02 -5.38 -28.03
N PRO A 522 -2.17 -5.83 -27.11
CA PRO A 522 -1.94 -7.28 -26.96
C PRO A 522 -3.17 -8.05 -26.54
N GLY A 523 -4.21 -7.38 -26.02
CA GLY A 523 -5.44 -8.07 -25.72
C GLY A 523 -6.05 -8.74 -26.95
N ILE A 524 -5.92 -8.09 -28.10
CA ILE A 524 -6.36 -8.66 -29.37
C ILE A 524 -5.13 -9.04 -30.17
N GLY A 525 -5.07 -10.31 -30.61
CA GLY A 525 -3.91 -10.77 -31.36
C GLY A 525 -3.72 -10.02 -32.66
N THR A 526 -4.81 -9.79 -33.38
CA THR A 526 -4.79 -9.02 -34.63
C THR A 526 -6.08 -8.21 -34.69
N ALA A 527 -5.99 -6.93 -34.40
CA ALA A 527 -7.16 -6.07 -34.37
C ALA A 527 -7.58 -5.57 -35.75
N TYR A 528 -6.75 -5.77 -36.77
CA TYR A 528 -7.08 -5.37 -38.14
C TYR A 528 -7.50 -3.91 -38.20
N ARG A 529 -6.75 -3.05 -37.53
CA ARG A 529 -7.08 -1.63 -37.45
C ARG A 529 -6.33 -0.85 -38.53
N PHE A 530 -7.05 0.07 -39.17
CA PHE A 530 -6.54 0.86 -40.28
C PHE A 530 -6.43 2.34 -39.95
N ALA A 531 -6.49 2.71 -38.67
CA ALA A 531 -6.56 4.10 -38.27
C ALA A 531 -5.33 4.88 -38.71
N LYS A 532 -4.17 4.55 -38.14
CA LYS A 532 -2.93 5.28 -38.41
C LYS A 532 -1.74 4.49 -37.90
N PRO A 533 -0.61 4.49 -38.61
CA PRO A 533 0.64 4.00 -38.02
C PRO A 533 1.32 5.07 -37.20
N LEU A 534 1.81 4.67 -36.02
CA LEU A 534 2.36 5.63 -35.08
C LEU A 534 3.60 6.31 -35.64
N ILE A 535 3.70 7.62 -35.43
CA ILE A 535 4.81 8.44 -35.90
C ILE A 535 5.37 9.21 -34.72
N LYS A 536 6.70 9.30 -34.65
CA LYS A 536 7.35 10.00 -33.57
C LYS A 536 7.04 11.49 -33.63
N PRO A 537 6.49 12.09 -32.58
CA PRO A 537 6.20 13.52 -32.60
C PRO A 537 7.33 14.36 -32.06
N ALA A 538 7.37 15.61 -32.54
CA ALA A 538 8.39 16.58 -32.12
C ALA A 538 7.69 17.92 -31.89
N TRP A 539 7.38 18.22 -30.64
CA TRP A 539 6.62 19.41 -30.27
C TRP A 539 7.59 20.55 -29.96
N ASN A 540 7.81 21.42 -30.94
CA ASN A 540 8.64 22.60 -30.76
C ASN A 540 7.75 23.81 -30.46
N TRP A 541 7.19 23.80 -29.25
CA TRP A 541 6.19 24.81 -28.89
C TRP A 541 6.80 26.20 -28.76
N LEU A 542 8.10 26.29 -28.46
CA LEU A 542 8.74 27.60 -28.36
C LEU A 542 8.73 28.33 -29.69
N GLY A 543 9.04 27.62 -30.78
CA GLY A 543 9.06 28.23 -32.09
C GLY A 543 9.32 27.19 -33.15
N GLY A 544 9.14 27.60 -34.40
CA GLY A 544 9.32 26.70 -35.52
C GLY A 544 8.13 25.78 -35.71
N LYS A 545 8.33 24.81 -36.61
CA LYS A 545 7.28 23.86 -36.91
C LYS A 545 7.07 22.89 -35.74
N VAL A 546 5.82 22.50 -35.54
CA VAL A 546 5.45 21.53 -34.52
C VAL A 546 4.82 20.32 -35.21
N SER A 547 5.33 19.13 -34.87
CA SER A 547 4.84 17.89 -35.44
C SER A 547 4.01 17.14 -34.41
N ASP A 548 2.81 16.74 -34.79
CA ASP A 548 1.91 16.01 -33.89
C ASP A 548 2.26 14.52 -33.94
N PHE A 549 1.38 13.69 -33.39
CA PHE A 549 1.61 12.25 -33.37
C PHE A 549 1.59 11.62 -34.77
N PHE A 550 1.11 12.34 -35.78
CA PHE A 550 1.01 11.81 -37.13
C PHE A 550 1.71 12.68 -38.17
N GLY A 551 2.47 13.69 -37.74
CA GLY A 551 3.22 14.53 -38.66
C GLY A 551 2.43 15.67 -39.27
N ASN A 552 1.15 15.81 -38.96
CA ASN A 552 0.35 16.89 -39.53
C ASN A 552 0.62 18.18 -38.77
N PRO A 553 1.04 19.25 -39.43
CA PRO A 553 1.29 20.51 -38.72
C PRO A 553 0.00 21.09 -38.15
N VAL A 554 0.15 21.79 -37.03
CA VAL A 554 -0.96 22.43 -36.35
C VAL A 554 -1.16 23.83 -36.93
N SER A 555 -2.42 24.22 -37.11
CA SER A 555 -2.75 25.52 -37.69
C SER A 555 -2.82 26.56 -36.57
N ARG A 556 -1.63 27.05 -36.18
CA ARG A 556 -1.52 28.11 -35.20
C ARG A 556 -1.05 29.39 -35.89
N ASP A 557 -1.79 30.46 -35.71
CA ASP A 557 -1.51 31.73 -36.35
C ASP A 557 -2.35 32.80 -35.65
N GLY A 558 -2.35 34.02 -36.21
CA GLY A 558 -3.11 35.11 -35.66
C GLY A 558 -3.13 36.33 -36.55
N SER B 96 22.56 -26.49 -30.03
CA SER B 96 21.25 -26.94 -30.48
C SER B 96 20.69 -26.03 -31.57
N ARG B 97 21.58 -25.54 -32.43
CA ARG B 97 21.16 -24.65 -33.50
C ARG B 97 20.27 -25.35 -34.51
N ILE B 98 20.58 -26.61 -34.85
CA ILE B 98 19.84 -27.33 -35.87
C ILE B 98 18.36 -27.46 -35.48
N THR B 99 18.08 -27.50 -34.19
CA THR B 99 16.70 -27.62 -33.72
C THR B 99 15.81 -26.52 -34.31
N ARG B 100 16.12 -25.26 -34.00
CA ARG B 100 15.32 -24.18 -34.55
C ARG B 100 15.75 -23.79 -35.97
N ARG B 101 16.82 -24.39 -36.50
CA ARG B 101 17.04 -24.29 -37.94
C ARG B 101 15.98 -25.08 -38.71
N VAL B 102 15.61 -26.26 -38.23
CA VAL B 102 14.72 -27.14 -38.97
C VAL B 102 13.24 -26.99 -38.60
N VAL B 103 12.93 -26.47 -37.41
CA VAL B 103 11.55 -26.33 -36.99
C VAL B 103 11.02 -24.90 -37.18
N SER B 104 11.79 -24.03 -37.81
CA SER B 104 11.37 -22.66 -38.03
C SER B 104 10.43 -22.50 -39.22
N ASN B 105 10.21 -23.56 -40.00
CA ASN B 105 9.41 -23.50 -41.20
C ASN B 105 8.02 -24.11 -41.02
N LEU B 106 7.59 -24.37 -39.79
CA LEU B 106 6.30 -25.01 -39.56
C LEU B 106 5.27 -24.11 -38.92
N ALA B 107 5.66 -22.94 -38.39
CA ALA B 107 4.71 -22.05 -37.75
C ALA B 107 5.28 -20.65 -37.71
N ARG B 108 4.40 -19.68 -37.47
CA ARG B 108 4.73 -18.25 -37.44
C ARG B 108 4.60 -17.72 -36.02
N ARG B 109 4.76 -16.40 -35.90
CA ARG B 109 4.81 -15.74 -34.59
C ARG B 109 3.96 -14.48 -34.58
N PRO B 110 2.93 -14.42 -33.72
CA PRO B 110 2.21 -13.15 -33.50
C PRO B 110 3.01 -12.18 -32.65
N LEU B 111 2.38 -11.10 -32.21
CA LEU B 111 3.03 -10.11 -31.34
C LEU B 111 3.74 -10.79 -30.17
N THR B 112 5.06 -10.62 -30.12
CA THR B 112 5.88 -11.17 -29.04
C THR B 112 6.82 -10.11 -28.48
N ILE B 113 7.79 -10.55 -27.68
CA ILE B 113 8.68 -9.61 -27.00
C ILE B 113 9.57 -8.90 -28.00
N THR B 114 10.00 -7.70 -27.63
CA THR B 114 11.00 -6.97 -28.40
C THR B 114 12.39 -7.44 -27.99
N THR B 115 13.41 -6.81 -28.55
CA THR B 115 14.77 -7.12 -28.13
C THR B 115 15.10 -6.49 -26.78
N ALA B 116 14.51 -5.33 -26.47
CA ALA B 116 14.82 -4.66 -25.21
C ALA B 116 14.19 -5.38 -24.03
N GLY B 117 12.93 -5.78 -24.15
CA GLY B 117 12.31 -6.56 -23.09
C GLY B 117 13.02 -7.88 -22.87
N LEU B 118 13.47 -8.50 -23.96
CA LEU B 118 14.31 -9.69 -23.87
C LEU B 118 15.59 -9.40 -23.11
N ALA B 119 16.27 -8.30 -23.43
CA ALA B 119 17.52 -7.97 -22.75
C ALA B 119 17.30 -7.74 -21.27
N TRP B 120 16.23 -7.03 -20.91
CA TRP B 120 15.92 -6.81 -19.51
C TRP B 120 15.60 -8.12 -18.80
N LEU B 121 14.80 -8.97 -19.43
CA LEU B 121 14.43 -10.22 -18.78
C LEU B 121 15.65 -11.12 -18.59
N ARG B 122 16.62 -11.04 -19.50
CA ARG B 122 17.79 -11.89 -19.34
C ARG B 122 18.82 -11.26 -18.39
N GLN B 123 18.74 -9.94 -18.17
CA GLN B 123 19.54 -9.42 -17.05
C GLN B 123 18.84 -9.58 -15.71
N TYR B 124 17.54 -9.89 -15.72
CA TYR B 124 16.78 -10.04 -14.48
C TYR B 124 16.74 -11.48 -13.99
N LEU B 125 16.51 -12.44 -14.89
CA LEU B 125 16.52 -13.83 -14.47
C LEU B 125 17.94 -14.31 -14.17
N ASN B 126 18.90 -13.92 -15.00
CA ASN B 126 20.29 -14.37 -14.89
C ASN B 126 21.18 -13.13 -14.85
N PRO B 127 21.22 -12.45 -13.70
CA PRO B 127 21.97 -11.18 -13.64
C PRO B 127 23.46 -11.32 -13.90
N MET B 128 24.05 -12.47 -13.60
CA MET B 128 25.50 -12.60 -13.66
C MET B 128 25.94 -13.62 -14.71
N GLY B 129 25.17 -13.75 -15.79
CA GLY B 129 25.55 -14.62 -16.86
C GLY B 129 26.28 -13.88 -17.97
N PRO B 130 25.91 -14.16 -19.22
CA PRO B 130 26.49 -13.40 -20.34
C PRO B 130 25.89 -12.02 -20.51
N SER B 131 24.84 -11.68 -19.75
CA SER B 131 24.19 -10.39 -19.86
C SER B 131 25.02 -9.25 -19.28
N THR B 132 26.25 -9.51 -18.83
CA THR B 132 27.12 -8.45 -18.37
C THR B 132 27.59 -7.53 -19.49
N SER B 133 27.41 -7.94 -20.76
CA SER B 133 27.86 -7.12 -21.87
C SER B 133 27.12 -5.79 -21.93
N SER B 134 25.81 -5.81 -21.71
CA SER B 134 25.00 -4.60 -21.80
C SER B 134 23.92 -4.64 -20.73
N VAL B 135 23.43 -3.46 -20.38
CA VAL B 135 22.38 -3.29 -19.37
C VAL B 135 21.20 -2.58 -20.01
N SER B 136 20.00 -2.97 -19.61
CA SER B 136 18.77 -2.37 -20.12
C SER B 136 17.82 -2.10 -18.98
N GLY B 137 16.97 -1.09 -19.16
CA GLY B 137 16.07 -0.66 -18.11
C GLY B 137 14.80 -1.47 -18.05
N PHE B 138 14.00 -1.14 -17.04
CA PHE B 138 12.70 -1.80 -16.88
C PHE B 138 11.79 -1.42 -18.03
N PRO B 139 11.19 -2.38 -18.73
CA PRO B 139 10.34 -2.06 -19.89
C PRO B 139 8.94 -1.63 -19.48
N ASP B 140 8.82 -0.36 -19.10
CA ASP B 140 7.53 0.23 -18.77
C ASP B 140 7.26 1.56 -19.46
N GLY B 141 8.16 2.02 -20.33
CA GLY B 141 7.97 3.27 -21.02
C GLY B 141 7.87 4.47 -20.10
N SER B 142 8.80 4.57 -19.15
CA SER B 142 8.73 5.61 -18.14
C SER B 142 8.79 7.01 -18.75
N ALA B 143 9.40 7.15 -19.93
CA ALA B 143 9.50 8.43 -20.63
C ALA B 143 10.12 9.51 -19.74
N VAL B 144 11.15 9.12 -19.01
CA VAL B 144 11.84 10.01 -18.09
C VAL B 144 13.34 9.75 -18.21
N THR B 145 14.14 10.79 -18.02
CA THR B 145 15.59 10.63 -18.04
C THR B 145 16.02 9.69 -16.91
N THR B 146 16.66 8.59 -17.29
CA THR B 146 17.15 7.61 -16.34
C THR B 146 18.59 7.27 -16.65
N CYS B 147 19.32 6.82 -15.63
CA CYS B 147 20.66 6.28 -15.82
C CYS B 147 20.74 4.95 -15.10
N ILE B 148 21.25 3.94 -15.79
CA ILE B 148 21.31 2.58 -15.26
C ILE B 148 22.74 2.30 -14.83
N ALA B 149 22.91 1.95 -13.56
CA ALA B 149 24.22 1.69 -13.00
C ALA B 149 24.27 0.27 -12.47
N ASP B 150 25.34 -0.44 -12.84
CA ASP B 150 25.59 -1.78 -12.32
C ASP B 150 26.81 -1.76 -11.40
N TYR B 151 26.72 -2.51 -10.30
CA TYR B 151 27.78 -2.59 -9.31
C TYR B 151 28.18 -4.04 -9.19
N THR B 152 29.46 -4.33 -9.45
CA THR B 152 30.02 -5.65 -9.26
C THR B 152 31.07 -5.56 -8.16
N ASN B 153 30.90 -6.37 -7.12
CA ASN B 153 31.78 -6.31 -5.96
C ASN B 153 32.24 -7.72 -5.61
N THR B 154 33.46 -7.81 -5.10
CA THR B 154 34.07 -9.08 -4.73
C THR B 154 34.65 -8.97 -3.33
N PHE B 155 34.48 -10.03 -2.55
CA PHE B 155 34.95 -10.07 -1.17
C PHE B 155 35.50 -11.45 -0.89
N ASN B 156 36.46 -11.51 0.04
CA ASN B 156 37.13 -12.75 0.38
C ASN B 156 36.78 -13.06 1.83
N ILE B 157 35.65 -13.71 2.04
CA ILE B 157 35.25 -14.06 3.39
C ILE B 157 36.16 -15.16 3.91
N SER B 158 36.73 -14.96 5.09
CA SER B 158 37.59 -15.93 5.72
C SER B 158 37.41 -15.81 7.23
N PHE B 159 38.02 -16.73 7.96
CA PHE B 159 37.96 -16.64 9.40
C PHE B 159 38.78 -15.43 9.83
N PRO B 160 38.15 -14.35 10.33
CA PRO B 160 38.89 -13.11 10.52
C PRO B 160 39.90 -13.25 11.64
N PRO B 161 41.00 -12.52 11.57
CA PRO B 161 41.95 -12.49 12.69
C PRO B 161 41.39 -11.69 13.86
N ARG B 162 42.20 -11.51 14.90
CA ARG B 162 41.69 -10.90 16.13
C ARG B 162 41.27 -9.45 15.89
N GLU B 163 42.06 -8.70 15.12
CA GLU B 163 41.83 -7.27 14.98
C GLU B 163 40.57 -6.93 14.19
N ALA B 164 39.94 -7.90 13.56
CA ALA B 164 38.74 -7.64 12.77
C ALA B 164 37.45 -7.80 13.56
N ILE B 165 37.53 -8.13 14.86
CA ILE B 165 36.36 -8.36 15.66
C ILE B 165 36.14 -7.16 16.57
N TYR B 166 34.89 -6.95 16.99
CA TYR B 166 34.54 -5.79 17.80
C TYR B 166 33.44 -6.16 18.78
N CYS B 167 33.59 -5.75 20.03
CA CYS B 167 32.53 -5.90 21.00
C CYS B 167 31.35 -5.01 20.65
N THR B 168 30.15 -5.46 20.98
CA THR B 168 28.93 -4.72 20.68
C THR B 168 28.16 -4.32 21.92
N GLY B 169 28.68 -4.63 23.10
CA GLY B 169 27.99 -4.35 24.35
C GLY B 169 28.21 -2.94 24.84
N SER B 170 28.07 -2.77 26.16
CA SER B 170 28.19 -1.44 26.76
C SER B 170 29.61 -0.91 26.69
N ASN B 171 30.62 -1.78 26.79
CA ASN B 171 31.99 -1.32 26.84
C ASN B 171 32.47 -0.75 25.51
N SER B 172 31.64 -0.78 24.47
CA SER B 172 31.99 -0.26 23.16
C SER B 172 30.93 0.72 22.67
N ASP B 173 30.52 1.65 23.52
CA ASP B 173 29.44 2.57 23.18
C ASP B 173 29.90 3.97 22.75
N GLU B 174 31.14 4.36 23.05
CA GLU B 174 31.63 5.60 22.47
C GLU B 174 32.52 5.36 21.25
N LYS B 175 33.14 4.20 21.17
CA LYS B 175 33.91 3.82 19.99
C LYS B 175 34.04 2.29 19.96
N PRO B 176 34.17 1.69 18.79
CA PRO B 176 34.33 0.23 18.74
C PRO B 176 35.61 -0.20 19.43
N VAL B 177 35.56 -1.38 20.03
CA VAL B 177 36.65 -1.90 20.85
C VAL B 177 37.11 -3.23 20.29
N MET B 178 38.43 -3.42 20.24
CA MET B 178 39.00 -4.72 19.90
C MET B 178 38.40 -5.82 20.75
N LEU B 179 38.32 -7.02 20.19
CA LEU B 179 37.98 -8.18 20.99
C LEU B 179 39.19 -8.58 21.81
N ASP B 180 38.99 -8.78 23.11
CA ASP B 180 40.10 -9.10 23.99
C ASP B 180 40.68 -10.46 23.62
N ALA B 181 41.98 -10.61 23.88
CA ALA B 181 42.65 -11.88 23.56
C ALA B 181 42.03 -13.03 24.33
N ALA B 182 41.67 -12.81 25.59
CA ALA B 182 41.01 -13.85 26.37
C ALA B 182 39.68 -14.23 25.74
N THR B 183 38.88 -13.25 25.34
CA THR B 183 37.63 -13.55 24.67
C THR B 183 37.88 -14.17 23.30
N TYR B 184 38.88 -13.68 22.57
CA TYR B 184 39.18 -14.23 21.26
C TYR B 184 39.68 -15.66 21.34
N ALA B 185 40.17 -16.12 22.49
CA ALA B 185 40.55 -17.52 22.62
C ALA B 185 39.34 -18.43 22.41
N LYS B 186 38.18 -18.03 22.92
CA LYS B 186 36.97 -18.82 22.72
C LYS B 186 36.59 -18.87 21.25
N ILE B 187 36.74 -17.76 20.53
CA ILE B 187 36.47 -17.77 19.10
C ILE B 187 37.46 -18.67 18.37
N ASP B 188 38.74 -18.55 18.73
CA ASP B 188 39.76 -19.40 18.13
C ASP B 188 39.53 -20.87 18.41
N ALA B 189 38.83 -21.19 19.49
CA ALA B 189 38.48 -22.59 19.75
C ALA B 189 37.62 -23.19 18.64
N TRP B 190 36.90 -22.35 17.87
CA TRP B 190 36.14 -22.85 16.75
C TRP B 190 37.01 -23.36 15.61
N THR B 191 38.30 -23.04 15.62
CA THR B 191 39.17 -23.45 14.53
C THR B 191 39.34 -24.97 14.48
N LYS B 192 39.33 -25.62 15.63
CA LYS B 192 39.56 -27.07 15.67
C LYS B 192 38.48 -27.82 14.89
N SER B 193 37.22 -27.42 15.05
CA SER B 193 36.11 -28.10 14.39
C SER B 193 35.65 -27.31 13.18
N ASP B 194 34.55 -27.76 12.58
CA ASP B 194 33.96 -27.05 11.46
C ASP B 194 33.05 -25.94 11.99
N ILE B 195 32.48 -25.17 11.07
CA ILE B 195 31.70 -23.98 11.39
C ILE B 195 30.48 -23.92 10.49
N THR B 196 29.68 -22.88 10.67
CA THR B 196 28.50 -22.65 9.84
C THR B 196 28.48 -21.20 9.40
N LEU B 197 28.34 -20.99 8.10
CA LEU B 197 28.26 -19.66 7.52
C LEU B 197 26.83 -19.37 7.10
N CYS B 198 26.30 -18.25 7.57
CA CYS B 198 24.97 -17.82 7.19
C CYS B 198 25.07 -16.51 6.44
N ILE B 199 24.40 -16.43 5.29
CA ILE B 199 24.39 -15.23 4.46
C ILE B 199 22.93 -14.86 4.24
N LEU B 200 22.50 -13.75 4.80
CA LEU B 200 21.12 -13.32 4.68
C LEU B 200 21.10 -12.02 3.89
N ALA B 201 20.41 -12.02 2.76
CA ALA B 201 20.37 -10.88 1.86
C ALA B 201 18.94 -10.32 1.89
N LEU B 202 18.74 -9.29 2.70
CA LEU B 202 17.50 -8.55 2.65
C LEU B 202 17.50 -7.63 1.43
N PRO B 203 16.33 -7.21 0.96
CA PRO B 203 16.30 -6.26 -0.15
C PRO B 203 16.74 -4.86 0.26
N MET B 204 17.92 -4.76 0.85
CA MET B 204 18.55 -3.49 1.17
C MET B 204 19.61 -3.21 0.12
N LEU B 205 19.81 -1.94 -0.21
CA LEU B 205 20.72 -1.59 -1.31
C LEU B 205 22.13 -1.29 -0.82
N ARG B 206 22.26 -0.40 0.17
CA ARG B 206 23.59 -0.06 0.68
C ARG B 206 24.26 -1.28 1.32
N ASN B 207 23.56 -1.93 2.25
CA ASN B 207 24.06 -3.13 2.91
C ASN B 207 23.50 -4.32 2.16
N VAL B 208 24.30 -4.88 1.24
CA VAL B 208 23.75 -5.86 0.31
C VAL B 208 23.44 -7.18 1.01
N VAL B 209 24.33 -7.65 1.88
CA VAL B 209 24.14 -8.92 2.57
C VAL B 209 24.63 -8.77 4.01
N MET B 210 24.24 -9.74 4.84
CA MET B 210 24.64 -9.79 6.23
C MET B 210 25.19 -11.18 6.53
N ILE B 211 26.41 -11.23 7.06
CA ILE B 211 27.18 -12.46 7.19
C ILE B 211 27.22 -12.85 8.66
N ARG B 212 27.16 -14.15 8.94
CA ARG B 212 27.26 -14.66 10.29
C ARG B 212 28.08 -15.94 10.30
N LEU B 213 28.80 -16.16 11.39
CA LEU B 213 29.66 -17.31 11.57
C LEU B 213 29.36 -17.96 12.91
N TYR B 214 28.72 -19.13 12.88
CA TYR B 214 28.42 -19.88 14.08
C TYR B 214 29.41 -21.02 14.25
N ALA B 215 29.70 -21.36 15.51
CA ALA B 215 30.53 -22.52 15.79
C ALA B 215 29.84 -23.81 15.36
N SER B 216 28.51 -23.82 15.39
CA SER B 216 27.73 -24.95 14.90
C SER B 216 26.38 -24.42 14.46
N THR B 217 25.68 -25.21 13.65
CA THR B 217 24.43 -24.75 13.06
C THR B 217 23.46 -24.37 14.16
N PRO B 218 22.92 -23.15 14.15
CA PRO B 218 22.01 -22.75 15.22
C PRO B 218 20.62 -23.32 15.02
N THR B 219 19.90 -23.44 16.14
CA THR B 219 18.52 -23.89 16.08
C THR B 219 17.65 -22.89 15.32
N ALA B 220 17.88 -21.59 15.55
CA ALA B 220 17.10 -20.54 14.92
C ALA B 220 17.98 -19.35 14.63
N PHE B 221 17.52 -18.49 13.72
CA PHE B 221 18.22 -17.26 13.38
C PHE B 221 17.82 -16.18 14.37
N THR B 222 18.60 -16.06 15.44
CA THR B 222 18.26 -15.20 16.54
C THR B 222 18.75 -13.77 16.31
N LEU B 223 18.44 -12.89 17.25
CA LEU B 223 18.88 -11.50 17.23
C LEU B 223 19.00 -11.01 18.66
N SER B 224 19.64 -9.85 18.82
CA SER B 224 19.84 -9.27 20.14
C SER B 224 18.63 -8.45 20.54
N GLU B 225 18.23 -8.55 21.81
CA GLU B 225 17.14 -7.72 22.30
C GLU B 225 17.51 -6.25 22.22
N GLY B 226 18.56 -5.86 22.93
CA GLY B 226 19.02 -4.49 22.89
C GLY B 226 19.72 -4.21 21.57
N VAL B 227 19.58 -2.98 21.09
CA VAL B 227 20.25 -2.59 19.85
C VAL B 227 21.77 -2.61 20.06
N PRO B 228 22.53 -3.21 19.14
CA PRO B 228 23.98 -3.33 19.35
C PRO B 228 24.68 -2.00 19.09
N ASN B 229 25.96 -1.98 19.46
CA ASN B 229 26.80 -0.80 19.36
C ASN B 229 27.76 -0.96 18.18
N PHE B 230 27.70 -0.02 17.23
CA PHE B 230 28.64 0.05 16.12
C PHE B 230 28.67 -1.26 15.33
N VAL B 231 27.53 -1.54 14.68
CA VAL B 231 27.46 -2.70 13.79
C VAL B 231 28.50 -2.54 12.70
N GLN B 232 29.50 -3.40 12.69
CA GLN B 232 30.63 -3.22 11.80
C GLN B 232 30.29 -3.70 10.40
N ARG B 233 31.06 -3.21 9.44
CA ARG B 233 30.96 -3.60 8.05
C ARG B 233 32.21 -4.35 7.64
N PHE B 234 32.09 -5.17 6.60
CA PHE B 234 33.21 -5.97 6.14
C PHE B 234 34.37 -5.04 5.77
N PRO B 235 35.61 -5.40 6.11
CA PRO B 235 36.06 -6.66 6.72
C PRO B 235 36.00 -6.70 8.24
N ASN B 236 35.38 -5.72 8.88
CA ASN B 236 35.27 -5.71 10.33
C ASN B 236 34.01 -6.44 10.76
N TRP B 237 34.14 -7.30 11.76
CA TRP B 237 33.04 -8.09 12.28
C TRP B 237 32.59 -7.52 13.63
N SER B 238 31.62 -8.18 14.23
CA SER B 238 31.07 -7.73 15.51
C SER B 238 30.48 -8.93 16.22
N ALA B 239 31.10 -9.32 17.33
CA ALA B 239 30.74 -10.56 18.02
C ALA B 239 29.43 -10.43 18.77
N PHE B 240 28.91 -11.58 19.19
CA PHE B 240 27.70 -11.67 19.99
C PHE B 240 27.84 -12.83 20.95
N THR B 241 27.02 -12.85 21.99
CA THR B 241 27.11 -13.89 22.99
C THR B 241 26.62 -15.23 22.42
N THR B 242 26.65 -16.26 23.27
CA THR B 242 26.18 -17.58 22.84
C THR B 242 24.73 -17.53 22.40
N GLU B 243 23.88 -16.92 23.22
CA GLU B 243 22.53 -16.58 22.80
C GLU B 243 22.57 -15.20 22.15
N GLY B 244 21.42 -14.77 21.62
CA GLY B 244 21.38 -13.50 20.94
C GLY B 244 21.39 -12.32 21.88
N LYS B 245 22.55 -12.04 22.47
CA LYS B 245 22.73 -10.84 23.28
C LYS B 245 24.05 -10.18 22.91
N VAL B 246 24.10 -8.86 23.06
CA VAL B 246 25.33 -8.13 22.78
C VAL B 246 26.43 -8.60 23.72
N LEU B 247 27.67 -8.46 23.27
CA LEU B 247 28.81 -9.07 23.95
C LEU B 247 29.76 -7.99 24.47
N ASN B 248 30.18 -8.15 25.71
CA ASN B 248 31.30 -7.41 26.28
C ASN B 248 32.51 -8.33 26.38
N ASN B 249 33.67 -7.73 26.59
CA ASN B 249 34.89 -8.52 26.73
C ASN B 249 34.78 -9.45 27.93
N GLY B 250 35.14 -10.72 27.71
CA GLY B 250 35.07 -11.73 28.74
C GLY B 250 33.85 -12.63 28.65
N ASP B 251 32.81 -12.23 27.93
CA ASP B 251 31.64 -13.06 27.78
C ASP B 251 31.90 -14.18 26.79
N SER B 252 31.03 -15.19 26.80
CA SER B 252 31.16 -16.31 25.88
C SER B 252 30.57 -15.95 24.52
N PRO B 253 31.33 -16.04 23.44
CA PRO B 253 30.81 -15.68 22.12
C PRO B 253 30.16 -16.86 21.40
N GLY B 254 29.06 -16.56 20.74
CA GLY B 254 28.32 -17.56 20.00
C GLY B 254 28.42 -17.41 18.50
N TYR B 255 28.44 -16.18 18.00
CA TYR B 255 28.58 -15.94 16.57
C TYR B 255 29.05 -14.51 16.34
N ILE B 256 29.69 -14.31 15.19
CA ILE B 256 30.14 -13.00 14.77
C ILE B 256 29.35 -12.59 13.54
N GLN B 257 29.33 -11.30 13.27
CA GLN B 257 28.47 -10.73 12.24
C GLN B 257 29.15 -9.56 11.57
N SER B 258 28.91 -9.40 10.27
CA SER B 258 29.41 -8.27 9.53
C SER B 258 28.56 -8.04 8.30
N PHE B 259 28.10 -6.81 8.11
CA PHE B 259 27.38 -6.46 6.89
C PHE B 259 28.37 -6.30 5.75
N VAL B 260 27.84 -6.03 4.55
CA VAL B 260 28.65 -5.80 3.37
C VAL B 260 28.14 -4.52 2.72
N TYR B 261 28.94 -3.46 2.83
CA TYR B 261 28.51 -2.11 2.48
C TYR B 261 29.08 -1.71 1.13
N LEU B 262 28.21 -1.17 0.26
CA LEU B 262 28.64 -0.67 -1.03
C LEU B 262 28.66 0.86 -0.97
N PRO B 263 29.82 1.50 -0.97
CA PRO B 263 29.83 2.97 -0.83
C PRO B 263 29.36 3.69 -2.08
N ASN B 264 29.66 3.15 -3.26
CA ASN B 264 29.23 3.81 -4.50
C ASN B 264 27.72 3.87 -4.58
N VAL B 265 27.04 2.83 -4.11
CA VAL B 265 25.58 2.85 -4.09
C VAL B 265 25.08 3.98 -3.20
N ASP B 266 25.74 4.18 -2.05
CA ASP B 266 25.36 5.28 -1.17
C ASP B 266 25.56 6.63 -1.85
N LYS B 267 26.71 6.82 -2.49
CA LYS B 267 26.99 8.08 -3.15
C LYS B 267 25.98 8.37 -4.24
N HIS B 268 25.63 7.35 -5.04
CA HIS B 268 24.66 7.56 -6.11
C HIS B 268 23.26 7.79 -5.57
N LEU B 269 22.87 7.04 -4.54
CA LEU B 269 21.53 7.19 -3.99
C LEU B 269 21.35 8.53 -3.31
N SER B 270 22.43 9.13 -2.84
CA SER B 270 22.30 10.47 -2.25
C SER B 270 21.98 11.54 -3.29
N ALA B 271 22.04 11.21 -4.58
CA ALA B 271 21.90 12.21 -5.64
C ALA B 271 20.97 11.70 -6.74
N ALA B 272 19.80 11.18 -6.35
CA ALA B 272 18.82 10.72 -7.33
C ALA B 272 17.42 11.00 -6.80
N ARG B 273 16.53 11.45 -7.69
CA ARG B 273 15.15 11.69 -7.29
C ARG B 273 14.44 10.40 -6.91
N GLY B 274 14.71 9.33 -7.65
CA GLY B 274 14.09 8.05 -7.40
C GLY B 274 14.98 6.95 -7.92
N PHE B 275 14.58 5.71 -7.65
CA PHE B 275 15.36 4.55 -8.06
C PHE B 275 14.44 3.35 -8.11
N ARG B 276 14.96 2.27 -8.70
CA ARG B 276 14.30 0.98 -8.63
C ARG B 276 15.33 -0.10 -8.91
N LEU B 277 15.36 -1.12 -8.07
CA LEU B 277 16.34 -2.19 -8.20
C LEU B 277 15.98 -3.05 -9.39
N LEU B 278 16.75 -2.93 -10.47
CA LEU B 278 16.46 -3.71 -11.67
C LEU B 278 16.78 -5.18 -11.46
N SER B 279 17.95 -5.49 -10.88
CA SER B 279 18.30 -6.88 -10.67
C SER B 279 19.36 -6.99 -9.60
N ARG B 280 19.51 -8.20 -9.05
CA ARG B 280 20.48 -8.46 -8.02
C ARG B 280 20.88 -9.93 -8.06
N GLY B 281 22.16 -10.19 -7.90
CA GLY B 281 22.66 -11.55 -7.93
C GLY B 281 23.87 -11.76 -7.06
N LEU B 282 23.84 -12.84 -6.28
CA LEU B 282 24.93 -13.24 -5.40
C LEU B 282 25.59 -14.48 -5.97
N THR B 283 26.88 -14.63 -5.69
CA THR B 283 27.60 -15.82 -6.14
C THR B 283 28.73 -16.11 -5.17
N GLY B 284 28.71 -17.29 -4.57
CA GLY B 284 29.78 -17.68 -3.68
C GLY B 284 30.54 -18.86 -4.20
N ILE B 285 31.82 -18.67 -4.49
CA ILE B 285 32.71 -19.76 -4.86
C ILE B 285 33.47 -20.15 -3.60
N TYR B 286 33.11 -21.28 -3.03
CA TYR B 286 33.77 -21.77 -1.84
C TYR B 286 35.03 -22.50 -2.22
N THR B 287 36.08 -22.35 -1.41
CA THR B 287 37.28 -23.14 -1.62
C THR B 287 38.03 -23.26 -0.31
N ALA B 288 38.47 -24.47 -0.01
CA ALA B 288 39.16 -24.85 1.20
C ALA B 288 40.37 -25.67 0.80
N PRO B 289 41.35 -25.82 1.70
CA PRO B 289 42.54 -26.60 1.33
C PRO B 289 42.16 -28.01 0.88
N SER B 290 42.86 -28.49 -0.14
CA SER B 290 42.52 -29.77 -0.74
C SER B 290 42.62 -30.88 0.30
N LEU B 291 41.70 -31.85 0.18
CA LEU B 291 41.44 -32.97 1.09
C LEU B 291 40.56 -32.54 2.26
N GLU B 292 40.13 -31.28 2.33
CA GLU B 292 39.13 -30.84 3.30
C GLU B 292 38.02 -30.14 2.51
N THR B 293 37.07 -30.93 2.03
CA THR B 293 36.01 -30.43 1.16
C THR B 293 34.61 -30.67 1.72
N GLN B 294 34.50 -30.97 3.01
CA GLN B 294 33.19 -31.25 3.58
C GLN B 294 32.37 -29.96 3.68
N GLY B 295 31.06 -30.13 3.78
CA GLY B 295 30.16 -29.00 3.96
C GLY B 295 28.94 -29.15 3.06
N PHE B 296 27.82 -28.63 3.53
CA PHE B 296 26.58 -28.66 2.76
C PHE B 296 26.02 -27.26 2.67
N VAL B 297 25.65 -26.85 1.46
CA VAL B 297 25.10 -25.54 1.20
C VAL B 297 23.63 -25.71 0.84
N THR B 298 22.79 -24.90 1.46
CA THR B 298 21.37 -24.84 1.14
C THR B 298 20.95 -23.39 1.03
N ALA B 299 20.35 -23.04 -0.09
CA ALA B 299 20.02 -21.66 -0.39
C ALA B 299 18.54 -21.57 -0.77
N CYS B 300 17.88 -20.51 -0.32
CA CYS B 300 16.49 -20.31 -0.65
C CYS B 300 16.14 -18.85 -0.49
N GLN B 301 15.18 -18.39 -1.29
CA GLN B 301 14.71 -17.02 -1.22
C GLN B 301 13.19 -17.03 -1.09
N TYR B 302 12.67 -16.04 -0.37
CA TYR B 302 11.24 -15.96 -0.14
C TYR B 302 10.87 -14.53 0.16
N LEU B 303 9.66 -14.15 -0.24
CA LEU B 303 9.20 -12.80 0.00
C LEU B 303 8.96 -12.56 1.48
N ALA B 304 9.60 -11.52 2.02
CA ALA B 304 9.39 -11.08 3.40
C ALA B 304 9.07 -9.59 3.31
N GLU B 305 7.80 -9.29 3.11
CA GLU B 305 7.36 -7.94 2.75
C GLU B 305 7.30 -7.08 4.00
N GLY B 306 8.39 -6.35 4.26
CA GLY B 306 8.41 -5.41 5.34
C GLY B 306 7.67 -4.13 5.01
N ALA B 307 7.42 -3.33 6.04
CA ALA B 307 6.72 -2.06 5.86
C ALA B 307 7.07 -1.14 7.01
N LEU B 308 6.74 0.14 6.84
CA LEU B 308 6.99 1.12 7.88
C LEU B 308 5.97 0.96 8.99
N GLN B 309 6.42 0.57 10.18
CA GLN B 309 5.55 0.42 11.33
C GLN B 309 6.25 1.00 12.55
N THR B 310 5.48 1.14 13.63
CA THR B 310 5.97 1.64 14.90
C THR B 310 5.67 0.63 15.98
N GLN B 311 6.43 0.70 17.07
CA GLN B 311 6.29 -0.20 18.19
C GLN B 311 5.66 0.52 19.37
N THR B 312 4.67 -0.11 19.99
CA THR B 312 4.03 0.46 21.17
C THR B 312 5.03 0.49 22.32
N VAL B 313 5.11 1.63 22.99
CA VAL B 313 6.04 1.83 24.09
C VAL B 313 5.30 2.46 25.26
N GLY B 314 5.45 1.88 26.44
CA GLY B 314 4.92 2.46 27.67
C GLY B 314 6.06 2.83 28.60
N ASN B 315 5.97 4.02 29.20
CA ASN B 315 7.07 4.54 30.01
C ASN B 315 6.65 5.10 31.36
N ASP B 316 5.38 5.46 31.57
CA ASP B 316 4.91 5.95 32.86
C ASP B 316 5.68 7.20 33.30
N PHE B 317 5.53 8.27 32.52
CA PHE B 317 6.19 9.52 32.84
C PHE B 317 5.22 10.49 33.51
N VAL B 318 5.76 11.31 34.41
CA VAL B 318 4.94 12.23 35.20
C VAL B 318 4.30 13.26 34.29
N GLN B 319 3.11 13.72 34.68
CA GLN B 319 2.29 14.57 33.83
C GLN B 319 2.17 16.00 34.34
N SER B 320 1.78 16.19 35.60
CA SER B 320 1.54 17.54 36.10
C SER B 320 1.77 17.57 37.60
N VAL B 321 2.69 18.43 38.04
CA VAL B 321 2.97 18.64 39.45
C VAL B 321 2.82 20.12 39.75
N GLU B 322 2.15 20.44 40.86
CA GLU B 322 1.93 21.81 41.27
C GLU B 322 2.73 22.09 42.54
N VAL B 323 3.30 23.30 42.63
CA VAL B 323 4.14 23.70 43.74
C VAL B 323 3.85 25.15 44.10
N ASN B 324 4.34 25.56 45.26
CA ASN B 324 4.27 26.94 45.74
C ASN B 324 5.62 27.37 46.30
N ALA B 325 6.67 27.12 45.49
CA ALA B 325 8.08 27.31 45.90
C ALA B 325 8.45 26.34 47.02
N ASP B 326 8.23 25.05 46.73
CA ASP B 326 8.70 23.95 47.56
C ASP B 326 8.02 23.94 48.93
N LYS B 327 6.68 24.02 48.93
CA LYS B 327 5.93 23.86 50.16
C LYS B 327 4.75 22.90 49.97
N THR B 328 4.23 22.82 48.74
CA THR B 328 3.09 21.94 48.44
C THR B 328 3.39 21.21 47.14
N VAL B 329 3.98 20.02 47.25
CA VAL B 329 4.30 19.18 46.10
C VAL B 329 3.50 17.88 46.23
N LYS B 330 2.33 17.97 46.86
CA LYS B 330 1.57 16.79 47.25
C LYS B 330 1.18 15.92 46.06
N ASN B 331 0.76 16.53 44.95
CA ASN B 331 0.32 15.79 43.78
C ASN B 331 1.39 15.85 42.70
N VAL B 332 1.73 14.67 42.16
CA VAL B 332 2.69 14.56 41.07
C VAL B 332 2.01 14.11 39.78
N ASN B 333 0.97 13.27 39.89
CA ASN B 333 0.09 12.93 38.77
C ASN B 333 0.79 12.13 37.68
N GLY B 334 1.79 11.32 38.04
CA GLY B 334 2.40 10.44 37.07
C GLY B 334 1.46 9.30 36.70
N LYS B 335 1.50 8.91 35.43
CA LYS B 335 0.64 7.84 34.94
C LYS B 335 1.32 7.13 33.79
N ARG B 336 0.90 5.89 33.56
CA ARG B 336 1.43 5.08 32.48
C ARG B 336 0.78 5.47 31.16
N LEU B 337 1.60 5.70 30.14
CA LEU B 337 1.12 6.11 28.84
C LEU B 337 1.72 5.21 27.77
N HIS B 338 0.88 4.73 26.87
CA HIS B 338 1.31 3.92 25.73
C HIS B 338 1.29 4.78 24.48
N TYR B 339 2.43 4.88 23.81
CA TYR B 339 2.54 5.69 22.61
C TYR B 339 3.24 4.88 21.52
N SER B 340 3.53 5.53 20.40
CA SER B 340 4.21 4.88 19.29
C SER B 340 5.68 5.27 19.29
N GLY B 341 6.55 4.27 19.25
CA GLY B 341 7.96 4.53 19.13
C GLY B 341 8.29 5.10 17.76
N PRO B 342 9.56 5.44 17.55
CA PRO B 342 9.97 6.01 16.28
C PRO B 342 9.67 5.06 15.14
N PRO B 343 9.18 5.56 14.01
CA PRO B 343 8.86 4.67 12.89
C PRO B 343 10.09 4.00 12.33
N LYS B 344 9.91 2.77 11.88
CA LYS B 344 11.01 2.02 11.31
C LYS B 344 10.46 0.99 10.33
N PHE B 345 11.32 0.58 9.40
CA PHE B 345 10.93 -0.41 8.41
C PHE B 345 11.15 -1.80 9.00
N VAL B 346 10.06 -2.54 9.18
CA VAL B 346 10.08 -3.85 9.82
C VAL B 346 10.02 -4.93 8.76
N PHE B 347 10.90 -5.92 8.89
CA PHE B 347 10.92 -7.09 8.02
C PHE B 347 10.35 -8.28 8.76
N PRO B 348 9.32 -8.92 8.25
CA PRO B 348 8.84 -10.16 8.87
C PRO B 348 9.67 -11.35 8.39
N LEU B 349 10.53 -11.85 9.26
CA LEU B 349 11.23 -13.11 9.01
C LEU B 349 11.34 -13.81 10.35
N GLU B 350 10.79 -15.01 10.42
CA GLU B 350 10.53 -15.65 11.70
C GLU B 350 11.75 -16.47 12.09
N GLY B 351 12.16 -16.34 13.36
CA GLY B 351 13.46 -16.85 13.76
C GLY B 351 13.60 -18.36 13.63
N ASP B 352 12.60 -19.10 14.12
CA ASP B 352 12.69 -20.56 14.13
C ASP B 352 12.65 -21.17 12.73
N ASN B 353 12.21 -20.42 11.72
CA ASN B 353 12.01 -20.94 10.38
C ASN B 353 13.14 -20.65 9.41
N CYS B 354 14.22 -20.03 9.87
CA CYS B 354 15.35 -19.82 8.98
C CYS B 354 16.41 -20.90 9.10
N ALA B 355 16.16 -21.93 9.90
CA ALA B 355 17.06 -23.06 9.98
C ALA B 355 17.12 -23.76 8.62
N PRO B 356 18.25 -24.37 8.27
CA PRO B 356 18.37 -24.98 6.94
C PRO B 356 17.33 -26.05 6.65
N SER B 357 17.01 -26.90 7.64
CA SER B 357 16.06 -27.97 7.42
C SER B 357 14.68 -27.41 7.11
N SER B 358 14.25 -26.39 7.85
CA SER B 358 12.93 -25.83 7.65
C SER B 358 12.79 -25.27 6.24
N LEU B 359 13.82 -24.57 5.75
CA LEU B 359 13.76 -23.99 4.42
C LEU B 359 13.80 -25.08 3.35
N VAL B 360 14.71 -26.04 3.47
CA VAL B 360 14.83 -27.06 2.44
C VAL B 360 13.60 -27.96 2.41
N GLU B 361 12.86 -28.07 3.51
CA GLU B 361 11.69 -28.93 3.57
C GLU B 361 10.40 -28.17 3.26
N THR B 362 10.40 -26.85 3.41
CA THR B 362 9.19 -26.08 3.17
C THR B 362 9.08 -25.61 1.73
N TYR B 363 10.20 -25.28 1.10
CA TYR B 363 10.18 -24.67 -0.22
C TYR B 363 10.61 -25.68 -1.27
N HIS B 364 9.83 -25.77 -2.36
CA HIS B 364 10.13 -26.72 -3.41
C HIS B 364 11.48 -26.42 -4.05
N GLN B 365 11.70 -25.18 -4.43
CA GLN B 365 12.86 -24.80 -5.23
C GLN B 365 14.07 -24.47 -4.38
N ALA B 366 14.01 -24.69 -3.07
CA ALA B 366 15.14 -24.41 -2.21
C ALA B 366 16.32 -25.26 -2.64
N TYR B 367 17.31 -24.62 -3.25
CA TYR B 367 18.46 -25.35 -3.78
C TYR B 367 19.30 -25.91 -2.65
N GLN B 368 19.88 -27.08 -2.88
CA GLN B 368 20.81 -27.65 -1.92
C GLN B 368 21.84 -28.45 -2.68
N ALA B 369 23.08 -28.41 -2.22
CA ALA B 369 24.15 -29.17 -2.85
C ALA B 369 25.31 -29.26 -1.87
N ARG B 370 26.37 -29.96 -2.30
CA ARG B 370 27.60 -29.99 -1.55
C ARG B 370 28.25 -28.62 -1.60
N ALA B 371 28.97 -28.27 -0.54
CA ALA B 371 29.48 -26.92 -0.40
C ALA B 371 30.46 -26.56 -1.52
N VAL B 372 31.30 -27.51 -1.92
CA VAL B 372 32.32 -27.24 -2.92
C VAL B 372 31.70 -26.77 -4.22
N ASP B 373 30.45 -27.15 -4.48
CA ASP B 373 29.78 -26.70 -5.70
C ASP B 373 29.52 -25.20 -5.72
N GLY B 374 29.69 -24.51 -4.60
CA GLY B 374 29.41 -23.09 -4.58
C GLY B 374 27.93 -22.85 -4.69
N PHE B 375 27.58 -21.58 -4.89
CA PHE B 375 26.18 -21.24 -5.09
C PHE B 375 26.08 -19.97 -5.90
N TYR B 376 24.92 -19.76 -6.50
CA TYR B 376 24.67 -18.57 -7.32
C TYR B 376 23.18 -18.29 -7.22
N MET B 377 22.83 -17.23 -6.50
CA MET B 377 21.42 -16.90 -6.27
C MET B 377 21.05 -15.64 -7.03
N PRO B 378 20.19 -15.72 -8.02
CA PRO B 378 19.57 -14.51 -8.55
C PRO B 378 18.35 -14.13 -7.75
N ILE B 379 18.27 -12.90 -7.26
CA ILE B 379 17.13 -12.47 -6.46
C ILE B 379 16.00 -12.07 -7.39
N LEU B 380 14.85 -12.71 -7.21
CA LEU B 380 13.69 -12.47 -8.06
C LEU B 380 12.74 -11.51 -7.37
N SER B 381 12.14 -10.62 -8.15
CA SER B 381 11.09 -9.77 -7.62
C SER B 381 9.84 -10.60 -7.33
N SER B 382 8.92 -10.01 -6.58
CA SER B 382 7.69 -10.68 -6.21
C SER B 382 6.45 -10.01 -6.75
N SER B 383 6.58 -8.96 -7.56
CA SER B 383 5.43 -8.20 -8.02
C SER B 383 5.50 -8.02 -9.52
N ARG B 384 4.32 -7.70 -10.09
CA ARG B 384 4.21 -7.44 -11.53
C ARG B 384 4.97 -6.18 -11.91
N ASP B 385 4.72 -5.08 -11.23
CA ASP B 385 5.31 -3.80 -11.57
C ASP B 385 6.57 -3.54 -10.75
N ASN B 386 7.17 -2.37 -10.98
CA ASN B 386 8.39 -1.95 -10.28
C ASN B 386 8.46 -0.44 -10.29
N PRO B 387 7.64 0.22 -9.46
CA PRO B 387 7.61 1.68 -9.47
C PRO B 387 8.89 2.28 -8.90
N PHE B 388 9.14 3.52 -9.28
CA PHE B 388 10.27 4.25 -8.70
C PHE B 388 10.00 4.57 -7.24
N ILE B 389 11.05 4.54 -6.43
CA ILE B 389 10.98 4.93 -5.03
C ILE B 389 11.98 6.06 -4.82
N SER B 390 11.51 7.15 -4.22
CA SER B 390 12.43 8.21 -3.83
C SER B 390 13.33 7.71 -2.70
N PRO B 391 14.59 8.17 -2.64
CA PRO B 391 15.51 7.66 -1.62
C PRO B 391 15.04 7.99 -0.21
N LYS B 392 14.62 6.95 0.51
CA LYS B 392 13.98 7.08 1.82
C LYS B 392 14.74 6.19 2.80
N PRO B 393 15.72 6.72 3.51
CA PRO B 393 16.45 5.88 4.47
C PRO B 393 15.86 5.97 5.87
N GLN B 394 15.57 4.82 6.47
CA GLN B 394 15.10 4.73 7.84
C GLN B 394 15.68 3.48 8.46
N PRO B 395 15.76 3.43 9.80
CA PRO B 395 16.32 2.25 10.45
C PRO B 395 15.53 0.99 10.15
N ILE B 396 16.24 -0.14 10.09
CA ILE B 396 15.68 -1.43 9.72
C ILE B 396 15.53 -2.27 10.98
N ALA B 397 14.38 -2.93 11.11
CA ALA B 397 14.11 -3.84 12.21
C ALA B 397 13.56 -5.14 11.67
N VAL B 398 13.55 -6.16 12.52
CA VAL B 398 13.06 -7.49 12.17
C VAL B 398 12.06 -7.95 13.21
N PHE B 399 10.97 -8.57 12.76
CA PHE B 399 9.92 -9.04 13.64
C PHE B 399 10.06 -10.54 13.87
N ASN B 400 9.84 -10.96 15.11
CA ASN B 400 9.79 -12.35 15.51
C ASN B 400 8.48 -12.62 16.25
N ARG B 401 8.23 -13.88 16.56
CA ARG B 401 6.95 -14.27 17.13
C ARG B 401 6.67 -13.50 18.43
N TRP B 402 5.40 -13.10 18.60
CA TRP B 402 5.04 -12.32 19.77
C TRP B 402 5.08 -13.21 21.01
N TYR B 403 5.01 -12.58 22.18
CA TYR B 403 5.15 -13.28 23.45
C TYR B 403 3.88 -13.30 24.27
N TYR B 404 3.23 -12.15 24.45
CA TYR B 404 2.04 -12.04 25.28
C TYR B 404 0.79 -12.14 24.41
N ARG B 405 -0.15 -12.98 24.82
CA ARG B 405 -1.40 -13.11 24.08
C ARG B 405 -2.17 -11.79 24.09
N GLY B 406 -2.27 -11.16 25.25
CA GLY B 406 -2.89 -9.85 25.32
C GLY B 406 -4.36 -9.89 24.98
N CYS B 407 -4.75 -9.09 23.98
CA CYS B 407 -6.15 -8.82 23.69
C CYS B 407 -6.88 -9.99 23.05
N LEU B 408 -6.19 -11.06 22.69
CA LEU B 408 -6.86 -12.20 22.06
C LEU B 408 -7.94 -12.77 22.97
N ASP B 409 -7.62 -12.94 24.24
CA ASP B 409 -8.61 -13.28 25.24
C ASP B 409 -9.24 -12.00 25.79
N PRO B 410 -10.43 -12.10 26.39
CA PRO B 410 -11.03 -10.90 27.00
C PRO B 410 -10.11 -10.31 28.06
N VAL B 411 -9.92 -8.99 27.98
CA VAL B 411 -8.98 -8.28 28.86
C VAL B 411 -9.64 -7.00 29.35
N PRO B 412 -9.16 -6.47 30.47
CA PRO B 412 -9.69 -5.20 30.98
C PRO B 412 -9.41 -4.05 30.03
N ALA B 413 -10.12 -2.94 30.28
CA ALA B 413 -10.01 -1.77 29.43
C ALA B 413 -8.61 -1.17 29.46
N SER B 414 -8.01 -1.10 30.64
CA SER B 414 -6.75 -0.37 30.80
C SER B 414 -5.60 -1.04 30.04
N LYS B 415 -5.62 -2.36 29.91
CA LYS B 415 -4.51 -3.10 29.34
C LYS B 415 -4.71 -3.46 27.88
N VAL B 416 -5.67 -2.84 27.19
CA VAL B 416 -5.82 -3.05 25.76
C VAL B 416 -4.64 -2.47 25.00
N ALA B 417 -4.05 -1.38 25.51
CA ALA B 417 -2.95 -0.73 24.80
C ALA B 417 -1.76 -1.66 24.67
N ASP B 418 -1.45 -2.43 25.71
CA ASP B 418 -0.39 -3.42 25.62
C ASP B 418 -0.66 -4.43 24.51
N GLY B 419 -1.86 -5.01 24.52
CA GLY B 419 -2.25 -5.97 23.52
C GLY B 419 -1.28 -7.13 23.44
N PRO B 420 -1.13 -7.69 22.24
CA PRO B 420 -0.11 -8.73 22.03
C PRO B 420 1.28 -8.13 22.01
N SER B 421 2.06 -8.43 23.06
CA SER B 421 3.40 -7.86 23.19
C SER B 421 4.29 -8.45 22.10
N GLN B 422 4.51 -7.66 21.06
CA GLN B 422 5.32 -8.06 19.92
C GLN B 422 6.54 -7.16 19.83
N TYR B 423 7.72 -7.76 19.79
CA TYR B 423 8.97 -7.04 19.97
C TYR B 423 9.72 -7.01 18.63
N TYR B 424 10.20 -5.83 18.26
CA TYR B 424 10.96 -5.63 17.04
C TYR B 424 12.45 -5.50 17.38
N TYR B 425 13.29 -6.27 16.70
CA TYR B 425 14.72 -6.24 16.93
C TYR B 425 15.37 -5.25 15.97
N ASP B 426 16.28 -4.44 16.50
CA ASP B 426 17.07 -3.55 15.66
C ASP B 426 18.19 -4.31 14.96
N LEU B 427 18.50 -3.87 13.75
CA LEU B 427 19.77 -4.21 13.09
C LEU B 427 20.78 -3.08 13.18
N ASN B 428 20.38 -1.93 13.74
CA ASN B 428 21.24 -0.76 13.89
C ASN B 428 21.81 -0.28 12.57
N VAL B 429 21.07 -0.51 11.48
CA VAL B 429 21.45 -0.03 10.15
C VAL B 429 20.27 0.69 9.53
N ALA B 430 20.57 1.57 8.59
CA ALA B 430 19.54 2.27 7.83
C ALA B 430 19.85 2.14 6.35
N ASP B 431 18.81 1.94 5.55
CA ASP B 431 19.01 1.77 4.12
C ASP B 431 17.73 2.11 3.37
N ASP B 432 17.90 2.50 2.11
CA ASP B 432 16.76 2.71 1.21
C ASP B 432 16.26 1.33 0.79
N VAL B 433 15.52 0.69 1.70
CA VAL B 433 15.00 -0.64 1.41
C VAL B 433 14.07 -0.60 0.22
N ALA B 434 14.19 -1.61 -0.65
CA ALA B 434 13.34 -1.75 -1.82
C ALA B 434 12.53 -3.03 -1.66
N PRO B 435 11.30 -2.94 -1.17
CA PRO B 435 10.49 -4.14 -1.00
C PRO B 435 10.08 -4.75 -2.34
N LEU B 436 9.26 -5.79 -2.30
CA LEU B 436 8.80 -6.58 -3.44
C LEU B 436 9.89 -7.50 -3.98
N TYR B 437 11.10 -7.44 -3.45
CA TYR B 437 12.15 -8.37 -3.81
C TYR B 437 12.31 -9.42 -2.73
N ASN B 438 12.52 -10.66 -3.14
CA ASN B 438 12.62 -11.76 -2.20
C ASN B 438 13.85 -11.61 -1.31
N THR B 439 13.67 -11.88 -0.02
CA THR B 439 14.81 -11.98 0.87
C THR B 439 15.46 -13.34 0.67
N GLY B 440 16.75 -13.34 0.39
CA GLY B 440 17.50 -14.56 0.19
C GLY B 440 18.23 -14.98 1.45
N VAL B 441 18.55 -16.26 1.53
CA VAL B 441 19.28 -16.79 2.67
C VAL B 441 20.01 -18.05 2.26
N VAL B 442 21.28 -18.13 2.64
CA VAL B 442 22.16 -19.24 2.28
C VAL B 442 22.82 -19.74 3.55
N TRP B 443 22.79 -21.04 3.76
CA TRP B 443 23.45 -21.67 4.89
C TRP B 443 24.51 -22.61 4.34
N MET B 444 25.66 -22.64 5.00
CA MET B 444 26.75 -23.54 4.64
C MET B 444 27.25 -24.14 5.94
N GLU B 445 26.85 -25.37 6.23
CA GLU B 445 27.23 -26.00 7.49
C GLU B 445 28.35 -27.00 7.26
N GLY B 446 29.19 -27.18 8.28
CA GLY B 446 30.25 -28.15 8.20
C GLY B 446 31.46 -27.70 7.42
N ILE B 447 31.45 -26.49 6.89
CA ILE B 447 32.57 -26.02 6.09
C ILE B 447 33.82 -25.95 6.97
N SER B 448 34.99 -26.07 6.34
CA SER B 448 36.23 -26.09 7.08
C SER B 448 36.47 -24.75 7.77
N SER B 449 37.22 -24.80 8.87
CA SER B 449 37.41 -23.60 9.68
C SER B 449 38.16 -22.52 8.92
N LYS B 450 39.24 -22.90 8.23
CA LYS B 450 40.03 -21.95 7.45
C LYS B 450 39.67 -21.99 5.96
N PHE B 451 38.39 -22.12 5.69
CA PHE B 451 37.83 -21.96 4.36
C PHE B 451 38.12 -20.57 3.81
N SER B 452 37.76 -20.38 2.55
CA SER B 452 37.74 -19.06 1.94
C SER B 452 36.59 -19.02 0.95
N LEU B 453 35.66 -18.10 1.16
CA LEU B 453 34.50 -17.93 0.30
C LEU B 453 34.71 -16.69 -0.54
N LYS B 454 34.88 -16.88 -1.84
CA LYS B 454 35.10 -15.79 -2.77
C LYS B 454 33.72 -15.37 -3.29
N LEU B 455 33.21 -14.24 -2.79
CA LEU B 455 31.83 -13.85 -3.01
C LEU B 455 31.77 -12.65 -3.94
N LYS B 456 31.05 -12.78 -5.04
CA LYS B 456 30.78 -11.67 -5.93
C LYS B 456 29.29 -11.33 -5.94
N THR B 457 29.01 -10.06 -6.22
CA THR B 457 27.65 -9.55 -6.19
C THR B 457 27.49 -8.57 -7.34
N ARG B 458 26.39 -8.70 -8.07
CA ARG B 458 26.07 -7.76 -9.15
C ARG B 458 24.69 -7.20 -8.91
N THR B 459 24.61 -5.87 -8.82
CA THR B 459 23.36 -5.17 -8.53
C THR B 459 23.15 -4.11 -9.59
N VAL B 460 22.00 -4.15 -10.27
CA VAL B 460 21.68 -3.23 -11.34
C VAL B 460 20.51 -2.37 -10.88
N ILE B 461 20.72 -1.05 -10.85
CA ILE B 461 19.75 -0.09 -10.34
C ILE B 461 19.56 1.01 -11.38
N GLN B 462 18.31 1.42 -11.56
CA GLN B 462 17.95 2.49 -12.48
C GLN B 462 17.58 3.73 -11.69
N TYR B 463 18.29 4.83 -11.93
CA TYR B 463 18.08 6.07 -11.21
C TYR B 463 17.40 7.10 -12.12
N ILE B 464 16.75 8.06 -11.49
CA ILE B 464 16.31 9.28 -12.15
C ILE B 464 17.19 10.40 -11.59
N PRO B 465 18.20 10.84 -12.33
CA PRO B 465 19.21 11.72 -11.75
C PRO B 465 18.65 13.08 -11.38
N THR B 466 19.26 13.69 -10.36
CA THR B 466 19.05 15.09 -10.06
C THR B 466 20.08 15.90 -10.83
N SER B 467 19.62 16.84 -11.65
CA SER B 467 20.54 17.60 -12.47
C SER B 467 21.53 18.37 -11.60
N GLY B 468 22.79 18.37 -12.03
CA GLY B 468 23.87 18.88 -11.21
C GLY B 468 24.64 17.81 -10.48
N SER B 469 24.13 16.58 -10.44
CA SER B 469 24.86 15.47 -9.87
C SER B 469 25.67 14.76 -10.95
N VAL B 470 26.52 13.83 -10.52
CA VAL B 470 27.32 13.06 -11.48
C VAL B 470 26.42 12.17 -12.32
N LEU B 471 25.33 11.69 -11.73
CA LEU B 471 24.42 10.80 -12.44
C LEU B 471 23.87 11.45 -13.71
N ALA B 472 23.78 12.78 -13.72
CA ALA B 472 23.26 13.49 -14.88
C ALA B 472 24.17 13.39 -16.09
N ASN B 473 25.44 13.04 -15.92
CA ASN B 473 26.36 13.01 -17.05
C ASN B 473 26.33 11.69 -17.80
N PHE B 474 25.66 10.66 -17.28
CA PHE B 474 25.62 9.33 -17.88
C PHE B 474 24.21 8.91 -18.25
N THR B 475 23.33 9.86 -18.52
CA THR B 475 21.92 9.58 -18.70
C THR B 475 21.62 9.02 -20.09
N ARG B 476 20.40 8.50 -20.24
CA ARG B 476 19.99 7.77 -21.43
C ARG B 476 18.49 7.98 -21.63
N HIS B 477 18.09 8.38 -22.83
CA HIS B 477 16.70 8.70 -23.13
C HIS B 477 16.17 7.95 -24.35
N GLU B 478 16.29 6.62 -24.37
CA GLU B 478 15.47 5.80 -25.26
C GLU B 478 14.73 4.76 -24.42
N PRO B 479 13.75 5.20 -23.62
CA PRO B 479 12.93 4.25 -22.88
C PRO B 479 12.06 3.44 -23.81
N THR B 480 11.72 2.23 -23.37
CA THR B 480 10.93 1.30 -24.16
C THR B 480 9.82 0.70 -23.32
N TYR B 481 8.80 0.21 -23.99
CA TYR B 481 7.68 -0.48 -23.35
C TYR B 481 7.46 -1.81 -24.04
N ASP B 482 7.43 -2.89 -23.26
CA ASP B 482 7.10 -4.20 -23.80
C ASP B 482 6.50 -5.00 -22.65
N GLN B 483 5.17 -5.05 -22.58
CA GLN B 483 4.57 -5.61 -21.38
C GLN B 483 4.40 -7.12 -21.49
N VAL B 484 4.55 -7.69 -22.69
CA VAL B 484 4.54 -9.14 -22.79
C VAL B 484 5.77 -9.71 -22.10
N ALA B 485 6.88 -8.97 -22.13
CA ALA B 485 8.04 -9.36 -21.32
C ALA B 485 7.70 -9.34 -19.83
N LEU B 486 6.93 -8.34 -19.39
CA LEU B 486 6.52 -8.30 -17.99
C LEU B 486 5.60 -9.48 -17.65
N ASP B 487 4.69 -9.81 -18.57
CA ASP B 487 3.84 -10.98 -18.35
C ASP B 487 4.66 -12.25 -18.28
N ALA B 488 5.69 -12.36 -19.11
CA ALA B 488 6.57 -13.52 -19.06
C ALA B 488 7.32 -13.57 -17.73
N ALA B 489 7.76 -12.41 -17.23
CA ALA B 489 8.41 -12.37 -15.93
C ALA B 489 7.45 -12.81 -14.83
N ASP B 490 6.19 -12.41 -14.93
CA ASP B 490 5.19 -12.88 -13.98
C ASP B 490 5.01 -14.39 -14.08
N ARG B 491 4.97 -14.91 -15.30
CA ARG B 491 4.87 -16.35 -15.55
C ARG B 491 6.01 -17.12 -14.89
N ILE B 492 7.25 -16.73 -15.18
CA ILE B 492 8.39 -17.61 -14.95
C ILE B 492 8.87 -17.58 -13.51
N ARG B 493 8.42 -16.62 -12.70
CA ARG B 493 8.94 -16.45 -11.35
C ARG B 493 8.75 -17.71 -10.51
N ASN B 494 7.58 -18.35 -10.63
CA ASN B 494 7.31 -19.53 -9.83
C ASN B 494 8.15 -20.72 -10.27
N MET B 495 8.37 -20.87 -11.57
CA MET B 495 9.00 -22.08 -12.09
C MET B 495 10.51 -22.08 -11.95
N MET B 496 11.14 -20.93 -11.75
CA MET B 496 12.59 -20.90 -11.66
C MET B 496 13.06 -21.45 -10.31
N PRO B 497 14.15 -22.20 -10.29
CA PRO B 497 14.72 -22.63 -9.01
C PRO B 497 15.37 -21.46 -8.28
N HIS B 498 15.51 -21.64 -6.98
CA HIS B 498 15.94 -20.53 -6.12
C HIS B 498 17.44 -20.26 -6.23
N ALA B 499 18.23 -21.24 -6.64
CA ALA B 499 19.67 -21.04 -6.76
C ALA B 499 20.24 -22.10 -7.69
N TYR B 500 21.48 -21.88 -8.09
CA TYR B 500 22.20 -22.75 -9.01
C TYR B 500 23.62 -22.95 -8.49
N PRO B 501 24.31 -23.98 -8.96
CA PRO B 501 25.73 -24.10 -8.63
C PRO B 501 26.51 -22.91 -9.19
N ALA B 502 27.63 -22.61 -8.54
CA ALA B 502 28.39 -21.41 -8.89
C ALA B 502 28.86 -21.47 -10.34
N ALA B 503 29.34 -22.63 -10.79
CA ALA B 503 29.85 -22.76 -12.14
C ALA B 503 28.77 -22.66 -13.20
N TYR B 504 27.49 -22.77 -12.81
CA TYR B 504 26.40 -22.77 -13.78
C TYR B 504 25.92 -21.34 -14.00
N ASN B 505 26.80 -20.55 -14.60
CA ASN B 505 26.48 -19.19 -15.01
C ASN B 505 26.11 -19.10 -16.49
N ASP B 506 26.02 -20.23 -17.17
CA ASP B 506 25.65 -20.27 -18.59
C ASP B 506 24.42 -21.15 -18.76
N TRP B 507 23.41 -20.62 -19.44
CA TRP B 507 22.17 -21.34 -19.72
C TRP B 507 22.02 -21.59 -21.21
N GLY B 508 21.21 -22.58 -21.54
CA GLY B 508 20.82 -22.86 -22.91
C GLY B 508 19.35 -22.73 -23.22
N TRP B 509 18.53 -22.28 -22.27
CA TRP B 509 17.08 -22.29 -22.46
C TRP B 509 16.44 -20.98 -22.03
N LEU B 510 16.99 -19.85 -22.46
CA LEU B 510 16.33 -18.57 -22.24
C LEU B 510 15.51 -18.13 -23.46
N GLY B 511 16.16 -18.03 -24.62
CA GLY B 511 15.49 -17.49 -25.79
C GLY B 511 14.26 -18.24 -26.26
N ASP B 512 14.15 -19.52 -25.91
CA ASP B 512 13.02 -20.35 -26.32
C ASP B 512 12.05 -20.64 -25.18
N LEU B 513 12.50 -20.65 -23.93
CA LEU B 513 11.57 -20.83 -22.81
C LEU B 513 10.55 -19.71 -22.77
N LEU B 514 10.99 -18.49 -23.06
CA LEU B 514 10.04 -17.39 -23.21
C LEU B 514 9.05 -17.68 -24.33
N ASP B 515 9.53 -18.27 -25.43
CA ASP B 515 8.63 -18.69 -26.51
C ASP B 515 7.67 -19.76 -26.04
N SER B 516 8.16 -20.71 -25.24
CA SER B 516 7.29 -21.76 -24.71
C SER B 516 6.18 -21.16 -23.85
N THR B 517 6.52 -20.16 -23.03
CA THR B 517 5.50 -19.40 -22.32
C THR B 517 4.55 -18.72 -23.30
N LEU B 518 5.10 -18.13 -24.36
CA LEU B 518 4.29 -17.44 -25.36
C LEU B 518 3.26 -18.38 -25.97
N SER B 519 3.58 -19.68 -26.04
CA SER B 519 2.71 -20.63 -26.73
C SER B 519 1.27 -20.55 -26.20
N MET B 520 1.07 -20.86 -24.92
CA MET B 520 -0.20 -20.65 -24.26
C MET B 520 -0.18 -19.43 -23.33
N LEU B 521 0.52 -18.38 -23.71
CA LEU B 521 0.30 -17.11 -23.04
C LEU B 521 -1.12 -16.65 -23.37
N PRO B 522 -1.98 -16.48 -22.36
CA PRO B 522 -3.38 -16.17 -22.64
C PRO B 522 -3.59 -14.85 -23.36
N GLY B 523 -2.59 -13.97 -23.39
CA GLY B 523 -2.70 -12.75 -24.18
C GLY B 523 -2.93 -13.04 -25.65
N ILE B 524 -2.31 -14.10 -26.16
CA ILE B 524 -2.52 -14.55 -27.52
C ILE B 524 -3.32 -15.84 -27.49
N GLY B 525 -4.44 -15.87 -28.20
CA GLY B 525 -5.28 -17.06 -28.20
C GLY B 525 -4.57 -18.28 -28.74
N THR B 526 -3.83 -18.12 -29.84
CA THR B 526 -3.05 -19.19 -30.43
C THR B 526 -1.76 -18.58 -30.97
N ALA B 527 -0.66 -18.75 -30.23
CA ALA B 527 0.62 -18.16 -30.61
C ALA B 527 1.36 -18.97 -31.67
N TYR B 528 0.91 -20.19 -31.96
CA TYR B 528 1.54 -21.02 -32.99
C TYR B 528 3.03 -21.15 -32.76
N ARG B 529 3.43 -21.40 -31.52
CA ARG B 529 4.84 -21.47 -31.16
C ARG B 529 5.32 -22.92 -31.19
N PHE B 530 6.52 -23.12 -31.74
CA PHE B 530 7.09 -24.44 -31.92
C PHE B 530 8.35 -24.64 -31.10
N ALA B 531 8.59 -23.79 -30.10
CA ALA B 531 9.84 -23.82 -29.36
C ALA B 531 10.06 -25.15 -28.65
N LYS B 532 9.22 -25.45 -27.65
CA LYS B 532 9.36 -26.64 -26.83
C LYS B 532 8.09 -26.88 -26.01
N PRO B 533 7.68 -28.14 -25.84
CA PRO B 533 6.65 -28.43 -24.84
C PRO B 533 7.25 -28.58 -23.46
N LEU B 534 6.57 -28.00 -22.47
CA LEU B 534 7.11 -27.94 -21.12
C LEU B 534 7.24 -29.33 -20.53
N ILE B 535 8.37 -29.56 -19.84
CA ILE B 535 8.66 -30.84 -19.21
C ILE B 535 9.01 -30.58 -17.76
N LYS B 536 8.52 -31.45 -16.87
CA LYS B 536 8.77 -31.30 -15.44
C LYS B 536 10.24 -31.51 -15.14
N PRO B 537 10.93 -30.55 -14.52
CA PRO B 537 12.35 -30.72 -14.20
C PRO B 537 12.57 -31.32 -12.82
N ALA B 538 13.71 -31.98 -12.68
CA ALA B 538 14.12 -32.62 -11.42
C ALA B 538 15.60 -32.31 -11.21
N TRP B 539 15.88 -31.30 -10.40
CA TRP B 539 17.25 -30.83 -10.17
C TRP B 539 17.82 -31.55 -8.95
N ASN B 540 18.60 -32.60 -9.20
CA ASN B 540 19.29 -33.33 -8.14
C ASN B 540 20.74 -32.82 -8.04
N TRP B 541 20.87 -31.59 -7.52
CA TRP B 541 22.16 -30.93 -7.51
C TRP B 541 23.14 -31.59 -6.54
N LEU B 542 22.63 -32.27 -5.51
CA LEU B 542 23.53 -32.95 -4.58
C LEU B 542 24.32 -34.05 -5.27
N GLY B 543 23.64 -34.85 -6.11
CA GLY B 543 24.31 -35.94 -6.80
C GLY B 543 23.35 -36.59 -7.77
N GLY B 544 23.90 -37.45 -8.61
CA GLY B 544 23.13 -38.13 -9.61
C GLY B 544 22.82 -37.25 -10.81
N LYS B 545 21.95 -37.77 -11.67
CA LYS B 545 21.56 -37.03 -12.87
C LYS B 545 20.68 -35.84 -12.51
N VAL B 546 20.83 -34.76 -13.27
CA VAL B 546 20.04 -33.55 -13.13
C VAL B 546 19.28 -33.32 -14.42
N SER B 547 17.97 -33.12 -14.32
CA SER B 547 17.10 -32.89 -15.46
C SER B 547 16.69 -31.42 -15.49
N ASP B 548 16.89 -30.79 -16.65
CA ASP B 548 16.53 -29.38 -16.82
C ASP B 548 15.04 -29.28 -17.18
N PHE B 549 14.63 -28.10 -17.62
CA PHE B 549 13.23 -27.88 -17.99
C PHE B 549 12.80 -28.69 -19.21
N PHE B 550 13.75 -29.25 -19.96
CA PHE B 550 13.43 -30.00 -21.17
C PHE B 550 14.02 -31.41 -21.17
N GLY B 551 14.55 -31.87 -20.04
CA GLY B 551 15.08 -33.21 -19.93
C GLY B 551 16.48 -33.41 -20.44
N ASN B 552 17.13 -32.37 -20.94
CA ASN B 552 18.49 -32.51 -21.43
C ASN B 552 19.48 -32.47 -20.28
N PRO B 553 20.32 -33.48 -20.10
CA PRO B 553 21.28 -33.47 -19.00
C PRO B 553 22.31 -32.35 -19.16
N VAL B 554 22.76 -31.83 -18.02
CA VAL B 554 23.76 -30.77 -17.99
C VAL B 554 25.14 -31.40 -18.02
N SER B 555 26.06 -30.77 -18.77
CA SER B 555 27.42 -31.28 -18.91
C SER B 555 28.28 -30.72 -17.78
N ARG B 556 28.18 -31.35 -16.63
CA ARG B 556 28.99 -31.01 -15.47
C ARG B 556 30.01 -32.12 -15.22
N ASP B 557 31.27 -31.77 -15.16
CA ASP B 557 32.37 -32.72 -14.97
C ASP B 557 33.62 -31.94 -14.62
N GLY B 558 34.75 -32.62 -14.56
CA GLY B 558 36.02 -31.99 -14.24
C GLY B 558 37.20 -32.92 -14.44
N SER C 96 -30.93 -29.12 -17.36
CA SER C 96 -30.70 -28.45 -18.64
C SER C 96 -29.55 -29.10 -19.39
N ARG C 97 -29.44 -30.43 -19.26
CA ARG C 97 -28.36 -31.15 -19.92
C ARG C 97 -28.49 -31.10 -21.44
N ILE C 98 -29.72 -31.21 -21.96
CA ILE C 98 -29.93 -31.26 -23.40
C ILE C 98 -29.40 -30.00 -24.07
N THR C 99 -29.41 -28.88 -23.35
CA THR C 99 -28.95 -27.61 -23.91
C THR C 99 -27.52 -27.75 -24.44
N ARG C 100 -26.56 -28.06 -23.57
CA ARG C 100 -25.19 -28.22 -24.02
C ARG C 100 -24.92 -29.61 -24.59
N ARG C 101 -25.89 -30.52 -24.56
CA ARG C 101 -25.79 -31.72 -25.39
C ARG C 101 -25.94 -31.37 -26.87
N VAL C 102 -26.86 -30.46 -27.21
CA VAL C 102 -27.16 -30.18 -28.60
C VAL C 102 -26.37 -29.00 -29.18
N VAL C 103 -25.88 -28.09 -28.34
CA VAL C 103 -25.16 -26.91 -28.83
C VAL C 103 -23.65 -27.09 -28.73
N SER C 104 -23.18 -28.28 -28.38
CA SER C 104 -21.74 -28.53 -28.26
C SER C 104 -21.08 -28.80 -29.60
N ASN C 105 -21.85 -28.93 -30.68
CA ASN C 105 -21.31 -29.27 -31.99
C ASN C 105 -21.23 -28.08 -32.94
N LEU C 106 -21.38 -26.86 -32.43
CA LEU C 106 -21.38 -25.68 -33.29
C LEU C 106 -20.16 -24.80 -33.13
N ALA C 107 -19.36 -24.98 -32.08
CA ALA C 107 -18.18 -24.15 -31.87
C ALA C 107 -17.20 -24.86 -30.97
N ARG C 108 -15.97 -24.37 -30.96
CA ARG C 108 -14.86 -24.96 -30.20
C ARG C 108 -14.44 -24.00 -29.09
N ARG C 109 -13.36 -24.37 -28.39
CA ARG C 109 -12.92 -23.65 -27.20
C ARG C 109 -11.41 -23.42 -27.23
N PRO C 110 -10.96 -22.16 -27.23
CA PRO C 110 -9.53 -21.87 -27.03
C PRO C 110 -9.12 -22.05 -25.58
N LEU C 111 -7.90 -21.62 -25.25
CA LEU C 111 -7.40 -21.68 -23.87
C LEU C 111 -8.42 -21.14 -22.88
N THR C 112 -8.88 -22.01 -21.98
CA THR C 112 -9.83 -21.63 -20.94
C THR C 112 -9.37 -22.12 -19.58
N ILE C 113 -10.28 -22.07 -18.59
CA ILE C 113 -9.91 -22.41 -17.23
C ILE C 113 -9.59 -23.89 -17.12
N THR C 114 -8.77 -24.23 -16.13
CA THR C 114 -8.52 -25.61 -15.79
C THR C 114 -9.61 -26.11 -14.84
N THR C 115 -9.45 -27.34 -14.37
CA THR C 115 -10.39 -27.85 -13.37
C THR C 115 -10.10 -27.27 -11.99
N ALA C 116 -8.83 -26.98 -11.69
CA ALA C 116 -8.49 -26.46 -10.37
C ALA C 116 -8.94 -25.01 -10.20
N GLY C 117 -8.70 -24.17 -11.21
CA GLY C 117 -9.20 -22.82 -11.14
C GLY C 117 -10.71 -22.77 -11.05
N LEU C 118 -11.37 -23.67 -11.78
CA LEU C 118 -12.81 -23.84 -11.66
C LEU C 118 -13.22 -24.21 -10.24
N ALA C 119 -12.53 -25.17 -9.63
CA ALA C 119 -12.86 -25.59 -8.28
C ALA C 119 -12.68 -24.45 -7.28
N TRP C 120 -11.59 -23.69 -7.42
CA TRP C 120 -11.39 -22.55 -6.53
C TRP C 120 -12.46 -21.50 -6.73
N LEU C 121 -12.79 -21.19 -7.98
CA LEU C 121 -13.78 -20.16 -8.23
C LEU C 121 -15.15 -20.58 -7.70
N ARG C 122 -15.45 -21.88 -7.71
CA ARG C 122 -16.75 -22.31 -7.21
C ARG C 122 -16.74 -22.46 -5.69
N GLN C 123 -15.56 -22.61 -5.07
CA GLN C 123 -15.56 -22.48 -3.63
C GLN C 123 -15.49 -21.03 -3.18
N TYR C 124 -15.17 -20.10 -4.08
CA TYR C 124 -15.06 -18.69 -3.74
C TYR C 124 -16.36 -17.93 -3.96
N LEU C 125 -17.03 -18.16 -5.10
CA LEU C 125 -18.32 -17.50 -5.32
C LEU C 125 -19.41 -18.09 -4.44
N ASN C 126 -19.43 -19.40 -4.29
CA ASN C 126 -20.47 -20.10 -3.54
C ASN C 126 -19.79 -20.99 -2.51
N PRO C 127 -19.30 -20.38 -1.41
CA PRO C 127 -18.52 -21.17 -0.44
C PRO C 127 -19.29 -22.28 0.23
N MET C 128 -20.62 -22.15 0.36
CA MET C 128 -21.39 -23.10 1.15
C MET C 128 -22.40 -23.86 0.30
N GLY C 129 -22.07 -24.10 -0.97
CA GLY C 129 -22.93 -24.86 -1.83
C GLY C 129 -22.51 -26.32 -1.87
N PRO C 130 -22.48 -26.91 -3.08
CA PRO C 130 -21.98 -28.27 -3.22
C PRO C 130 -20.46 -28.37 -3.18
N SER C 131 -19.75 -27.24 -3.15
CA SER C 131 -18.30 -27.24 -3.12
C SER C 131 -17.72 -27.67 -1.79
N THR C 132 -18.55 -28.09 -0.84
CA THR C 132 -18.04 -28.61 0.42
C THR C 132 -17.35 -29.95 0.27
N SER C 133 -17.52 -30.63 -0.87
CA SER C 133 -16.90 -31.93 -1.07
C SER C 133 -15.38 -31.84 -1.05
N SER C 134 -14.82 -30.84 -1.70
CA SER C 134 -13.37 -30.68 -1.80
C SER C 134 -13.00 -29.21 -1.71
N VAL C 135 -11.76 -28.96 -1.31
CA VAL C 135 -11.23 -27.61 -1.19
C VAL C 135 -10.00 -27.48 -2.08
N SER C 136 -9.83 -26.30 -2.67
CA SER C 136 -8.70 -26.04 -3.54
C SER C 136 -8.12 -24.67 -3.22
N GLY C 137 -6.82 -24.51 -3.48
CA GLY C 137 -6.13 -23.30 -3.13
C GLY C 137 -6.27 -22.21 -4.17
N PHE C 138 -5.69 -21.06 -3.83
CA PHE C 138 -5.70 -19.93 -4.75
C PHE C 138 -4.85 -20.25 -5.96
N PRO C 139 -5.37 -20.11 -7.17
CA PRO C 139 -4.60 -20.45 -8.37
C PRO C 139 -3.60 -19.37 -8.78
N ASP C 140 -2.46 -19.36 -8.09
CA ASP C 140 -1.38 -18.44 -8.43
C ASP C 140 -0.02 -19.11 -8.56
N GLY C 141 0.05 -20.44 -8.45
CA GLY C 141 1.31 -21.14 -8.58
C GLY C 141 2.33 -20.74 -7.53
N SER C 142 1.91 -20.69 -6.26
CA SER C 142 2.79 -20.21 -5.21
C SER C 142 4.04 -21.06 -5.06
N ALA C 143 3.99 -22.33 -5.47
CA ALA C 143 5.14 -23.23 -5.41
C ALA C 143 5.73 -23.29 -4.01
N VAL C 144 4.86 -23.33 -3.02
CA VAL C 144 5.26 -23.39 -1.61
C VAL C 144 4.35 -24.36 -0.90
N THR C 145 4.89 -25.03 0.12
CA THR C 145 4.09 -25.94 0.93
C THR C 145 2.96 -25.17 1.61
N THR C 146 1.73 -25.57 1.32
CA THR C 146 0.55 -24.95 1.92
C THR C 146 -0.39 -26.02 2.43
N CYS C 147 -1.20 -25.65 3.41
CA CYS C 147 -2.27 -26.51 3.88
C CYS C 147 -3.55 -25.70 3.93
N ILE C 148 -4.62 -26.25 3.38
CA ILE C 148 -5.90 -25.55 3.27
C ILE C 148 -6.83 -26.10 4.33
N ALA C 149 -7.33 -25.22 5.18
CA ALA C 149 -8.21 -25.60 6.28
C ALA C 149 -9.54 -24.89 6.13
N ASP C 150 -10.62 -25.65 6.26
CA ASP C 150 -11.96 -25.10 6.26
C ASP C 150 -12.59 -25.24 7.65
N TYR C 151 -13.29 -24.20 8.07
CA TYR C 151 -13.94 -24.16 9.37
C TYR C 151 -15.43 -23.96 9.15
N THR C 152 -16.23 -24.89 9.64
CA THR C 152 -17.68 -24.78 9.61
C THR C 152 -18.17 -24.70 11.04
N ASN C 153 -18.91 -23.64 11.37
CA ASN C 153 -19.36 -23.40 12.72
C ASN C 153 -20.84 -23.08 12.72
N THR C 154 -21.52 -23.49 13.79
CA THR C 154 -22.95 -23.27 13.93
C THR C 154 -23.24 -22.69 15.29
N PHE C 155 -24.17 -21.75 15.34
CA PHE C 155 -24.53 -21.06 16.56
C PHE C 155 -26.04 -20.85 16.57
N ASN C 156 -26.60 -20.81 17.77
CA ASN C 156 -28.04 -20.67 17.96
C ASN C 156 -28.28 -19.33 18.64
N ILE C 157 -28.36 -18.26 17.84
CA ILE C 157 -28.60 -16.94 18.42
C ILE C 157 -30.04 -16.88 18.91
N SER C 158 -30.21 -16.46 20.16
CA SER C 158 -31.53 -16.32 20.75
C SER C 158 -31.47 -15.17 21.73
N PHE C 159 -32.63 -14.80 22.26
CA PHE C 159 -32.64 -13.76 23.28
C PHE C 159 -31.98 -14.31 24.53
N PRO C 160 -30.78 -13.84 24.90
CA PRO C 160 -30.04 -14.52 25.97
C PRO C 160 -30.72 -14.34 27.31
N PRO C 161 -30.57 -15.31 28.20
CA PRO C 161 -31.07 -15.13 29.56
C PRO C 161 -30.22 -14.16 30.35
N ARG C 162 -30.52 -13.98 31.64
CA ARG C 162 -29.84 -12.95 32.42
C ARG C 162 -28.35 -13.22 32.56
N GLU C 163 -27.98 -14.49 32.78
CA GLU C 163 -26.60 -14.83 33.09
C GLU C 163 -25.65 -14.65 31.90
N ALA C 164 -26.17 -14.43 30.70
CA ALA C 164 -25.32 -14.27 29.53
C ALA C 164 -24.95 -12.83 29.23
N ILE C 165 -25.37 -11.88 30.06
CA ILE C 165 -25.12 -10.48 29.83
C ILE C 165 -24.04 -10.01 30.79
N TYR C 166 -23.32 -8.95 30.41
CA TYR C 166 -22.21 -8.46 31.21
C TYR C 166 -22.11 -6.96 31.07
N CYS C 167 -21.92 -6.27 32.20
CA CYS C 167 -21.66 -4.85 32.18
C CYS C 167 -20.29 -4.56 31.56
N THR C 168 -20.19 -3.42 30.89
CA THR C 168 -18.94 -3.04 30.22
C THR C 168 -18.34 -1.76 30.77
N GLY C 169 -18.96 -1.18 31.80
CA GLY C 169 -18.50 0.07 32.35
C GLY C 169 -17.39 -0.09 33.37
N SER C 170 -17.30 0.89 34.27
CA SER C 170 -16.23 0.88 35.26
C SER C 170 -16.40 -0.23 36.28
N ASN C 171 -17.63 -0.58 36.62
CA ASN C 171 -17.86 -1.58 37.67
C ASN C 171 -17.46 -2.99 37.24
N SER C 172 -17.02 -3.17 36.01
CA SER C 172 -16.59 -4.47 35.50
C SER C 172 -15.20 -4.39 34.88
N ASP C 173 -14.26 -3.77 35.59
CA ASP C 173 -12.94 -3.55 35.04
C ASP C 173 -11.88 -4.52 35.56
N GLU C 174 -12.12 -5.23 36.67
CA GLU C 174 -11.18 -6.28 37.04
C GLU C 174 -11.70 -7.66 36.62
N LYS C 175 -13.01 -7.82 36.50
CA LYS C 175 -13.61 -9.05 36.00
C LYS C 175 -14.99 -8.74 35.48
N PRO C 176 -15.49 -9.51 34.51
CA PRO C 176 -16.86 -9.27 34.02
C PRO C 176 -17.88 -9.49 35.12
N VAL C 177 -18.96 -8.72 35.06
CA VAL C 177 -19.98 -8.70 36.09
C VAL C 177 -21.33 -9.05 35.47
N MET C 178 -22.08 -9.89 36.16
CA MET C 178 -23.47 -10.16 35.77
C MET C 178 -24.24 -8.87 35.58
N LEU C 179 -25.22 -8.90 34.69
CA LEU C 179 -26.16 -7.80 34.59
C LEU C 179 -27.15 -7.90 35.75
N ASP C 180 -27.33 -6.79 36.46
CA ASP C 180 -28.21 -6.80 37.63
C ASP C 180 -29.64 -7.08 37.21
N ALA C 181 -30.40 -7.70 38.12
CA ALA C 181 -31.79 -8.03 37.82
C ALA C 181 -32.60 -6.78 37.53
N ALA C 182 -32.35 -5.71 38.29
CA ALA C 182 -33.03 -4.45 38.03
C ALA C 182 -32.71 -3.92 36.64
N THR C 183 -31.43 -3.94 36.26
CA THR C 183 -31.07 -3.53 34.91
C THR C 183 -31.63 -4.50 33.87
N TYR C 184 -31.57 -5.80 34.15
CA TYR C 184 -32.09 -6.78 33.21
C TYR C 184 -33.60 -6.67 33.03
N ALA C 185 -34.32 -6.04 33.96
CA ALA C 185 -35.74 -5.83 33.74
C ALA C 185 -35.98 -4.95 32.52
N LYS C 186 -35.14 -3.94 32.32
CA LYS C 186 -35.27 -3.07 31.16
C LYS C 186 -35.02 -3.85 29.87
N ILE C 187 -34.04 -4.76 29.88
CA ILE C 187 -33.80 -5.60 28.71
C ILE C 187 -34.99 -6.52 28.46
N ASP C 188 -35.50 -7.13 29.52
CA ASP C 188 -36.66 -8.00 29.42
C ASP C 188 -37.88 -7.27 28.90
N ALA C 189 -37.95 -5.95 29.12
CA ALA C 189 -39.04 -5.17 28.56
C ALA C 189 -39.08 -5.23 27.03
N TRP C 190 -37.95 -5.54 26.39
CA TRP C 190 -37.95 -5.70 24.93
C TRP C 190 -38.70 -6.95 24.48
N THR C 191 -39.01 -7.86 25.39
CA THR C 191 -39.68 -9.09 24.99
C THR C 191 -41.08 -8.84 24.49
N LYS C 192 -41.76 -7.83 25.04
CA LYS C 192 -43.15 -7.57 24.65
C LYS C 192 -43.26 -7.23 23.17
N SER C 193 -42.34 -6.40 22.67
CA SER C 193 -42.38 -5.95 21.28
C SER C 193 -41.37 -6.73 20.46
N ASP C 194 -41.22 -6.32 19.20
CA ASP C 194 -40.21 -6.91 18.33
C ASP C 194 -38.86 -6.25 18.57
N ILE C 195 -37.84 -6.74 17.87
CA ILE C 195 -36.47 -6.31 18.08
C ILE C 195 -35.78 -6.18 16.73
N THR C 196 -34.50 -5.80 16.77
CA THR C 196 -33.69 -5.67 15.57
C THR C 196 -32.36 -6.37 15.79
N LEU C 197 -31.99 -7.26 14.88
CA LEU C 197 -30.73 -7.98 14.93
C LEU C 197 -29.79 -7.41 13.89
N CYS C 198 -28.59 -7.04 14.31
CA CYS C 198 -27.56 -6.55 13.40
C CYS C 198 -26.38 -7.51 13.43
N ILE C 199 -25.92 -7.91 12.27
CA ILE C 199 -24.78 -8.80 12.13
C ILE C 199 -23.76 -8.12 11.23
N LEU C 200 -22.64 -7.72 11.79
CA LEU C 200 -21.61 -7.03 11.03
C LEU C 200 -20.38 -7.92 10.97
N ALA C 201 -19.96 -8.28 9.76
CA ALA C 201 -18.85 -9.19 9.54
C ALA C 201 -17.72 -8.40 8.90
N LEU C 202 -16.78 -7.95 9.74
CA LEU C 202 -15.55 -7.38 9.24
C LEU C 202 -14.64 -8.50 8.73
N PRO C 203 -13.69 -8.18 7.86
CA PRO C 203 -12.74 -9.21 7.43
C PRO C 203 -11.74 -9.56 8.51
N MET C 204 -12.24 -9.95 9.67
CA MET C 204 -11.42 -10.47 10.76
C MET C 204 -11.57 -11.98 10.78
N LEU C 205 -10.51 -12.68 11.15
CA LEU C 205 -10.53 -14.14 11.06
C LEU C 205 -10.95 -14.80 12.39
N ARG C 206 -10.30 -14.42 13.50
CA ARG C 206 -10.66 -15.02 14.78
C ARG C 206 -12.08 -14.67 15.17
N ASN C 207 -12.42 -13.38 15.15
CA ASN C 207 -13.78 -12.92 15.46
C ASN C 207 -14.52 -12.77 14.13
N VAL C 208 -15.29 -13.79 13.76
CA VAL C 208 -15.83 -13.84 12.41
C VAL C 208 -16.91 -12.79 12.21
N VAL C 209 -17.82 -12.63 13.18
CA VAL C 209 -18.91 -11.67 13.07
C VAL C 209 -19.12 -11.01 14.42
N MET C 210 -19.88 -9.91 14.41
CA MET C 210 -20.22 -9.17 15.60
C MET C 210 -21.73 -8.94 15.61
N ILE C 211 -22.37 -9.33 16.70
CA ILE C 211 -23.82 -9.42 16.79
C ILE C 211 -24.32 -8.30 17.70
N ARG C 212 -25.47 -7.73 17.36
CA ARG C 212 -26.09 -6.69 18.17
C ARG C 212 -27.60 -6.87 18.18
N LEU C 213 -28.21 -6.51 19.30
CA LEU C 213 -29.65 -6.64 19.50
C LEU C 213 -30.20 -5.32 20.00
N TYR C 214 -30.94 -4.61 19.16
CA TYR C 214 -31.57 -3.36 19.54
C TYR C 214 -33.04 -3.58 19.82
N ALA C 215 -33.58 -2.78 20.75
CA ALA C 215 -35.01 -2.81 21.00
C ALA C 215 -35.79 -2.33 19.79
N SER C 216 -35.21 -1.44 19.00
CA SER C 216 -35.81 -0.98 17.75
C SER C 216 -34.69 -0.55 16.83
N THR C 217 -35.00 -0.47 15.54
CA THR C 217 -33.97 -0.20 14.55
C THR C 217 -33.29 1.13 14.86
N PRO C 218 -31.96 1.14 15.01
CA PRO C 218 -31.28 2.39 15.35
C PRO C 218 -31.14 3.31 14.15
N THR C 219 -31.00 4.60 14.45
CA THR C 219 -30.76 5.59 13.40
C THR C 219 -29.42 5.34 12.73
N ALA C 220 -28.40 5.00 13.52
CA ALA C 220 -27.05 4.80 13.00
C ALA C 220 -26.38 3.69 13.79
N PHE C 221 -25.32 3.13 13.20
CA PHE C 221 -24.53 2.08 13.85
C PHE C 221 -23.48 2.76 14.72
N THR C 222 -23.82 2.98 15.99
CA THR C 222 -22.99 3.77 16.88
C THR C 222 -21.93 2.89 17.55
N LEU C 223 -21.09 3.54 18.37
CA LEU C 223 -20.06 2.86 19.14
C LEU C 223 -19.80 3.66 20.40
N SER C 224 -19.09 3.05 21.34
CA SER C 224 -18.78 3.71 22.61
C SER C 224 -17.53 4.56 22.46
N GLU C 225 -17.55 5.75 23.07
CA GLU C 225 -16.35 6.59 23.05
C GLU C 225 -15.22 5.90 23.79
N GLY C 226 -15.42 5.61 25.07
CA GLY C 226 -14.40 4.92 25.83
C GLY C 226 -14.36 3.45 25.45
N VAL C 227 -13.17 2.87 25.50
CA VAL C 227 -13.02 1.45 25.19
C VAL C 227 -13.75 0.62 26.24
N PRO C 228 -14.56 -0.37 25.84
CA PRO C 228 -15.33 -1.14 26.81
C PRO C 228 -14.46 -2.13 27.58
N ASN C 229 -15.05 -2.70 28.61
CA ASN C 229 -14.38 -3.64 29.50
C ASN C 229 -14.86 -5.06 29.19
N PHE C 230 -13.92 -5.95 28.85
CA PHE C 230 -14.19 -7.37 28.68
C PHE C 230 -15.30 -7.60 27.64
N VAL C 231 -14.97 -7.25 26.39
CA VAL C 231 -15.89 -7.51 25.29
C VAL C 231 -16.12 -9.02 25.21
N GLN C 232 -17.34 -9.44 25.49
CA GLN C 232 -17.62 -10.86 25.61
C GLN C 232 -17.76 -11.51 24.25
N ARG C 233 -17.60 -12.83 24.23
CA ARG C 233 -17.79 -13.64 23.04
C ARG C 233 -18.99 -14.55 23.24
N PHE C 234 -19.56 -14.98 22.12
CA PHE C 234 -20.73 -15.83 22.18
C PHE C 234 -20.42 -17.09 22.98
N PRO C 235 -21.34 -17.56 23.84
CA PRO C 235 -22.70 -17.09 24.04
C PRO C 235 -22.85 -15.96 25.06
N ASN C 236 -21.75 -15.36 25.50
CA ASN C 236 -21.81 -14.26 26.46
C ASN C 236 -21.92 -12.94 25.71
N TRP C 237 -22.84 -12.09 26.16
CA TRP C 237 -23.07 -10.79 25.57
C TRP C 237 -22.49 -9.70 26.45
N SER C 238 -22.67 -8.46 26.03
CA SER C 238 -22.13 -7.31 26.75
C SER C 238 -22.99 -6.10 26.44
N ALA C 239 -23.71 -5.61 27.44
CA ALA C 239 -24.71 -4.57 27.24
C ALA C 239 -24.05 -3.20 27.01
N PHE C 240 -24.88 -2.25 26.56
CA PHE C 240 -24.47 -0.88 26.35
C PHE C 240 -25.66 0.01 26.66
N THR C 241 -25.38 1.29 26.88
CA THR C 241 -26.43 2.24 27.24
C THR C 241 -27.34 2.50 26.04
N THR C 242 -28.34 3.36 26.24
CA THR C 242 -29.26 3.70 25.16
C THR C 242 -28.51 4.33 24.00
N GLU C 243 -27.66 5.30 24.28
CA GLU C 243 -26.70 5.78 23.30
C GLU C 243 -25.44 4.95 23.40
N GLY C 244 -24.50 5.20 22.51
CA GLY C 244 -23.29 4.41 22.48
C GLY C 244 -22.33 4.74 23.60
N LYS C 245 -22.66 4.34 24.82
CA LYS C 245 -21.75 4.47 25.96
C LYS C 245 -21.74 3.18 26.74
N VAL C 246 -20.61 2.90 27.38
CA VAL C 246 -20.49 1.71 28.20
C VAL C 246 -21.50 1.78 29.35
N LEU C 247 -21.91 0.62 29.84
CA LEU C 247 -23.02 0.51 30.77
C LEU C 247 -22.53 -0.02 32.12
N ASN C 248 -22.99 0.63 33.19
CA ASN C 248 -22.89 0.10 34.54
C ASN C 248 -24.26 -0.37 35.00
N ASN C 249 -24.28 -1.14 36.08
CA ASN C 249 -25.54 -1.62 36.61
C ASN C 249 -26.42 -0.46 37.03
N GLY C 250 -27.69 -0.49 36.61
CA GLY C 250 -28.64 0.55 36.90
C GLY C 250 -28.88 1.51 35.76
N ASP C 251 -27.98 1.58 34.78
CA ASP C 251 -28.18 2.46 33.64
C ASP C 251 -29.21 1.88 32.69
N SER C 252 -29.69 2.72 31.78
CA SER C 252 -30.67 2.29 30.79
C SER C 252 -29.97 1.61 29.63
N PRO C 253 -30.31 0.36 29.30
CA PRO C 253 -29.63 -0.32 28.19
C PRO C 253 -30.32 -0.09 26.86
N GLY C 254 -29.49 0.06 25.83
CA GLY C 254 -29.97 0.29 24.48
C GLY C 254 -29.75 -0.88 23.55
N TYR C 255 -28.64 -1.57 23.69
CA TYR C 255 -28.36 -2.74 22.86
C TYR C 255 -27.30 -3.59 23.53
N ILE C 256 -27.31 -4.88 23.19
CA ILE C 256 -26.32 -5.82 23.68
C ILE C 256 -25.49 -6.29 22.49
N GLN C 257 -24.31 -6.82 22.78
CA GLN C 257 -23.32 -7.14 21.76
C GLN C 257 -22.54 -8.37 22.15
N SER C 258 -22.17 -9.17 21.15
CA SER C 258 -21.34 -10.34 21.38
C SER C 258 -20.65 -10.71 20.08
N PHE C 259 -19.33 -10.87 20.14
CA PHE C 259 -18.59 -11.36 18.99
C PHE C 259 -18.79 -12.86 18.85
N VAL C 260 -18.21 -13.44 17.79
CA VAL C 260 -18.28 -14.87 17.55
C VAL C 260 -16.85 -15.34 17.27
N TYR C 261 -16.28 -16.07 18.22
CA TYR C 261 -14.86 -16.39 18.24
C TYR C 261 -14.65 -17.83 17.79
N LEU C 262 -13.71 -18.02 16.87
CA LEU C 262 -13.35 -19.36 16.42
C LEU C 262 -12.02 -19.73 17.04
N PRO C 263 -11.97 -20.66 18.00
CA PRO C 263 -10.68 -20.96 18.66
C PRO C 263 -9.73 -21.73 17.78
N ASN C 264 -10.23 -22.62 16.92
CA ASN C 264 -9.35 -23.39 16.05
C ASN C 264 -8.59 -22.48 15.11
N VAL C 265 -9.24 -21.44 14.62
CA VAL C 265 -8.57 -20.48 13.76
C VAL C 265 -7.42 -19.81 14.52
N ASP C 266 -7.63 -19.48 15.79
CA ASP C 266 -6.57 -18.90 16.59
C ASP C 266 -5.40 -19.87 16.75
N LYS C 267 -5.71 -21.13 17.07
CA LYS C 267 -4.66 -22.12 17.27
C LYS C 267 -3.85 -22.32 15.99
N HIS C 268 -4.52 -22.37 14.84
CA HIS C 268 -3.81 -22.57 13.59
C HIS C 268 -3.01 -21.33 13.20
N LEU C 269 -3.58 -20.14 13.40
CA LEU C 269 -2.89 -18.91 13.03
C LEU C 269 -1.67 -18.67 13.90
N SER C 270 -1.67 -19.21 15.12
CA SER C 270 -0.48 -19.07 15.95
C SER C 270 0.70 -19.87 15.45
N ALA C 271 0.50 -20.75 14.46
CA ALA C 271 1.54 -21.66 14.01
C ALA C 271 1.60 -21.71 12.49
N ALA C 272 1.65 -20.53 11.85
CA ALA C 272 1.77 -20.47 10.40
C ALA C 272 2.60 -19.25 10.03
N ARG C 273 3.48 -19.42 9.03
CA ARG C 273 4.30 -18.31 8.57
C ARG C 273 3.45 -17.24 7.92
N GLY C 274 2.45 -17.64 7.15
CA GLY C 274 1.57 -16.72 6.47
C GLY C 274 0.23 -17.38 6.23
N PHE C 275 -0.71 -16.60 5.69
CA PHE C 275 -2.05 -17.09 5.44
C PHE C 275 -2.70 -16.20 4.39
N ARG C 276 -3.84 -16.68 3.88
CA ARG C 276 -4.68 -15.85 3.03
C ARG C 276 -6.09 -16.43 3.06
N LEU C 277 -7.07 -15.57 3.27
CA LEU C 277 -8.46 -16.03 3.38
C LEU C 277 -8.96 -16.41 1.99
N LEU C 278 -9.10 -17.72 1.75
CA LEU C 278 -9.57 -18.16 0.44
C LEU C 278 -11.04 -17.82 0.23
N SER C 279 -11.87 -18.11 1.22
CA SER C 279 -13.30 -17.82 1.05
C SER C 279 -13.97 -17.71 2.41
N ARG C 280 -15.15 -17.10 2.40
CA ARG C 280 -15.92 -16.93 3.64
C ARG C 280 -17.39 -16.82 3.28
N GLY C 281 -18.23 -17.48 4.07
CA GLY C 281 -19.65 -17.46 3.84
C GLY C 281 -20.47 -17.57 5.10
N LEU C 282 -21.48 -16.71 5.22
CA LEU C 282 -22.40 -16.70 6.33
C LEU C 282 -23.76 -17.20 5.88
N THR C 283 -24.51 -17.80 6.79
CA THR C 283 -25.85 -18.28 6.45
C THR C 283 -26.70 -18.25 7.71
N GLY C 284 -27.78 -17.48 7.67
CA GLY C 284 -28.70 -17.44 8.78
C GLY C 284 -30.05 -18.01 8.43
N ILE C 285 -30.44 -19.09 9.08
CA ILE C 285 -31.79 -19.64 8.95
C ILE C 285 -32.58 -19.14 10.13
N TYR C 286 -33.47 -18.19 9.88
CA TYR C 286 -34.30 -17.63 10.93
C TYR C 286 -35.50 -18.56 11.16
N THR C 287 -35.90 -18.70 12.41
CA THR C 287 -37.14 -19.42 12.69
C THR C 287 -37.71 -18.95 14.02
N ALA C 288 -39.00 -18.68 14.02
CA ALA C 288 -39.75 -18.18 15.15
C ALA C 288 -41.00 -19.03 15.30
N PRO C 289 -41.66 -19.00 16.45
CA PRO C 289 -42.86 -19.83 16.62
C PRO C 289 -43.89 -19.52 15.54
N SER C 290 -44.54 -20.57 15.07
CA SER C 290 -45.48 -20.44 13.96
C SER C 290 -46.60 -19.47 14.32
N LEU C 291 -47.02 -18.70 13.32
CA LEU C 291 -47.98 -17.58 13.36
C LEU C 291 -47.30 -16.29 13.81
N GLU C 292 -45.99 -16.29 14.08
CA GLU C 292 -45.22 -15.08 14.32
C GLU C 292 -44.03 -15.10 13.37
N THR C 293 -44.25 -14.61 12.15
CA THR C 293 -43.25 -14.68 11.09
C THR C 293 -42.89 -13.30 10.54
N GLN C 294 -43.20 -12.23 11.26
CA GLN C 294 -42.90 -10.89 10.76
C GLN C 294 -41.39 -10.64 10.83
N GLY C 295 -40.96 -9.66 10.04
CA GLY C 295 -39.57 -9.25 10.04
C GLY C 295 -39.06 -9.06 8.62
N PHE C 296 -38.12 -8.13 8.47
CA PHE C 296 -37.53 -7.87 7.17
C PHE C 296 -36.01 -7.93 7.30
N VAL C 297 -35.39 -8.66 6.39
CA VAL C 297 -33.95 -8.83 6.37
C VAL C 297 -33.39 -8.10 5.16
N THR C 298 -32.35 -7.31 5.40
CA THR C 298 -31.62 -6.63 4.33
C THR C 298 -30.12 -6.82 4.56
N ALA C 299 -29.44 -7.32 3.54
CA ALA C 299 -28.05 -7.68 3.65
C ALA C 299 -27.26 -7.03 2.53
N CYS C 300 -26.07 -6.56 2.85
CA CYS C 300 -25.23 -5.93 1.84
C CYS C 300 -23.78 -5.97 2.30
N GLN C 301 -22.87 -6.04 1.34
CA GLN C 301 -21.45 -6.05 1.62
C GLN C 301 -20.78 -4.97 0.79
N TYR C 302 -19.73 -4.38 1.35
CA TYR C 302 -19.03 -3.31 0.68
C TYR C 302 -17.61 -3.24 1.21
N LEU C 303 -16.69 -2.84 0.34
CA LEU C 303 -15.30 -2.73 0.74
C LEU C 303 -15.11 -1.58 1.72
N ALA C 304 -14.54 -1.89 2.88
CA ALA C 304 -14.16 -0.90 3.88
C ALA C 304 -12.69 -1.15 4.19
N GLU C 305 -11.81 -0.53 3.40
CA GLU C 305 -10.39 -0.88 3.40
C GLU C 305 -9.72 -0.16 4.56
N GLY C 306 -9.59 -0.89 5.67
CA GLY C 306 -8.86 -0.38 6.81
C GLY C 306 -7.36 -0.48 6.61
N ALA C 307 -6.63 0.19 7.50
CA ALA C 307 -5.17 0.19 7.42
C ALA C 307 -4.61 0.54 8.79
N LEU C 308 -3.31 0.29 8.95
CA LEU C 308 -2.65 0.60 10.21
C LEU C 308 -2.42 2.11 10.29
N GLN C 309 -3.07 2.75 11.25
CA GLN C 309 -2.91 4.18 11.48
C GLN C 309 -2.82 4.44 12.97
N THR C 310 -2.44 5.66 13.30
CA THR C 310 -2.33 6.11 14.69
C THR C 310 -3.18 7.35 14.87
N GLN C 311 -3.55 7.60 16.13
CA GLN C 311 -4.40 8.74 16.48
C GLN C 311 -3.57 9.79 17.20
N THR C 312 -3.73 11.04 16.78
CA THR C 312 -3.04 12.14 17.44
C THR C 312 -3.56 12.30 18.86
N VAL C 313 -2.64 12.42 19.82
CA VAL C 313 -2.99 12.55 21.23
C VAL C 313 -2.19 13.68 21.83
N GLY C 314 -2.88 14.59 22.53
CA GLY C 314 -2.23 15.64 23.29
C GLY C 314 -2.50 15.47 24.76
N ASN C 315 -1.46 15.63 25.58
CA ASN C 315 -1.57 15.36 27.00
C ASN C 315 -1.00 16.43 27.92
N ASP C 316 -0.13 17.32 27.43
CA ASP C 316 0.42 18.42 28.22
C ASP C 316 1.14 17.89 29.48
N PHE C 317 2.22 17.17 29.25
CA PHE C 317 3.00 16.62 30.34
C PHE C 317 4.24 17.46 30.60
N VAL C 318 4.64 17.54 31.86
CA VAL C 318 5.76 18.38 32.27
C VAL C 318 7.04 17.87 31.64
N GLN C 319 7.96 18.80 31.36
CA GLN C 319 9.16 18.51 30.60
C GLN C 319 10.43 18.57 31.42
N SER C 320 10.68 19.67 32.14
CA SER C 320 11.94 19.82 32.87
C SER C 320 11.74 20.73 34.06
N VAL C 321 12.03 20.21 35.25
CA VAL C 321 11.98 20.98 36.49
C VAL C 321 13.33 20.89 37.17
N GLU C 322 13.82 22.03 37.66
CA GLU C 322 15.10 22.10 38.34
C GLU C 322 14.87 22.40 39.81
N VAL C 323 15.67 21.78 40.68
CA VAL C 323 15.55 21.91 42.13
C VAL C 323 16.94 21.96 42.74
N ASN C 324 16.98 22.36 44.01
CA ASN C 324 18.19 22.38 44.83
C ASN C 324 17.90 21.78 46.20
N ALA C 325 17.27 20.60 46.19
CA ALA C 325 16.76 19.92 47.38
C ALA C 325 15.64 20.73 48.02
N ASP C 326 14.62 21.00 47.20
CA ASP C 326 13.36 21.59 47.64
C ASP C 326 13.54 23.01 48.19
N LYS C 327 14.22 23.85 47.40
CA LYS C 327 14.31 25.27 47.75
C LYS C 327 14.03 26.15 46.54
N THR C 328 14.29 25.64 45.33
CA THR C 328 14.07 26.40 44.09
C THR C 328 13.39 25.47 43.09
N VAL C 329 12.06 25.49 43.07
CA VAL C 329 11.28 24.69 42.14
C VAL C 329 10.47 25.65 41.26
N LYS C 330 11.04 26.84 41.02
CA LYS C 330 10.30 27.92 40.39
C LYS C 330 9.81 27.56 38.99
N ASN C 331 10.64 26.89 38.19
CA ASN C 331 10.28 26.54 36.82
C ASN C 331 9.94 25.06 36.74
N VAL C 332 8.79 24.77 36.12
CA VAL C 332 8.35 23.39 35.90
C VAL C 332 8.37 23.04 34.42
N ASN C 333 8.10 24.01 33.54
CA ASN C 333 8.29 23.90 32.10
C ASN C 333 7.35 22.88 31.46
N GLY C 334 6.16 22.70 32.00
CA GLY C 334 5.17 21.84 31.37
C GLY C 334 4.63 22.49 30.10
N LYS C 335 4.37 21.66 29.09
CA LYS C 335 3.86 22.17 27.83
C LYS C 335 3.02 21.10 27.14
N ARG C 336 2.14 21.55 26.26
CA ARG C 336 1.26 20.65 25.53
C ARG C 336 2.03 20.02 24.36
N LEU C 337 1.94 18.70 24.24
CA LEU C 337 2.64 17.98 23.19
C LEU C 337 1.65 17.07 22.46
N HIS C 338 1.69 17.12 21.13
CA HIS C 338 0.88 16.24 20.30
C HIS C 338 1.77 15.14 19.74
N TYR C 339 1.39 13.89 20.00
CA TYR C 339 2.15 12.75 19.53
C TYR C 339 1.22 11.73 18.90
N SER C 340 1.75 10.57 18.53
CA SER C 340 0.97 9.51 17.91
C SER C 340 0.64 8.46 18.95
N GLY C 341 -0.64 8.12 19.08
CA GLY C 341 -1.04 7.06 19.94
C GLY C 341 -0.57 5.72 19.40
N PRO C 342 -0.83 4.65 20.16
CA PRO C 342 -0.41 3.32 19.73
C PRO C 342 -1.01 2.97 18.39
N PRO C 343 -0.25 2.34 17.51
CA PRO C 343 -0.79 2.00 16.19
C PRO C 343 -1.90 0.98 16.28
N LYS C 344 -2.87 1.10 15.39
CA LYS C 344 -3.99 0.19 15.37
C LYS C 344 -4.56 0.12 13.97
N PHE C 345 -5.24 -1.00 13.68
CA PHE C 345 -5.86 -1.19 12.38
C PHE C 345 -7.24 -0.54 12.39
N VAL C 346 -7.41 0.50 11.58
CA VAL C 346 -8.62 1.29 11.55
C VAL C 346 -9.46 0.85 10.35
N PHE C 347 -10.75 0.65 10.59
CA PHE C 347 -11.72 0.33 9.55
C PHE C 347 -12.58 1.54 9.28
N PRO C 348 -12.63 2.03 8.05
CA PRO C 348 -13.57 3.11 7.72
C PRO C 348 -14.95 2.54 7.44
N LEU C 349 -15.87 2.73 8.38
CA LEU C 349 -17.28 2.44 8.15
C LEU C 349 -18.07 3.51 8.88
N GLU C 350 -18.89 4.24 8.14
CA GLU C 350 -19.45 5.48 8.64
C GLU C 350 -20.77 5.18 9.33
N GLY C 351 -20.95 5.77 10.51
CA GLY C 351 -22.02 5.34 11.39
C GLY C 351 -23.41 5.58 10.82
N ASP C 352 -23.66 6.77 10.26
CA ASP C 352 -24.99 7.10 9.78
C ASP C 352 -25.39 6.30 8.54
N ASN C 353 -24.44 5.68 7.86
CA ASN C 353 -24.70 5.00 6.59
C ASN C 353 -24.86 3.49 6.72
N CYS C 354 -24.85 2.94 7.92
CA CYS C 354 -25.10 1.52 8.07
C CYS C 354 -26.55 1.21 8.38
N ALA C 355 -27.43 2.21 8.40
CA ALA C 355 -28.84 1.97 8.58
C ALA C 355 -29.37 1.17 7.39
N PRO C 356 -30.39 0.34 7.60
CA PRO C 356 -30.87 -0.53 6.50
C PRO C 356 -31.32 0.24 5.27
N SER C 357 -32.01 1.36 5.45
CA SER C 357 -32.50 2.11 4.31
C SER C 357 -31.36 2.65 3.47
N SER C 358 -30.33 3.18 4.12
CA SER C 358 -29.20 3.75 3.38
C SER C 358 -28.52 2.68 2.53
N LEU C 359 -28.33 1.49 3.08
CA LEU C 359 -27.67 0.43 2.33
C LEU C 359 -28.56 -0.07 1.20
N VAL C 360 -29.84 -0.32 1.47
CA VAL C 360 -30.72 -0.86 0.43
C VAL C 360 -30.96 0.15 -0.68
N GLU C 361 -30.81 1.45 -0.39
CA GLU C 361 -31.03 2.48 -1.39
C GLU C 361 -29.75 2.91 -2.10
N THR C 362 -28.59 2.66 -1.50
CA THR C 362 -27.33 3.08 -2.11
C THR C 362 -26.74 1.99 -3.00
N TYR C 363 -26.90 0.73 -2.64
CA TYR C 363 -26.23 -0.36 -3.34
C TYR C 363 -27.24 -1.12 -4.19
N HIS C 364 -26.87 -1.35 -5.46
CA HIS C 364 -27.77 -2.05 -6.38
C HIS C 364 -28.07 -3.46 -5.89
N GLN C 365 -27.03 -4.21 -5.55
CA GLN C 365 -27.15 -5.63 -5.26
C GLN C 365 -27.48 -5.90 -3.81
N ALA C 366 -27.75 -4.87 -3.02
CA ALA C 366 -28.11 -5.07 -1.62
C ALA C 366 -29.37 -5.91 -1.53
N TYR C 367 -29.19 -7.17 -1.12
CA TYR C 367 -30.31 -8.10 -1.07
C TYR C 367 -31.29 -7.70 0.02
N GLN C 368 -32.57 -7.92 -0.24
CA GLN C 368 -33.58 -7.69 0.78
C GLN C 368 -34.71 -8.69 0.56
N ALA C 369 -35.27 -9.18 1.67
CA ALA C 369 -36.38 -10.12 1.59
C ALA C 369 -37.08 -10.16 2.94
N ARG C 370 -38.14 -10.97 3.00
CA ARG C 370 -38.79 -11.23 4.27
C ARG C 370 -37.87 -12.06 5.15
N ALA C 371 -37.99 -11.86 6.46
CA ALA C 371 -37.02 -12.46 7.38
C ALA C 371 -37.05 -13.98 7.33
N VAL C 372 -38.25 -14.56 7.20
CA VAL C 372 -38.39 -16.01 7.22
C VAL C 372 -37.59 -16.66 6.10
N ASP C 373 -37.31 -15.93 5.03
CA ASP C 373 -36.52 -16.48 3.94
C ASP C 373 -35.07 -16.73 4.33
N GLY C 374 -34.63 -16.23 5.48
CA GLY C 374 -33.26 -16.41 5.88
C GLY C 374 -32.34 -15.58 4.99
N PHE C 375 -31.05 -15.83 5.12
CA PHE C 375 -30.09 -15.16 4.26
C PHE C 375 -28.84 -16.01 4.12
N TYR C 376 -28.08 -15.73 3.08
CA TYR C 376 -26.84 -16.46 2.82
C TYR C 376 -25.91 -15.50 2.08
N MET C 377 -24.88 -15.04 2.77
CA MET C 377 -23.98 -14.05 2.21
C MET C 377 -22.61 -14.68 1.93
N PRO C 378 -22.22 -14.80 0.68
CA PRO C 378 -20.81 -15.11 0.40
C PRO C 378 -19.99 -13.83 0.37
N ILE C 379 -18.91 -13.76 1.13
CA ILE C 379 -18.08 -12.56 1.16
C ILE C 379 -17.13 -12.60 -0.02
N LEU C 380 -17.19 -11.56 -0.85
CA LEU C 380 -16.37 -11.46 -2.05
C LEU C 380 -15.15 -10.60 -1.77
N SER C 381 -14.01 -11.00 -2.34
CA SER C 381 -12.83 -10.17 -2.28
C SER C 381 -13.02 -8.94 -3.15
N SER C 382 -12.14 -7.96 -2.97
CA SER C 382 -12.20 -6.72 -3.70
C SER C 382 -11.00 -6.47 -4.58
N SER C 383 -10.06 -7.40 -4.67
CA SER C 383 -8.82 -7.19 -5.40
C SER C 383 -8.55 -8.36 -6.34
N ARG C 384 -7.69 -8.07 -7.32
CA ARG C 384 -7.30 -9.09 -8.29
C ARG C 384 -6.49 -10.20 -7.63
N ASP C 385 -5.45 -9.83 -6.88
CA ASP C 385 -4.56 -10.81 -6.27
C ASP C 385 -4.97 -11.12 -4.84
N ASN C 386 -4.19 -11.98 -4.19
CA ASN C 386 -4.44 -12.38 -2.80
C ASN C 386 -3.13 -12.84 -2.19
N PRO C 387 -2.24 -11.91 -1.86
CA PRO C 387 -0.94 -12.27 -1.33
C PRO C 387 -1.04 -12.85 0.06
N PHE C 388 -0.02 -13.63 0.43
CA PHE C 388 0.06 -14.14 1.79
C PHE C 388 0.34 -13.01 2.77
N ILE C 389 -0.24 -13.12 3.97
CA ILE C 389 0.01 -12.18 5.06
C ILE C 389 0.55 -12.98 6.24
N SER C 390 1.67 -12.54 6.78
CA SER C 390 2.16 -13.14 8.02
C SER C 390 1.21 -12.80 9.16
N PRO C 391 1.04 -13.70 10.13
CA PRO C 391 0.07 -13.44 11.22
C PRO C 391 0.46 -12.22 12.04
N LYS C 392 -0.34 -11.16 11.89
CA LYS C 392 -0.04 -9.85 12.47
C LYS C 392 -1.27 -9.41 13.27
N PRO C 393 -1.30 -9.68 14.56
CA PRO C 393 -2.46 -9.25 15.36
C PRO C 393 -2.23 -7.89 16.02
N GLN C 394 -3.17 -6.97 15.83
CA GLN C 394 -3.15 -5.67 16.46
C GLN C 394 -4.58 -5.27 16.78
N PRO C 395 -4.77 -4.37 17.74
CA PRO C 395 -6.14 -3.96 18.09
C PRO C 395 -6.86 -3.33 16.91
N ILE C 396 -8.17 -3.53 16.87
CA ILE C 396 -9.02 -3.07 15.79
C ILE C 396 -9.81 -1.85 16.26
N ALA C 397 -9.90 -0.84 15.40
CA ALA C 397 -10.66 0.36 15.66
C ALA C 397 -11.52 0.68 14.44
N VAL C 398 -12.49 1.57 14.64
CA VAL C 398 -13.42 1.99 13.61
C VAL C 398 -13.46 3.51 13.56
N PHE C 399 -13.47 4.06 12.35
CA PHE C 399 -13.49 5.49 12.14
C PHE C 399 -14.90 5.96 11.82
N ASN C 400 -15.27 7.10 12.39
CA ASN C 400 -16.52 7.79 12.11
C ASN C 400 -16.22 9.24 11.73
N ARG C 401 -17.25 9.96 11.30
CA ARG C 401 -17.06 11.31 10.79
C ARG C 401 -16.36 12.20 11.81
N TRP C 402 -15.45 13.04 11.33
CA TRP C 402 -14.69 13.90 12.22
C TRP C 402 -15.60 14.99 12.77
N TYR C 403 -15.11 15.71 13.78
CA TYR C 403 -15.91 16.69 14.48
C TYR C 403 -15.42 18.12 14.28
N TYR C 404 -14.12 18.36 14.45
CA TYR C 404 -13.55 19.69 14.36
C TYR C 404 -12.99 19.92 12.96
N ARG C 405 -13.34 21.05 12.35
CA ARG C 405 -12.82 21.37 11.02
C ARG C 405 -11.31 21.53 11.06
N GLY C 406 -10.79 22.24 12.05
CA GLY C 406 -9.35 22.35 12.23
C GLY C 406 -8.69 23.08 11.08
N CYS C 407 -7.72 22.40 10.45
CA CYS C 407 -6.82 23.05 9.50
C CYS C 407 -7.46 23.38 8.17
N LEU C 408 -8.71 22.96 7.93
CA LEU C 408 -9.35 23.24 6.65
C LEU C 408 -9.44 24.75 6.41
N ASP C 409 -9.85 25.49 7.42
CA ASP C 409 -9.78 26.94 7.40
C ASP C 409 -8.42 27.40 7.89
N PRO C 410 -8.00 28.61 7.55
CA PRO C 410 -6.73 29.12 8.07
C PRO C 410 -6.70 29.11 9.59
N VAL C 411 -5.62 28.59 10.15
CA VAL C 411 -5.49 28.41 11.60
C VAL C 411 -4.10 28.84 12.04
N PRO C 412 -3.95 29.20 13.31
CA PRO C 412 -2.63 29.56 13.82
C PRO C 412 -1.65 28.39 13.77
N ALA C 413 -0.38 28.75 13.94
CA ALA C 413 0.69 27.75 13.85
C ALA C 413 0.58 26.70 14.96
N SER C 414 0.27 27.14 16.18
CA SER C 414 0.31 26.23 17.33
C SER C 414 -0.73 25.12 17.23
N LYS C 415 -1.89 25.40 16.62
CA LYS C 415 -3.00 24.46 16.62
C LYS C 415 -3.10 23.64 15.34
N VAL C 416 -2.04 23.62 14.52
CA VAL C 416 -2.04 22.76 13.34
C VAL C 416 -2.00 21.30 13.74
N ALA C 417 -1.35 20.98 14.88
CA ALA C 417 -1.21 19.59 15.29
C ALA C 417 -2.57 18.95 15.57
N ASP C 418 -3.48 19.71 16.19
CA ASP C 418 -4.84 19.21 16.40
C ASP C 418 -5.50 18.88 15.07
N GLY C 419 -5.48 19.83 14.13
CA GLY C 419 -6.06 19.62 12.83
C GLY C 419 -7.52 19.25 12.91
N PRO C 420 -7.99 18.45 11.97
CA PRO C 420 -9.36 17.92 12.04
C PRO C 420 -9.46 16.82 13.10
N SER C 421 -10.17 17.13 14.18
CA SER C 421 -10.29 16.21 15.30
C SER C 421 -11.12 15.01 14.87
N GLN C 422 -10.44 13.91 14.57
CA GLN C 422 -11.06 12.69 14.11
C GLN C 422 -10.81 11.59 15.13
N TYR C 423 -11.88 10.95 15.58
CA TYR C 423 -11.83 10.07 16.74
C TYR C 423 -12.02 8.63 16.27
N TYR C 424 -11.17 7.74 16.75
CA TYR C 424 -11.23 6.31 16.45
C TYR C 424 -11.82 5.55 17.63
N TYR C 425 -12.83 4.73 17.36
CA TYR C 425 -13.47 3.95 18.41
C TYR C 425 -12.81 2.58 18.51
N ASP C 426 -12.55 2.15 19.75
CA ASP C 426 -12.06 0.80 19.97
C ASP C 426 -13.18 -0.22 19.87
N LEU C 427 -12.83 -1.42 19.38
CA LEU C 427 -13.65 -2.60 19.56
C LEU C 427 -13.12 -3.50 20.67
N ASN C 428 -11.97 -3.15 21.25
CA ASN C 428 -11.34 -3.91 22.33
C ASN C 428 -11.06 -5.35 21.92
N VAL C 429 -10.82 -5.58 20.64
CA VAL C 429 -10.48 -6.89 20.12
C VAL C 429 -9.24 -6.76 19.24
N ALA C 430 -8.51 -7.86 19.09
CA ALA C 430 -7.35 -7.92 18.21
C ALA C 430 -7.48 -9.14 17.31
N ASP C 431 -7.12 -8.97 16.04
CA ASP C 431 -7.24 -10.08 15.10
C ASP C 431 -6.29 -9.86 13.94
N ASP C 432 -5.91 -10.97 13.30
CA ASP C 432 -5.13 -10.92 12.07
C ASP C 432 -6.08 -10.53 10.95
N VAL C 433 -6.38 -9.23 10.88
CA VAL C 433 -7.30 -8.74 9.88
C VAL C 433 -6.75 -9.00 8.49
N ALA C 434 -7.62 -9.42 7.57
CA ALA C 434 -7.25 -9.67 6.18
C ALA C 434 -8.03 -8.69 5.31
N PRO C 435 -7.43 -7.56 4.94
CA PRO C 435 -8.15 -6.58 4.11
C PRO C 435 -8.37 -7.11 2.71
N LEU C 436 -8.93 -6.26 1.83
CA LEU C 436 -9.32 -6.56 0.46
C LEU C 436 -10.57 -7.41 0.39
N TYR C 437 -11.12 -7.85 1.52
CA TYR C 437 -12.40 -8.54 1.55
C TYR C 437 -13.49 -7.59 2.00
N ASN C 438 -14.66 -7.69 1.37
CA ASN C 438 -15.76 -6.79 1.67
C ASN C 438 -16.25 -7.01 3.09
N THR C 439 -16.53 -5.91 3.78
CA THR C 439 -17.22 -5.98 5.06
C THR C 439 -18.70 -6.19 4.80
N GLY C 440 -19.26 -7.22 5.39
CA GLY C 440 -20.66 -7.52 5.23
C GLY C 440 -21.48 -7.01 6.40
N VAL C 441 -22.77 -6.81 6.16
CA VAL C 441 -23.66 -6.33 7.20
C VAL C 441 -25.08 -6.76 6.88
N VAL C 442 -25.76 -7.30 7.88
CA VAL C 442 -27.12 -7.84 7.73
C VAL C 442 -27.97 -7.23 8.84
N TRP C 443 -29.14 -6.71 8.46
CA TRP C 443 -30.09 -6.17 9.42
C TRP C 443 -31.36 -7.00 9.32
N MET C 444 -31.97 -7.27 10.47
CA MET C 444 -33.23 -8.00 10.53
C MET C 444 -34.10 -7.24 11.52
N GLU C 445 -35.03 -6.44 11.01
CA GLU C 445 -35.87 -5.64 11.87
C GLU C 445 -37.25 -6.26 12.01
N GLY C 446 -37.87 -6.03 13.17
CA GLY C 446 -39.21 -6.52 13.38
C GLY C 446 -39.30 -7.99 13.73
N ILE C 447 -38.17 -8.69 13.82
CA ILE C 447 -38.21 -10.11 14.14
C ILE C 447 -38.79 -10.31 15.52
N SER C 448 -39.38 -11.49 15.74
CA SER C 448 -40.02 -11.77 17.01
C SER C 448 -39.00 -11.78 18.14
N SER C 449 -39.49 -11.49 19.35
CA SER C 449 -38.59 -11.34 20.49
C SER C 449 -37.91 -12.68 20.82
N LYS C 450 -38.67 -13.77 20.85
CA LYS C 450 -38.12 -15.09 21.15
C LYS C 450 -37.87 -15.90 19.88
N PHE C 451 -37.37 -15.21 18.85
CA PHE C 451 -36.87 -15.83 17.66
C PHE C 451 -35.71 -16.79 17.98
N SER C 452 -35.28 -17.50 16.94
CA SER C 452 -34.04 -18.28 17.01
C SER C 452 -33.40 -18.25 15.63
N LEU C 453 -32.18 -17.72 15.57
CA LEU C 453 -31.43 -17.62 14.33
C LEU C 453 -30.35 -18.69 14.34
N LYS C 454 -30.48 -19.67 13.46
CA LYS C 454 -29.53 -20.76 13.36
C LYS C 454 -28.49 -20.36 12.33
N LEU C 455 -27.30 -19.97 12.80
CA LEU C 455 -26.30 -19.32 11.95
C LEU C 455 -25.13 -20.27 11.72
N LYS C 456 -24.83 -20.54 10.47
CA LYS C 456 -23.63 -21.30 10.11
C LYS C 456 -22.67 -20.42 9.32
N THR C 457 -21.39 -20.77 9.44
CA THR C 457 -20.31 -20.01 8.83
C THR C 457 -19.27 -20.98 8.31
N ARG C 458 -18.82 -20.75 7.08
CA ARG C 458 -17.75 -21.55 6.49
C ARG C 458 -16.64 -20.63 6.04
N THR C 459 -15.44 -20.87 6.56
CA THR C 459 -14.28 -20.04 6.26
C THR C 459 -13.14 -20.94 5.79
N VAL C 460 -12.61 -20.66 4.61
CA VAL C 460 -11.54 -21.46 4.02
C VAL C 460 -10.29 -20.61 3.96
N ILE C 461 -9.22 -21.07 4.61
CA ILE C 461 -7.97 -20.33 4.75
C ILE C 461 -6.82 -21.23 4.32
N GLN C 462 -5.87 -20.66 3.59
CA GLN C 462 -4.68 -21.37 3.14
C GLN C 462 -3.49 -20.89 3.94
N TYR C 463 -2.81 -21.81 4.62
CA TYR C 463 -1.67 -21.51 5.47
C TYR C 463 -0.38 -21.99 4.81
N ILE C 464 0.71 -21.35 5.23
CA ILE C 464 2.06 -21.88 4.97
C ILE C 464 2.59 -22.35 6.31
N PRO C 465 2.58 -23.65 6.57
CA PRO C 465 2.86 -24.13 7.93
C PRO C 465 4.28 -23.87 8.37
N THR C 466 4.45 -23.70 9.67
CA THR C 466 5.77 -23.73 10.29
C THR C 466 6.07 -25.16 10.69
N SER C 467 7.19 -25.69 10.18
CA SER C 467 7.53 -27.08 10.46
C SER C 467 7.67 -27.30 11.96
N GLY C 468 7.13 -28.43 12.43
CA GLY C 468 7.03 -28.69 13.85
C GLY C 468 5.66 -28.38 14.41
N SER C 469 4.80 -27.69 13.68
CA SER C 469 3.43 -27.48 14.09
C SER C 469 2.52 -28.58 13.55
N VAL C 470 1.28 -28.58 14.02
CA VAL C 470 0.32 -29.57 13.54
C VAL C 470 0.01 -29.34 12.07
N LEU C 471 0.03 -28.09 11.63
CA LEU C 471 -0.28 -27.77 10.25
C LEU C 471 0.66 -28.48 9.28
N ALA C 472 1.87 -28.79 9.73
CA ALA C 472 2.84 -29.46 8.87
C ALA C 472 2.44 -30.89 8.54
N ASN C 473 1.54 -31.51 9.30
CA ASN C 473 1.20 -32.89 9.04
C ASN C 473 0.10 -33.06 7.99
N PHE C 474 -0.55 -31.97 7.56
CA PHE C 474 -1.65 -32.03 6.63
C PHE C 474 -1.35 -31.25 5.35
N THR C 475 -0.08 -31.13 4.98
CA THR C 475 0.32 -30.26 3.90
C THR C 475 0.09 -30.90 2.53
N ARG C 476 0.19 -30.07 1.49
CA ARG C 476 -0.16 -30.46 0.14
C ARG C 476 0.73 -29.68 -0.84
N HIS C 477 1.37 -30.38 -1.77
CA HIS C 477 2.31 -29.77 -2.69
C HIS C 477 1.99 -30.08 -4.15
N GLU C 478 0.77 -29.83 -4.60
CA GLU C 478 0.49 -29.71 -6.04
C GLU C 478 -0.17 -28.35 -6.29
N PRO C 479 0.60 -27.27 -6.15
CA PRO C 479 0.06 -25.94 -6.49
C PRO C 479 -0.17 -25.82 -7.98
N THR C 480 -1.14 -24.97 -8.34
CA THR C 480 -1.52 -24.77 -9.72
C THR C 480 -1.61 -23.29 -10.04
N TYR C 481 -1.54 -22.97 -11.33
CA TYR C 481 -1.69 -21.61 -11.81
C TYR C 481 -2.70 -21.60 -12.94
N ASP C 482 -3.71 -20.73 -12.81
CA ASP C 482 -4.68 -20.55 -13.89
C ASP C 482 -5.21 -19.13 -13.75
N GLN C 483 -4.65 -18.21 -14.53
CA GLN C 483 -4.98 -16.81 -14.27
C GLN C 483 -6.22 -16.37 -15.02
N VAL C 484 -6.70 -17.17 -15.98
CA VAL C 484 -7.97 -16.85 -16.61
C VAL C 484 -9.09 -17.01 -15.61
N ALA C 485 -8.95 -17.95 -14.66
CA ALA C 485 -9.89 -18.03 -13.55
C ALA C 485 -9.85 -16.76 -12.71
N LEU C 486 -8.65 -16.21 -12.48
CA LEU C 486 -8.55 -14.96 -11.75
C LEU C 486 -9.19 -13.81 -12.51
N ASP C 487 -9.00 -13.77 -13.83
CA ASP C 487 -9.66 -12.75 -14.63
C ASP C 487 -11.17 -12.89 -14.57
N ALA C 488 -11.66 -14.13 -14.58
CA ALA C 488 -13.10 -14.36 -14.44
C ALA C 488 -13.60 -13.89 -13.08
N ALA C 489 -12.81 -14.13 -12.03
CA ALA C 489 -13.19 -13.64 -10.70
C ALA C 489 -13.24 -12.12 -10.69
N ASP C 490 -12.30 -11.47 -11.36
CA ASP C 490 -12.34 -10.02 -11.49
C ASP C 490 -13.59 -9.57 -12.24
N ARG C 491 -13.92 -10.28 -13.32
CA ARG C 491 -15.13 -10.00 -14.09
C ARG C 491 -16.39 -10.07 -13.24
N ILE C 492 -16.59 -11.18 -12.53
CA ILE C 492 -17.91 -11.53 -12.02
C ILE C 492 -18.23 -10.82 -10.71
N ARG C 493 -17.22 -10.22 -10.06
CA ARG C 493 -17.44 -9.64 -8.73
C ARG C 493 -18.53 -8.58 -8.75
N ASN C 494 -18.56 -7.74 -9.78
CA ASN C 494 -19.55 -6.67 -9.83
C ASN C 494 -20.95 -7.22 -10.08
N MET C 495 -21.08 -8.25 -10.91
CA MET C 495 -22.38 -8.70 -11.35
C MET C 495 -23.09 -9.60 -10.35
N MET C 496 -22.37 -10.16 -9.39
CA MET C 496 -23.02 -11.05 -8.43
C MET C 496 -23.83 -10.26 -7.42
N PRO C 497 -25.00 -10.75 -7.02
CA PRO C 497 -25.75 -10.10 -5.95
C PRO C 497 -25.07 -10.31 -4.61
N HIS C 498 -25.41 -9.43 -3.66
CA HIS C 498 -24.69 -9.42 -2.40
C HIS C 498 -25.13 -10.53 -1.46
N ALA C 499 -26.33 -11.07 -1.63
CA ALA C 499 -26.80 -12.15 -0.77
C ALA C 499 -27.92 -12.90 -1.48
N TYR C 500 -28.26 -14.05 -0.92
CA TYR C 500 -29.27 -14.94 -1.47
C TYR C 500 -30.14 -15.44 -0.32
N PRO C 501 -31.32 -15.95 -0.61
CA PRO C 501 -32.11 -16.62 0.43
C PRO C 501 -31.36 -17.83 0.96
N ALA C 502 -31.66 -18.18 2.21
CA ALA C 502 -30.92 -19.25 2.87
C ALA C 502 -31.07 -20.57 2.13
N ALA C 503 -32.27 -20.89 1.67
CA ALA C 503 -32.50 -22.15 0.98
C ALA C 503 -31.83 -22.22 -0.38
N TYR C 504 -31.37 -21.09 -0.91
CA TYR C 504 -30.79 -21.05 -2.26
C TYR C 504 -29.29 -21.28 -2.16
N ASN C 505 -28.94 -22.50 -1.74
CA ASN C 505 -27.55 -22.94 -1.70
C ASN C 505 -27.17 -23.77 -2.93
N ASP C 506 -28.07 -23.90 -3.89
CA ASP C 506 -27.83 -24.65 -5.12
C ASP C 506 -28.02 -23.73 -6.32
N TRP C 507 -27.04 -23.71 -7.21
CA TRP C 507 -27.08 -22.92 -8.43
C TRP C 507 -27.11 -23.81 -9.65
N GLY C 508 -27.59 -23.24 -10.76
CA GLY C 508 -27.54 -23.89 -12.05
C GLY C 508 -26.72 -23.18 -13.11
N TRP C 509 -26.04 -22.09 -12.78
CA TRP C 509 -25.37 -21.28 -13.79
C TRP C 509 -23.95 -20.91 -13.38
N LEU C 510 -23.16 -21.88 -12.90
CA LEU C 510 -21.75 -21.62 -12.68
C LEU C 510 -20.88 -22.08 -13.85
N GLY C 511 -20.98 -23.35 -14.24
CA GLY C 511 -20.10 -23.89 -15.25
C GLY C 511 -20.17 -23.22 -16.61
N ASP C 512 -21.28 -22.56 -16.92
CA ASP C 512 -21.46 -21.90 -18.20
C ASP C 512 -21.37 -20.38 -18.11
N LEU C 513 -21.70 -19.78 -16.96
CA LEU C 513 -21.53 -18.34 -16.81
C LEU C 513 -20.07 -17.95 -16.98
N LEU C 514 -19.16 -18.75 -16.45
CA LEU C 514 -17.74 -18.54 -16.71
C LEU C 514 -17.45 -18.62 -18.21
N ASP C 515 -18.11 -19.55 -18.91
CA ASP C 515 -17.97 -19.61 -20.36
C ASP C 515 -18.52 -18.36 -21.03
N SER C 516 -19.66 -17.86 -20.53
CA SER C 516 -20.23 -16.64 -21.10
C SER C 516 -19.27 -15.47 -20.94
N THR C 517 -18.61 -15.38 -19.78
CA THR C 517 -17.54 -14.40 -19.61
C THR C 517 -16.41 -14.66 -20.61
N LEU C 518 -16.05 -15.94 -20.78
CA LEU C 518 -14.99 -16.31 -21.72
C LEU C 518 -15.29 -15.82 -23.12
N SER C 519 -16.58 -15.72 -23.48
CA SER C 519 -16.95 -15.40 -24.85
C SER C 519 -16.29 -14.11 -25.32
N MET C 520 -16.58 -12.99 -24.66
CA MET C 520 -15.86 -11.75 -24.90
C MET C 520 -14.89 -11.42 -23.77
N LEU C 521 -14.24 -12.42 -23.20
CA LEU C 521 -13.07 -12.14 -22.39
C LEU C 521 -11.99 -11.57 -23.30
N PRO C 522 -11.52 -10.35 -23.05
CA PRO C 522 -10.59 -9.71 -23.97
C PRO C 522 -9.26 -10.44 -24.11
N GLY C 523 -8.94 -11.35 -23.18
CA GLY C 523 -7.74 -12.15 -23.34
C GLY C 523 -7.76 -12.97 -24.62
N ILE C 524 -8.93 -13.46 -25.01
CA ILE C 524 -9.14 -14.18 -26.26
C ILE C 524 -9.91 -13.28 -27.20
N GLY C 525 -9.36 -13.06 -28.40
CA GLY C 525 -10.02 -12.19 -29.35
C GLY C 525 -11.39 -12.71 -29.77
N THR C 526 -11.49 -14.01 -30.03
CA THR C 526 -12.76 -14.65 -30.37
C THR C 526 -12.74 -16.04 -29.73
N ALA C 527 -13.46 -16.18 -28.62
CA ALA C 527 -13.49 -17.45 -27.90
C ALA C 527 -14.45 -18.46 -28.49
N TYR C 528 -15.31 -18.05 -29.43
CA TYR C 528 -16.25 -18.97 -30.08
C TYR C 528 -17.06 -19.75 -29.05
N ARG C 529 -17.56 -19.06 -28.05
CA ARG C 529 -18.30 -19.70 -26.97
C ARG C 529 -19.80 -19.65 -27.25
N PHE C 530 -20.47 -20.77 -26.99
CA PHE C 530 -21.90 -20.93 -27.27
C PHE C 530 -22.72 -21.11 -26.00
N ALA C 531 -22.16 -20.77 -24.84
CA ALA C 531 -22.82 -21.06 -23.57
C ALA C 531 -24.15 -20.34 -23.44
N LYS C 532 -24.13 -19.00 -23.38
CA LYS C 532 -25.32 -18.20 -23.17
C LYS C 532 -25.03 -16.73 -23.46
N PRO C 533 -25.96 -16.00 -24.07
CA PRO C 533 -25.84 -14.54 -24.11
C PRO C 533 -26.36 -13.91 -22.83
N LEU C 534 -25.62 -12.93 -22.33
CA LEU C 534 -25.93 -12.33 -21.04
C LEU C 534 -27.27 -11.62 -21.08
N ILE C 535 -28.05 -11.81 -20.01
CA ILE C 535 -29.38 -11.22 -19.87
C ILE C 535 -29.44 -10.47 -18.54
N LYS C 536 -30.05 -9.30 -18.56
CA LYS C 536 -30.15 -8.48 -17.35
C LYS C 536 -31.04 -9.18 -16.32
N PRO C 537 -30.55 -9.43 -15.11
CA PRO C 537 -31.38 -10.08 -14.09
C PRO C 537 -32.14 -9.09 -13.22
N ALA C 538 -33.26 -9.56 -12.69
CA ALA C 538 -34.11 -8.76 -11.80
C ALA C 538 -34.53 -9.66 -10.63
N TRP C 539 -33.85 -9.53 -9.51
CA TRP C 539 -34.07 -10.39 -8.34
C TRP C 539 -35.07 -9.70 -7.43
N ASN C 540 -36.33 -10.11 -7.53
CA ASN C 540 -37.38 -9.61 -6.64
C ASN C 540 -37.61 -10.62 -5.49
N TRP C 541 -36.62 -10.66 -4.60
CA TRP C 541 -36.62 -11.67 -3.55
C TRP C 541 -37.74 -11.45 -2.53
N LEU C 542 -38.21 -10.20 -2.38
CA LEU C 542 -39.30 -9.95 -1.44
C LEU C 542 -40.58 -10.65 -1.86
N GLY C 543 -40.89 -10.60 -3.16
CA GLY C 543 -42.10 -11.23 -3.66
C GLY C 543 -42.16 -11.12 -5.17
N GLY C 544 -43.11 -11.85 -5.75
CA GLY C 544 -43.26 -11.87 -7.17
C GLY C 544 -42.24 -12.76 -7.86
N LYS C 545 -42.22 -12.67 -9.18
CA LYS C 545 -41.29 -13.46 -9.98
C LYS C 545 -39.87 -12.95 -9.81
N VAL C 546 -38.92 -13.88 -9.84
CA VAL C 546 -37.50 -13.58 -9.76
C VAL C 546 -36.83 -14.07 -11.03
N SER C 547 -36.07 -13.19 -11.68
CA SER C 547 -35.37 -13.51 -12.92
C SER C 547 -33.88 -13.66 -12.63
N ASP C 548 -33.30 -14.77 -13.07
CA ASP C 548 -31.88 -15.03 -12.87
C ASP C 548 -31.09 -14.34 -13.99
N PHE C 549 -29.81 -14.70 -14.10
CA PHE C 549 -28.95 -14.11 -15.13
C PHE C 549 -29.36 -14.48 -16.54
N PHE C 550 -30.23 -15.48 -16.71
CA PHE C 550 -30.65 -15.94 -18.03
C PHE C 550 -32.16 -15.94 -18.21
N GLY C 551 -32.91 -15.36 -17.27
CA GLY C 551 -34.34 -15.27 -17.39
C GLY C 551 -35.12 -16.49 -16.97
N ASN C 552 -34.45 -17.55 -16.53
CA ASN C 552 -35.14 -18.76 -16.10
C ASN C 552 -35.66 -18.58 -14.68
N PRO C 553 -36.96 -18.74 -14.44
CA PRO C 553 -37.48 -18.58 -13.07
C PRO C 553 -36.94 -19.66 -12.14
N VAL C 554 -36.79 -19.29 -10.88
CA VAL C 554 -36.31 -20.20 -9.84
C VAL C 554 -37.49 -20.96 -9.26
N SER C 555 -37.29 -22.25 -8.99
CA SER C 555 -38.35 -23.10 -8.46
C SER C 555 -38.34 -23.02 -6.94
N ARG C 556 -38.96 -21.96 -6.43
CA ARG C 556 -39.13 -21.77 -5.00
C ARG C 556 -40.60 -21.93 -4.64
N ASP C 557 -40.86 -22.82 -3.69
CA ASP C 557 -42.22 -23.14 -3.26
C ASP C 557 -42.13 -23.91 -1.96
N GLY C 558 -43.27 -24.43 -1.49
CA GLY C 558 -43.32 -25.20 -0.26
C GLY C 558 -44.66 -25.86 -0.03
#